data_1EN8
# 
_entry.id   1EN8 
# 
_audit_conform.dict_name       mmcif_pdbx.dic 
_audit_conform.dict_version    5.389 
_audit_conform.dict_location   http://mmcif.pdb.org/dictionaries/ascii/mmcif_pdbx.dic 
# 
loop_
_database_2.database_id 
_database_2.database_code 
_database_2.pdbx_database_accession 
_database_2.pdbx_DOI 
PDB   1EN8         pdb_00001en8 10.2210/pdb1en8/pdb 
NDB   BD0034       ?            ?                   
RCSB  RCSB010743   ?            ?                   
WWPDB D_1000010743 ?            ?                   
# 
loop_
_pdbx_audit_revision_history.ordinal 
_pdbx_audit_revision_history.data_content_type 
_pdbx_audit_revision_history.major_revision 
_pdbx_audit_revision_history.minor_revision 
_pdbx_audit_revision_history.revision_date 
1 'Structure model' 1 0 2000-09-25 
2 'Structure model' 1 1 2008-04-27 
3 'Structure model' 1 2 2011-07-13 
4 'Structure model' 1 3 2024-02-07 
5 'Structure model' 1 4 2024-04-03 
# 
_pdbx_audit_revision_details.ordinal             1 
_pdbx_audit_revision_details.revision_ordinal    1 
_pdbx_audit_revision_details.data_content_type   'Structure model' 
_pdbx_audit_revision_details.provider            repository 
_pdbx_audit_revision_details.type                'Initial release' 
_pdbx_audit_revision_details.description         ? 
_pdbx_audit_revision_details.details             ? 
# 
loop_
_pdbx_audit_revision_group.ordinal 
_pdbx_audit_revision_group.revision_ordinal 
_pdbx_audit_revision_group.data_content_type 
_pdbx_audit_revision_group.group 
1 2 'Structure model' 'Version format compliance' 
2 3 'Structure model' 'Version format compliance' 
3 4 'Structure model' 'Data collection'           
4 4 'Structure model' 'Database references'       
5 4 'Structure model' 'Derived calculations'      
6 5 'Structure model' 'Refinement description'    
# 
loop_
_pdbx_audit_revision_category.ordinal 
_pdbx_audit_revision_category.revision_ordinal 
_pdbx_audit_revision_category.data_content_type 
_pdbx_audit_revision_category.category 
1 4 'Structure model' chem_comp_atom                
2 4 'Structure model' chem_comp_bond                
3 4 'Structure model' database_2                    
4 4 'Structure model' pdbx_struct_conn_angle        
5 4 'Structure model' struct_conn                   
6 4 'Structure model' struct_site                   
7 5 'Structure model' pdbx_initial_refinement_model 
# 
loop_
_pdbx_audit_revision_item.ordinal 
_pdbx_audit_revision_item.revision_ordinal 
_pdbx_audit_revision_item.data_content_type 
_pdbx_audit_revision_item.item 
1  4 'Structure model' '_database_2.pdbx_DOI'                        
2  4 'Structure model' '_database_2.pdbx_database_accession'         
3  4 'Structure model' '_pdbx_struct_conn_angle.ptnr1_auth_comp_id'  
4  4 'Structure model' '_pdbx_struct_conn_angle.ptnr1_auth_seq_id'   
5  4 'Structure model' '_pdbx_struct_conn_angle.ptnr1_label_alt_id'  
6  4 'Structure model' '_pdbx_struct_conn_angle.ptnr1_label_asym_id' 
7  4 'Structure model' '_pdbx_struct_conn_angle.ptnr1_label_atom_id' 
8  4 'Structure model' '_pdbx_struct_conn_angle.ptnr1_label_comp_id' 
9  4 'Structure model' '_pdbx_struct_conn_angle.ptnr1_label_seq_id'  
10 4 'Structure model' '_pdbx_struct_conn_angle.ptnr1_symmetry'      
11 4 'Structure model' '_pdbx_struct_conn_angle.ptnr2_auth_seq_id'   
12 4 'Structure model' '_pdbx_struct_conn_angle.ptnr2_label_alt_id'  
13 4 'Structure model' '_pdbx_struct_conn_angle.ptnr2_label_asym_id' 
14 4 'Structure model' '_pdbx_struct_conn_angle.ptnr3_auth_comp_id'  
15 4 'Structure model' '_pdbx_struct_conn_angle.ptnr3_auth_seq_id'   
16 4 'Structure model' '_pdbx_struct_conn_angle.ptnr3_label_alt_id'  
17 4 'Structure model' '_pdbx_struct_conn_angle.ptnr3_label_asym_id' 
18 4 'Structure model' '_pdbx_struct_conn_angle.ptnr3_label_atom_id' 
19 4 'Structure model' '_pdbx_struct_conn_angle.ptnr3_label_comp_id' 
20 4 'Structure model' '_pdbx_struct_conn_angle.ptnr3_label_seq_id'  
21 4 'Structure model' '_pdbx_struct_conn_angle.ptnr3_symmetry'      
22 4 'Structure model' '_pdbx_struct_conn_angle.value'               
23 4 'Structure model' '_struct_conn.pdbx_dist_value'                
24 4 'Structure model' '_struct_conn.pdbx_ptnr1_label_alt_id'        
25 4 'Structure model' '_struct_conn.pdbx_ptnr2_label_alt_id'        
26 4 'Structure model' '_struct_conn.ptnr1_auth_comp_id'             
27 4 'Structure model' '_struct_conn.ptnr1_auth_seq_id'              
28 4 'Structure model' '_struct_conn.ptnr1_label_asym_id'            
29 4 'Structure model' '_struct_conn.ptnr1_label_atom_id'            
30 4 'Structure model' '_struct_conn.ptnr1_label_comp_id'            
31 4 'Structure model' '_struct_conn.ptnr1_label_seq_id'             
32 4 'Structure model' '_struct_conn.ptnr2_auth_comp_id'             
33 4 'Structure model' '_struct_conn.ptnr2_auth_seq_id'              
34 4 'Structure model' '_struct_conn.ptnr2_label_asym_id'            
35 4 'Structure model' '_struct_conn.ptnr2_label_atom_id'            
36 4 'Structure model' '_struct_conn.ptnr2_label_comp_id'            
37 4 'Structure model' '_struct_conn.ptnr2_label_seq_id'             
38 4 'Structure model' '_struct_conn.ptnr2_symmetry'                 
39 4 'Structure model' '_struct_site.pdbx_auth_asym_id'              
40 4 'Structure model' '_struct_site.pdbx_auth_comp_id'              
41 4 'Structure model' '_struct_site.pdbx_auth_seq_id'               
# 
_pdbx_database_status.entry_id                        1EN8 
_pdbx_database_status.status_code                     REL 
_pdbx_database_status.recvd_initial_deposition_date   2000-03-20 
_pdbx_database_status.deposit_site                    NDB 
_pdbx_database_status.process_site                    NDB 
_pdbx_database_status.status_code_sf                  REL 
_pdbx_database_status.SG_entry                        . 
_pdbx_database_status.pdb_format_compatible           Y 
_pdbx_database_status.status_code_mr                  ? 
_pdbx_database_status.status_code_cs                  ? 
_pdbx_database_status.status_code_nmr_data            ? 
_pdbx_database_status.methods_development_category    ? 
# 
loop_
_pdbx_database_related.db_name 
_pdbx_database_related.db_id 
_pdbx_database_related.details 
_pdbx_database_related.content_type 
NDB BD0033 . unspecified 
NDB BD0035 . unspecified 
NDB BD0036 . unspecified 
# 
loop_
_audit_author.name 
_audit_author.pdbx_ordinal 
'Chiu, T.K.'      1 
'Dickerson, R.E.' 2 
# 
loop_
_citation.id 
_citation.title 
_citation.journal_abbrev 
_citation.journal_volume 
_citation.page_first 
_citation.page_last 
_citation.year 
_citation.journal_id_ASTM 
_citation.country 
_citation.journal_id_ISSN 
_citation.journal_id_CSD 
_citation.book_publisher 
_citation.pdbx_database_id_PubMed 
_citation.pdbx_database_id_DOI 
primary 
'1 A crystal structures of B-DNA reveal sequence-specific binding and groove-specific bending of DNA by magnesium and calcium.' 
J.Mol.Biol. 301 915 945 2000 JMOBAK UK 0022-2836 0070 ? 10966796 10.1006/jmbi.2000.4012 
1       'Absence of minor groove monovalent cations in the crosslinked dodecamer CGCGAATTCGCG.' J.Mol.Biol. 292 589 608 1999 
JMOBAK UK 0022-2836 0070 ? ?        10.1006/jmbi.1999.3075 
# 
loop_
_citation_author.citation_id 
_citation_author.name 
_citation_author.ordinal 
_citation_author.identifier_ORCID 
primary 'Chiu, T.K.'             1 ? 
primary 'Dickerson, R.E.'        2 ? 
1       'Chiu, T.K.'             3 ? 
1       'Kaczor-Grzeskowiak, M.' 4 ? 
1       'Dickerson, R.E.'        5 ? 
# 
loop_
_entity.id 
_entity.type 
_entity.src_method 
_entity.pdbx_description 
_entity.formula_weight 
_entity.pdbx_number_of_molecules 
_entity.pdbx_ec 
_entity.pdbx_mutation 
_entity.pdbx_fragment 
_entity.details 
1 polymer     syn 
;DNA (5'-D(*CP*CP*AP*AP*CP*GP*TP*TP*GP*G)-3')
;
3045.004 1  ? ? ? ? 
2 non-polymer syn 'CALCIUM ION'                                  40.078   4  ? ? ? ? 
3 non-polymer syn ETHANOL                                        46.068   4  ? ? ? ? 
4 water       nat water                                          18.015   80 ? ? ? ? 
# 
_entity_poly.entity_id                      1 
_entity_poly.type                           polydeoxyribonucleotide 
_entity_poly.nstd_linkage                   no 
_entity_poly.nstd_monomer                   no 
_entity_poly.pdbx_seq_one_letter_code       '(DC)(DC)(DA)(DA)(DC)(DG)(DT)(DT)(DG)(DG)' 
_entity_poly.pdbx_seq_one_letter_code_can   CCAACGTTGG 
_entity_poly.pdbx_strand_id                 A 
_entity_poly.pdbx_target_identifier         ? 
# 
loop_
_pdbx_entity_nonpoly.entity_id 
_pdbx_entity_nonpoly.name 
_pdbx_entity_nonpoly.comp_id 
2 'CALCIUM ION' CA  
3 ETHANOL       EOH 
4 water         HOH 
# 
loop_
_entity_poly_seq.entity_id 
_entity_poly_seq.num 
_entity_poly_seq.mon_id 
_entity_poly_seq.hetero 
1 1  DC n 
1 2  DC n 
1 3  DA n 
1 4  DA n 
1 5  DC n 
1 6  DG n 
1 7  DT n 
1 8  DT n 
1 9  DG n 
1 10 DG n 
# 
loop_
_chem_comp.id 
_chem_comp.type 
_chem_comp.mon_nstd_flag 
_chem_comp.name 
_chem_comp.pdbx_synonyms 
_chem_comp.formula 
_chem_comp.formula_weight 
CA  non-polymer   . 'CALCIUM ION'                        ? 'Ca 2'            40.078  
DA  'DNA linking' y "2'-DEOXYADENOSINE-5'-MONOPHOSPHATE" ? 'C10 H14 N5 O6 P' 331.222 
DC  'DNA linking' y "2'-DEOXYCYTIDINE-5'-MONOPHOSPHATE"  ? 'C9 H14 N3 O7 P'  307.197 
DG  'DNA linking' y "2'-DEOXYGUANOSINE-5'-MONOPHOSPHATE" ? 'C10 H14 N5 O7 P' 347.221 
DT  'DNA linking' y "THYMIDINE-5'-MONOPHOSPHATE"         ? 'C10 H15 N2 O8 P' 322.208 
EOH non-polymer   . ETHANOL                              ? 'C2 H6 O'         46.068  
HOH non-polymer   . WATER                                ? 'H2 O'            18.015  
# 
loop_
_pdbx_poly_seq_scheme.asym_id 
_pdbx_poly_seq_scheme.entity_id 
_pdbx_poly_seq_scheme.seq_id 
_pdbx_poly_seq_scheme.mon_id 
_pdbx_poly_seq_scheme.ndb_seq_num 
_pdbx_poly_seq_scheme.pdb_seq_num 
_pdbx_poly_seq_scheme.auth_seq_num 
_pdbx_poly_seq_scheme.pdb_mon_id 
_pdbx_poly_seq_scheme.auth_mon_id 
_pdbx_poly_seq_scheme.pdb_strand_id 
_pdbx_poly_seq_scheme.pdb_ins_code 
_pdbx_poly_seq_scheme.hetero 
A 1 1  DC 1  1  1  DC C A . n 
A 1 2  DC 2  2  2  DC C A . n 
A 1 3  DA 3  3  3  DA A A . n 
A 1 4  DA 4  4  4  DA A A . n 
A 1 5  DC 5  5  5  DC C A . n 
A 1 6  DG 6  6  6  DG G A . n 
A 1 7  DT 7  7  7  DT T A . n 
A 1 8  DT 8  8  8  DT T A . n 
A 1 9  DG 9  9  9  DG G A . n 
A 1 10 DG 10 10 10 DG G A . n 
# 
loop_
_pdbx_nonpoly_scheme.asym_id 
_pdbx_nonpoly_scheme.entity_id 
_pdbx_nonpoly_scheme.mon_id 
_pdbx_nonpoly_scheme.ndb_seq_num 
_pdbx_nonpoly_scheme.pdb_seq_num 
_pdbx_nonpoly_scheme.auth_seq_num 
_pdbx_nonpoly_scheme.pdb_mon_id 
_pdbx_nonpoly_scheme.auth_mon_id 
_pdbx_nonpoly_scheme.pdb_strand_id 
_pdbx_nonpoly_scheme.pdb_ins_code 
B 2 CA  1  111  111  CA  543 A . 
C 2 CA  1  112  112  CA  OC7 A . 
D 2 CA  1  113  113  CA  OC5 A . 
E 2 CA  1  114  114  CA  OC4 A . 
F 3 EOH 1  115  111  EOH 543 A . 
G 3 EOH 1  228  228  EOH EOH A . 
H 3 EOH 1  231  231  EOH EOH A . 
I 3 EOH 1  207  207  EOH EOH A . 
J 4 HOH 1  199  199  HOH HOH A . 
J 4 HOH 2  200  200  HOH HOH A . 
J 4 HOH 3  201  201  HOH HOH A . 
J 4 HOH 4  202  202  HOH HOH A . 
J 4 HOH 5  203  203  HOH HOH A . 
J 4 HOH 6  204  204  HOH HOH A . 
J 4 HOH 7  205  205  HOH HOH A . 
J 4 HOH 8  209  209  HOH HOH A . 
J 4 HOH 9  210  210  HOH HOH A . 
J 4 HOH 10 211  211  HOH HOH A . 
J 4 HOH 11 212  212  HOH HOH A . 
J 4 HOH 12 213  213  HOH HOH A . 
J 4 HOH 13 214  214  HOH HOH A . 
J 4 HOH 14 215  215  HOH HOH A . 
J 4 HOH 15 216  216  HOH HOH A . 
J 4 HOH 16 217  217  HOH HOH A . 
J 4 HOH 17 218  218  HOH HOH A . 
J 4 HOH 18 219  219  HOH HOH A . 
J 4 HOH 19 220  220  HOH HOH A . 
J 4 HOH 20 221  221  HOH HOH A . 
J 4 HOH 21 222  222  HOH HOH A . 
J 4 HOH 22 223  223  HOH HOH A . 
J 4 HOH 23 224  224  HOH HOH A . 
J 4 HOH 24 225  225  HOH HOH A . 
J 4 HOH 25 226  226  HOH HOH A . 
J 4 HOH 26 227  227  HOH HOH A . 
J 4 HOH 27 229  229  HOH HOH A . 
J 4 HOH 28 230  230  HOH HOH A . 
J 4 HOH 29 234  234  HOH HOH A . 
J 4 HOH 30 235  235  HOH HOH A . 
J 4 HOH 31 236  236  HOH HOH A . 
J 4 HOH 32 237  237  HOH HOH A . 
J 4 HOH 33 238  238  HOH HOH A . 
J 4 HOH 34 239  239  HOH HOH A . 
J 4 HOH 35 240  240  HOH HOH A . 
J 4 HOH 36 241  241  HOH HOH A . 
J 4 HOH 37 244  244  HOH HOH A . 
J 4 HOH 38 245  245  HOH HOH A . 
J 4 HOH 39 246  246  HOH HOH A . 
J 4 HOH 40 248  248  HOH HOH A . 
J 4 HOH 41 250  250  HOH HOH A . 
J 4 HOH 42 252  252  HOH HOH A . 
J 4 HOH 43 255  255  HOH HOH A . 
J 4 HOH 44 258  258  HOH HOH A . 
J 4 HOH 45 261  261  HOH HOH A . 
J 4 HOH 46 262  262  HOH HOH A . 
J 4 HOH 47 263  263  HOH HOH A . 
J 4 HOH 48 264  264  HOH HOH A . 
J 4 HOH 49 266  266  HOH HOH A . 
J 4 HOH 50 269  269  HOH HOH A . 
J 4 HOH 51 1022 1022 HOH HOH A . 
J 4 HOH 52 1029 1029 HOH HOH A . 
J 4 HOH 53 1042 1042 HOH HOH A . 
J 4 HOH 54 1045 1045 HOH HOH A . 
J 4 HOH 55 1046 1046 HOH HOH A . 
J 4 HOH 56 1051 1051 HOH HOH A . 
J 4 HOH 57 1052 1052 HOH HOH A . 
J 4 HOH 58 1058 1058 HOH HOH A . 
J 4 HOH 59 1059 111  HOH 543 A . 
J 4 HOH 60 1060 111  HOH 543 A . 
J 4 HOH 61 1061 111  HOH 543 A . 
J 4 HOH 62 1062 111  HOH 543 A . 
J 4 HOH 63 1063 111  HOH 543 A . 
J 4 HOH 64 1064 111  HOH 543 A . 
J 4 HOH 65 1065 112  HOH OC7 A . 
J 4 HOH 66 1066 112  HOH OC7 A . 
J 4 HOH 67 1067 112  HOH OC7 A . 
J 4 HOH 68 1068 112  HOH OC7 A . 
J 4 HOH 69 1069 112  HOH OC7 A . 
J 4 HOH 70 1070 112  HOH OC7 A . 
J 4 HOH 71 1071 112  HOH OC7 A . 
J 4 HOH 72 1072 113  HOH OC5 A . 
J 4 HOH 73 1073 113  HOH OC5 A . 
J 4 HOH 74 1074 113  HOH OC5 A . 
J 4 HOH 75 1075 113  HOH OC5 A . 
J 4 HOH 76 1076 113  HOH OC5 A . 
J 4 HOH 77 1077 114  HOH OC4 A . 
J 4 HOH 78 1078 114  HOH OC4 A . 
J 4 HOH 79 1079 114  HOH OC4 A . 
J 4 HOH 80 1080 114  HOH OC4 A . 
# 
loop_
_software.name 
_software.classification 
_software.version 
_software.citation_id 
_software.pdbx_ordinal 
X-PLOR    'model building' . ? 1 
SHELXL-97 refinement       . ? 2 
DENZO     'data reduction' . ? 3 
SCALEPACK 'data scaling'   . ? 4 
X-PLOR    phasing          . ? 5 
# 
_cell.entry_id           1EN8 
_cell.length_a           31.847 
_cell.length_b           25.100 
_cell.length_c           34.144 
_cell.angle_alpha        90.00 
_cell.angle_beta         114.87 
_cell.angle_gamma        90.00 
_cell.Z_PDB              4 
_cell.pdbx_unique_axis   ? 
# 
_symmetry.entry_id                         1EN8 
_symmetry.space_group_name_H-M             'C 1 2 1' 
_symmetry.pdbx_full_space_group_name_H-M   ? 
_symmetry.cell_setting                     monoclinic 
_symmetry.Int_Tables_number                5 
# 
_exptl.entry_id          1EN8 
_exptl.method            'X-RAY DIFFRACTION' 
_exptl.crystals_number   1 
# 
_exptl_crystal.id                    1 
_exptl_crystal.density_meas          ? 
_exptl_crystal.density_percent_sol   36.96 
_exptl_crystal.density_Matthews      2.02 
_exptl_crystal.description           ? 
# 
_exptl_crystal_grow.crystal_id      1 
_exptl_crystal_grow.method          'VAPOR DIFFUSION, SITTING DROP' 
_exptl_crystal_grow.pH              ? 
_exptl_crystal_grow.temp            275.0 
_exptl_crystal_grow.temp_details    ? 
_exptl_crystal_grow.pdbx_details    
;initial concentration in droplet: 0.24 mM dna, 8.57 mM calcium acetate, 
0.11 mM streptonigrin, 10-15% MPD, 45% final MPD concentration in reservoir.
Solutions were unbuffered, VAPOR DIFFUSION, SITTING DROP, temperature 275.0K
;
_exptl_crystal_grow.pdbx_pH_range   ? 
# 
loop_
_exptl_crystal_grow_comp.crystal_id 
_exptl_crystal_grow_comp.id 
_exptl_crystal_grow_comp.sol_id 
_exptl_crystal_grow_comp.name 
_exptl_crystal_grow_comp.conc 
_exptl_crystal_grow_comp.volume 
_exptl_crystal_grow_comp.details 
1 1 1 'calcium acetate' ? ? ? 
1 2 1 streptonigrin     ? ? ? 
1 3 1 MPD               ? ? ? 
1 4 2 MPD               ? ? ? 
# 
_diffrn.id                     1 
_diffrn.ambient_temp           100 
_diffrn.ambient_temp_details   ? 
_diffrn.crystal_id             1 
# 
_diffrn_detector.diffrn_id              1 
_diffrn_detector.detector               'IMAGE PLATE' 
_diffrn_detector.type                   MARRESEARCH 
_diffrn_detector.pdbx_collection_date   1998-11-19 
_diffrn_detector.details                ? 
# 
_diffrn_radiation.diffrn_id                        1 
_diffrn_radiation.wavelength_id                    1 
_diffrn_radiation.monochromator                    ? 
_diffrn_radiation.pdbx_monochromatic_or_laue_m_l   M 
_diffrn_radiation.pdbx_diffrn_protocol             'SINGLE WAVELENGTH' 
_diffrn_radiation.pdbx_scattering_type             x-ray 
# 
_diffrn_radiation_wavelength.id           1 
_diffrn_radiation_wavelength.wavelength   0.9500 
_diffrn_radiation_wavelength.wt           1.0 
# 
_diffrn_source.diffrn_id                   1 
_diffrn_source.source                      SYNCHROTRON 
_diffrn_source.type                        'NSLS BEAMLINE X8C' 
_diffrn_source.pdbx_wavelength             0.9500 
_diffrn_source.pdbx_synchrotron_site       NSLS 
_diffrn_source.pdbx_synchrotron_beamline   X8C 
_diffrn_source.pdbx_wavelength_list        ? 
# 
_reflns.entry_id                     1EN8 
_reflns.observed_criterion_sigma_I   -1.0 
_reflns.observed_criterion_sigma_F   ? 
_reflns.d_resolution_low             8.0 
_reflns.d_resolution_high            0.985 
_reflns.number_obs                   13619 
_reflns.number_all                   13619 
_reflns.percent_possible_obs         97.5 
_reflns.pdbx_Rmerge_I_obs            0.0440000 
_reflns.pdbx_Rsym_value              ? 
_reflns.pdbx_netI_over_sigmaI        25.0 
_reflns.B_iso_Wilson_estimate        5.54 
_reflns.pdbx_redundancy              5.56 
_reflns.R_free_details               ? 
_reflns.pdbx_diffrn_id               1 
_reflns.pdbx_ordinal                 1 
# 
_reflns_shell.d_res_high             0.985 
_reflns_shell.d_res_low              1.016 
_reflns_shell.percent_possible_obs   ? 
_reflns_shell.percent_possible_all   94.9 
_reflns_shell.Rmerge_I_obs           0.1040000 
_reflns_shell.meanI_over_sigI_obs    9.1 
_reflns_shell.pdbx_Rsym_value        ? 
_reflns_shell.pdbx_redundancy        ? 
_reflns_shell.number_unique_all      1322 
_reflns_shell.pdbx_diffrn_id         ? 
_reflns_shell.pdbx_ordinal           1 
# 
_refine.entry_id                                 1EN8 
_refine.ls_number_reflns_obs                     13619 
_refine.ls_number_reflns_all                     13619 
_refine.pdbx_ls_sigma_I                          0 
_refine.pdbx_ls_sigma_F                          0 
_refine.pdbx_data_cutoff_high_absF               ? 
_refine.pdbx_data_cutoff_low_absF                ? 
_refine.ls_d_res_low                             8.0 
_refine.ls_d_res_high                            0.985 
_refine.ls_percent_reflns_obs                    97.5 
_refine.ls_R_factor_obs                          ? 
_refine.ls_R_factor_all                          ? 
_refine.ls_R_factor_R_work                       0.1183000 
_refine.ls_R_factor_R_free                       0.1405000 
_refine.ls_R_factor_R_free_error                 ? 
_refine.ls_R_factor_R_free_error_details         ? 
_refine.ls_percent_reflns_R_free                 5 
_refine.ls_number_reflns_R_free                  676 
_refine.ls_number_parameters                     19026 
_refine.ls_number_restraints                     5407 
_refine.occupancy_min                            ? 
_refine.occupancy_max                            ? 
_refine.B_iso_mean                               ? 
_refine.aniso_B[1][1]                            ? 
_refine.aniso_B[2][2]                            ? 
_refine.aniso_B[3][3]                            ? 
_refine.aniso_B[1][2]                            ? 
_refine.aniso_B[1][3]                            ? 
_refine.aniso_B[2][3]                            ? 
_refine.solvent_model_details                    'swat 0.70325 0.7673' 
_refine.solvent_model_param_ksol                 ? 
_refine.solvent_model_param_bsol                 ? 
_refine.pdbx_ls_cross_valid_method               THROUGHOUT 
_refine.details                                  
;REFINEMENT STARTED IN X-PLOR 3.843 WITH DNA MODEL FROM BDJ019.  AFTER
ALL DATA HAS BEEN ADDED AND REFINED BY SIMULATED ANNEALING IN X-PLOR
3.843, REFINEMENT CONTINUED BY CONJUGATE GRADIENT LEAST-SQUARES IN
SHELXL-97. THE TOP 50 MOST DISAGREEABLE REFLECTIONS WERE REJECTED
TOWARDS THE LATTER STAGES OF REFINEMENT BUT THESE ARE STILL INCLUDED
IN THE RELEASED DATA.
;
_refine.pdbx_starting_model                      BDJ019 
_refine.pdbx_method_to_determine_struct          'MOLECULAR REPLACEMENT' 
_refine.pdbx_isotropic_thermal_model             ? 
_refine.pdbx_stereochemistry_target_values       'Parkinson et al.' 
_refine.pdbx_stereochem_target_val_spec_case     ? 
_refine.pdbx_R_Free_selection_details            random 
_refine.pdbx_overall_ESU_R_Free                  ? 
_refine.overall_SU_B                             ? 
_refine.ls_redundancy_reflns_obs                 ? 
_refine.overall_SU_ML                            ? 
_refine.pdbx_overall_ESU_R                       ? 
_refine.pdbx_data_cutoff_high_rms_absF           ? 
_refine.pdbx_refine_id                           'X-RAY DIFFRACTION' 
_refine.pdbx_diffrn_id                           1 
_refine.pdbx_TLS_residual_ADP_flag               ? 
_refine.correlation_coeff_Fo_to_Fc               ? 
_refine.correlation_coeff_Fo_to_Fc_free          ? 
_refine.pdbx_solvent_vdw_probe_radii             ? 
_refine.pdbx_solvent_ion_probe_radii             ? 
_refine.pdbx_solvent_shrinkage_radii             ? 
_refine.pdbx_overall_phase_error                 ? 
_refine.overall_SU_R_Cruickshank_DPI             ? 
_refine.pdbx_overall_SU_R_free_Cruickshank_DPI   ? 
_refine.pdbx_overall_SU_R_Blow_DPI               ? 
_refine.pdbx_overall_SU_R_free_Blow_DPI          ? 
# 
_refine_analyze.entry_id                        1EN8 
_refine_analyze.Luzzati_coordinate_error_obs    ? 
_refine_analyze.Luzzati_sigma_a_obs             ? 
_refine_analyze.Luzzati_d_res_low_obs           ? 
_refine_analyze.Luzzati_coordinate_error_free   ? 
_refine_analyze.Luzzati_sigma_a_free            ? 
_refine_analyze.Luzzati_d_res_low_free          ? 
_refine_analyze.number_disordered_residues      22 
_refine_analyze.occupancy_sum_hydrogen          113 
_refine_analyze.occupancy_sum_non_hydrogen      270.8 
_refine_analyze.pdbx_refine_id                  'X-RAY DIFFRACTION' 
# 
_refine_hist.pdbx_refine_id                   'X-RAY DIFFRACTION' 
_refine_hist.cycle_id                         LAST 
_refine_hist.pdbx_number_atoms_protein        0 
_refine_hist.pdbx_number_atoms_nucleic_acid   417 
_refine_hist.pdbx_number_atoms_ligand         29 
_refine_hist.number_atoms_solvent             80 
_refine_hist.number_atoms_total               526 
_refine_hist.d_res_high                       0.985 
_refine_hist.d_res_low                        8.0 
# 
loop_
_refine_ls_restr.type 
_refine_ls_restr.dev_ideal 
_refine_ls_restr.dev_ideal_target 
_refine_ls_restr.weight 
_refine_ls_restr.number 
_refine_ls_restr.pdbx_refine_id 
_refine_ls_restr.pdbx_restraint_function 
s_bond_d               0.022 ? ? ? 'X-RAY DIFFRACTION' ? 
s_angle_d              0.046 ? ? ? 'X-RAY DIFFRACTION' ? 
s_anti_bump_dis_restr  0.060 ? ? ? 'X-RAY DIFFRACTION' ? 
s_rigid_bond_adp_cmpnt 0.008 ? ? ? 'X-RAY DIFFRACTION' ? 
s_similar_adp_cmpnt    0.019 ? ? ? 'X-RAY DIFFRACTION' ? 
s_approx_iso_adps      0.063 ? ? ? 'X-RAY DIFFRACTION' ? 
# 
_pdbx_refine.entry_id                                    1EN8 
_pdbx_refine.R_factor_all_no_cutoff                      ? 
_pdbx_refine.R_factor_obs_no_cutoff                      ? 
_pdbx_refine.free_R_factor_no_cutoff                     ? 
_pdbx_refine.free_R_val_test_set_size_perc_no_cutoff     ? 
_pdbx_refine.free_R_val_test_set_ct_no_cutoff            ? 
_pdbx_refine.R_factor_all_4sig_cutoff                    ? 
_pdbx_refine.R_factor_obs_4sig_cutoff                    0.1170000 
_pdbx_refine.free_R_factor_4sig_cutoff                   0.1390000 
_pdbx_refine.free_R_val_test_set_size_perc_4sig_cutoff   5 
_pdbx_refine.free_R_val_test_set_ct_4sig_cutoff          662 
_pdbx_refine.number_reflns_obs_4sig_cutoff               13185 
_pdbx_refine.number_reflns_obs_no_cutoff                 ? 
_pdbx_refine.pdbx_refine_id                              'X-RAY DIFFRACTION' 
_pdbx_refine.free_R_error_no_cutoff                      ? 
# 
_struct.entry_id                  1EN8 
_struct.title                     
'1 A CRYSTAL STRUCTURES OF B-DNA REVEAL SEQUENCE-SPECIFIC BINDING AND GROOVE-SPECIFIC BENDING OF DNA BY MAGNESIUM AND CALCIUM' 
_struct.pdbx_model_details        ? 
_struct.pdbx_CASP_flag            ? 
_struct.pdbx_model_type_details   ? 
# 
_struct_keywords.entry_id        1EN8 
_struct_keywords.pdbx_keywords   DNA 
_struct_keywords.text            'divalent cations, DNA sequence-specific binding, shelxdna, B-DNA, DNA' 
# 
loop_
_struct_asym.id 
_struct_asym.pdbx_blank_PDB_chainid_flag 
_struct_asym.pdbx_modified 
_struct_asym.entity_id 
_struct_asym.details 
A N N 1 ? 
B N N 2 ? 
C N N 2 ? 
D N N 2 ? 
E N N 2 ? 
F N N 3 ? 
G N N 3 ? 
H N N 3 ? 
I N N 3 ? 
J N N 4 ? 
# 
_struct_ref.id                         1 
_struct_ref.entity_id                  1 
_struct_ref.db_name                    PDB 
_struct_ref.db_code                    1EN8 
_struct_ref.pdbx_db_accession          1EN8 
_struct_ref.pdbx_db_isoform            ? 
_struct_ref.pdbx_seq_one_letter_code   ? 
_struct_ref.pdbx_align_begin           ? 
# 
_struct_ref_seq.align_id                      1 
_struct_ref_seq.ref_id                        1 
_struct_ref_seq.pdbx_PDB_id_code              1EN8 
_struct_ref_seq.pdbx_strand_id                A 
_struct_ref_seq.seq_align_beg                 1 
_struct_ref_seq.pdbx_seq_align_beg_ins_code   ? 
_struct_ref_seq.seq_align_end                 10 
_struct_ref_seq.pdbx_seq_align_end_ins_code   ? 
_struct_ref_seq.pdbx_db_accession             1EN8 
_struct_ref_seq.db_align_beg                  1 
_struct_ref_seq.pdbx_db_align_beg_ins_code    ? 
_struct_ref_seq.db_align_end                  10 
_struct_ref_seq.pdbx_db_align_end_ins_code    ? 
_struct_ref_seq.pdbx_auth_seq_align_beg       1 
_struct_ref_seq.pdbx_auth_seq_align_end       10 
# 
_pdbx_struct_assembly.id                   1 
_pdbx_struct_assembly.details              author_defined_assembly 
_pdbx_struct_assembly.method_details       ? 
_pdbx_struct_assembly.oligomeric_details   dimeric 
_pdbx_struct_assembly.oligomeric_count     2 
# 
_pdbx_struct_assembly_gen.assembly_id       1 
_pdbx_struct_assembly_gen.oper_expression   1,2 
_pdbx_struct_assembly_gen.asym_id_list      A,B,C,D,E,F,G,H,I,J 
# 
loop_
_pdbx_struct_oper_list.id 
_pdbx_struct_oper_list.type 
_pdbx_struct_oper_list.name 
_pdbx_struct_oper_list.symmetry_operation 
_pdbx_struct_oper_list.matrix[1][1] 
_pdbx_struct_oper_list.matrix[1][2] 
_pdbx_struct_oper_list.matrix[1][3] 
_pdbx_struct_oper_list.vector[1] 
_pdbx_struct_oper_list.matrix[2][1] 
_pdbx_struct_oper_list.matrix[2][2] 
_pdbx_struct_oper_list.matrix[2][3] 
_pdbx_struct_oper_list.vector[2] 
_pdbx_struct_oper_list.matrix[3][1] 
_pdbx_struct_oper_list.matrix[3][2] 
_pdbx_struct_oper_list.matrix[3][3] 
_pdbx_struct_oper_list.vector[3] 
1 'identity operation'         1_555 x,y,z       1.0000000000  0.0000000000  0.0000000000 0.0000000000 0.0000000000  1.0000000000  0.0000000000  0.0000000000  0.0000000000 0.0000000000  1.0000000000  0.0000000000  
2 'crystal symmetry operation' 2_656 -x+1,y,-z+1 -0.5210280056 -0.6838542182 0.5107575018 0.2044696053 -0.6838542182 -0.0236243514 -0.7292361060 -0.4640971110 0.5107575018 -0.7292361060 -0.4553476430 -0.8131255639 
# 
_struct_biol.id   1 
# 
loop_
_struct_conn.id 
_struct_conn.conn_type_id 
_struct_conn.pdbx_leaving_atom_flag 
_struct_conn.pdbx_PDB_id 
_struct_conn.ptnr1_label_asym_id 
_struct_conn.ptnr1_label_comp_id 
_struct_conn.ptnr1_label_seq_id 
_struct_conn.ptnr1_label_atom_id 
_struct_conn.pdbx_ptnr1_label_alt_id 
_struct_conn.pdbx_ptnr1_PDB_ins_code 
_struct_conn.pdbx_ptnr1_standard_comp_id 
_struct_conn.ptnr1_symmetry 
_struct_conn.ptnr2_label_asym_id 
_struct_conn.ptnr2_label_comp_id 
_struct_conn.ptnr2_label_seq_id 
_struct_conn.ptnr2_label_atom_id 
_struct_conn.pdbx_ptnr2_label_alt_id 
_struct_conn.pdbx_ptnr2_PDB_ins_code 
_struct_conn.ptnr1_auth_asym_id 
_struct_conn.ptnr1_auth_comp_id 
_struct_conn.ptnr1_auth_seq_id 
_struct_conn.ptnr2_auth_asym_id 
_struct_conn.ptnr2_auth_comp_id 
_struct_conn.ptnr2_auth_seq_id 
_struct_conn.ptnr2_symmetry 
_struct_conn.pdbx_ptnr3_label_atom_id 
_struct_conn.pdbx_ptnr3_label_seq_id 
_struct_conn.pdbx_ptnr3_label_comp_id 
_struct_conn.pdbx_ptnr3_label_asym_id 
_struct_conn.pdbx_ptnr3_label_alt_id 
_struct_conn.pdbx_ptnr3_PDB_ins_code 
_struct_conn.details 
_struct_conn.pdbx_dist_value 
_struct_conn.pdbx_value_order 
_struct_conn.pdbx_role 
metalc1  metalc ? ? A DG 9  N7 ? ? ? 1_555 D CA  .  CA D ? A DG 9   A CA  113  1_555 ? ? ? ? ? ? ?            2.614 ? ? 
metalc2  metalc ? ? A DG 10 O6 ? ? ? 1_555 D CA  .  CA D ? A DG 10  A CA  113  1_555 ? ? ? ? ? ? ?            2.547 ? ? 
metalc3  metalc ? ? B CA .  CA D ? ? 1_555 F EOH .  O  D ? A CA 111 A EOH 115  1_555 ? ? ? ? ? ? ?            2.445 ? ? 
metalc4  metalc ? ? B CA .  CA D ? ? 1_555 J HOH .  O  D ? A CA 111 A HOH 1059 1_555 ? ? ? ? ? ? ?            2.456 ? ? 
metalc5  metalc ? ? B CA .  CA D ? ? 1_555 J HOH .  O  D ? A CA 111 A HOH 1060 1_555 ? ? ? ? ? ? ?            2.496 ? ? 
metalc6  metalc ? ? B CA .  CA D ? ? 1_555 J HOH .  O  D ? A CA 111 A HOH 1061 1_555 ? ? ? ? ? ? ?            2.422 ? ? 
metalc7  metalc ? ? B CA .  CA D ? ? 1_555 J HOH .  O  D ? A CA 111 A HOH 1061 2_657 ? ? ? ? ? ? ?            2.146 ? ? 
metalc8  metalc ? ? B CA .  CA D ? ? 1_555 J HOH .  O  D ? A CA 111 A HOH 1062 1_555 ? ? ? ? ? ? ?            2.366 ? ? 
metalc9  metalc ? ? B CA .  CA D ? ? 1_555 J HOH .  O  D ? A CA 111 A HOH 1063 1_555 ? ? ? ? ? ? ?            2.392 ? ? 
metalc10 metalc ? ? B CA .  CA D ? ? 1_555 J HOH .  O  D ? A CA 111 A HOH 1063 2_657 ? ? ? ? ? ? ?            3.350 ? ? 
metalc11 metalc ? ? B CA .  CA D ? ? 1_555 J HOH .  O  D ? A CA 111 A HOH 1064 1_555 ? ? ? ? ? ? ?            2.417 ? ? 
metalc12 metalc ? ? B CA .  CA D ? ? 1_555 J HOH .  O  D ? A CA 111 A HOH 1064 2_657 ? ? ? ? ? ? ?            2.882 ? ? 
metalc13 metalc ? ? C CA .  CA C ? ? 1_555 J HOH .  O  C ? A CA 112 A HOH 1065 1_555 ? ? ? ? ? ? ?            2.465 ? ? 
metalc14 metalc ? ? C CA .  CA C ? ? 1_555 J HOH .  O  C ? A CA 112 A HOH 1066 1_555 ? ? ? ? ? ? ?            2.409 ? ? 
metalc15 metalc ? ? C CA .  CA C ? ? 1_555 J HOH .  O  C ? A CA 112 A HOH 1067 1_555 ? ? ? ? ? ? ?            2.408 ? ? 
metalc16 metalc ? ? C CA .  CA C ? ? 1_555 J HOH .  O  C ? A CA 112 A HOH 1068 1_555 ? ? ? ? ? ? ?            2.379 ? ? 
metalc17 metalc ? ? C CA .  CA C ? ? 1_555 J HOH .  O  C ? A CA 112 A HOH 1069 1_555 ? ? ? ? ? ? ?            2.387 ? ? 
metalc18 metalc ? ? C CA .  CA C ? ? 1_555 J HOH .  O  C ? A CA 112 A HOH 1070 1_555 ? ? ? ? ? ? ?            2.395 ? ? 
metalc19 metalc ? ? C CA .  CA C ? ? 1_555 J HOH .  O  C ? A CA 112 A HOH 1071 1_555 ? ? ? ? ? ? ?            2.503 ? ? 
metalc20 metalc ? ? D CA .  CA D ? ? 1_555 J HOH .  O  D ? A CA 113 A HOH 1072 1_555 ? ? ? ? ? ? ?            2.412 ? ? 
metalc21 metalc ? ? D CA .  CA D ? ? 1_555 J HOH .  O  D ? A CA 113 A HOH 1073 1_555 ? ? ? ? ? ? ?            2.437 ? ? 
metalc22 metalc ? ? D CA .  CA D ? ? 1_555 J HOH .  O  D ? A CA 113 A HOH 1074 1_555 ? ? ? ? ? ? ?            2.465 ? ? 
metalc23 metalc ? ? D CA .  CA D ? ? 1_555 J HOH .  O  D ? A CA 113 A HOH 1075 1_555 ? ? ? ? ? ? ?            2.381 ? ? 
metalc24 metalc ? ? D CA .  CA D ? ? 1_555 J HOH .  O  D ? A CA 113 A HOH 1076 1_555 ? ? ? ? ? ? ?            2.385 ? ? 
metalc25 metalc ? ? D CA .  CA D ? ? 1_555 J HOH .  O  D ? A CA 113 A HOH 1076 2_657 ? ? ? ? ? ? ?            3.115 ? ? 
metalc26 metalc ? ? E CA .  CA C ? ? 1_555 J HOH .  O  C ? A CA 114 A HOH 1077 1_555 ? ? ? ? ? ? ?            2.389 ? ? 
metalc27 metalc ? ? E CA .  CA C ? ? 1_555 J HOH .  O  C ? A CA 114 A HOH 1078 1_555 ? ? ? ? ? ? ?            2.381 ? ? 
metalc28 metalc ? ? E CA .  CA C ? ? 1_555 J HOH .  O  C ? A CA 114 A HOH 1079 1_555 ? ? ? ? ? ? ?            2.418 ? ? 
metalc29 metalc ? ? E CA .  CA C ? ? 1_555 J HOH .  O  C ? A CA 114 A HOH 1080 1_555 ? ? ? ? ? ? ?            2.446 ? ? 
hydrog1  hydrog ? ? A DC 1  N3 ? ? ? 1_555 A DG  10 N1 ? ? A DC 1   A DG  10   2_656 ? ? ? ? ? ? WATSON-CRICK ?     ? ? 
hydrog2  hydrog ? ? A DC 1  N4 ? ? ? 1_555 A DG  10 O6 ? ? A DC 1   A DG  10   2_656 ? ? ? ? ? ? WATSON-CRICK ?     ? ? 
hydrog3  hydrog ? ? A DC 1  O2 ? ? ? 1_555 A DG  10 N2 ? ? A DC 1   A DG  10   2_656 ? ? ? ? ? ? WATSON-CRICK ?     ? ? 
hydrog4  hydrog ? ? A DC 2  N3 ? ? ? 1_555 A DG  9  N1 ? ? A DC 2   A DG  9    2_656 ? ? ? ? ? ? WATSON-CRICK ?     ? ? 
hydrog5  hydrog ? ? A DC 2  N4 ? ? ? 1_555 A DG  9  O6 ? ? A DC 2   A DG  9    2_656 ? ? ? ? ? ? WATSON-CRICK ?     ? ? 
hydrog6  hydrog ? ? A DC 2  O2 ? ? ? 1_555 A DG  9  N2 ? ? A DC 2   A DG  9    2_656 ? ? ? ? ? ? WATSON-CRICK ?     ? ? 
hydrog7  hydrog ? ? A DA 3  N1 ? ? ? 1_555 A DT  8  N3 ? ? A DA 3   A DT  8    2_656 ? ? ? ? ? ? WATSON-CRICK ?     ? ? 
hydrog8  hydrog ? ? A DA 3  N6 ? ? ? 1_555 A DT  8  O4 ? ? A DA 3   A DT  8    2_656 ? ? ? ? ? ? WATSON-CRICK ?     ? ? 
hydrog9  hydrog ? ? A DA 4  N1 ? ? ? 1_555 A DT  7  N3 ? ? A DA 4   A DT  7    2_656 ? ? ? ? ? ? WATSON-CRICK ?     ? ? 
hydrog10 hydrog ? ? A DA 4  N6 ? ? ? 1_555 A DT  7  O4 ? ? A DA 4   A DT  7    2_656 ? ? ? ? ? ? WATSON-CRICK ?     ? ? 
hydrog11 hydrog ? ? A DC 5  N3 A ? ? 1_555 A DG  6  N1 ? ? A DC 5   A DG  6    2_656 ? ? ? ? ? ? WATSON-CRICK ?     ? ? 
hydrog12 hydrog ? ? A DC 5  N4 A ? ? 1_555 A DG  6  O6 ? ? A DC 5   A DG  6    2_656 ? ? ? ? ? ? WATSON-CRICK ?     ? ? 
hydrog13 hydrog ? ? A DC 5  O2 A ? ? 1_555 A DG  6  N2 ? ? A DC 5   A DG  6    2_656 ? ? ? ? ? ? WATSON-CRICK ?     ? ? 
hydrog14 hydrog ? ? A DG 6  N1 ? ? ? 1_555 A DC  5  N3 A ? A DG 6   A DC  5    2_656 ? ? ? ? ? ? WATSON-CRICK ?     ? ? 
hydrog15 hydrog ? ? A DG 6  N2 ? ? ? 1_555 A DC  5  O2 A ? A DG 6   A DC  5    2_656 ? ? ? ? ? ? WATSON-CRICK ?     ? ? 
hydrog16 hydrog ? ? A DG 6  O6 ? ? ? 1_555 A DC  5  N4 A ? A DG 6   A DC  5    2_656 ? ? ? ? ? ? WATSON-CRICK ?     ? ? 
hydrog17 hydrog ? ? A DT 7  N3 ? ? ? 1_555 A DA  4  N1 ? ? A DT 7   A DA  4    2_656 ? ? ? ? ? ? WATSON-CRICK ?     ? ? 
hydrog18 hydrog ? ? A DT 7  O4 ? ? ? 1_555 A DA  4  N6 ? ? A DT 7   A DA  4    2_656 ? ? ? ? ? ? WATSON-CRICK ?     ? ? 
hydrog19 hydrog ? ? A DT 8  N3 ? ? ? 1_555 A DA  3  N1 ? ? A DT 8   A DA  3    2_656 ? ? ? ? ? ? WATSON-CRICK ?     ? ? 
hydrog20 hydrog ? ? A DT 8  O4 ? ? ? 1_555 A DA  3  N6 ? ? A DT 8   A DA  3    2_656 ? ? ? ? ? ? WATSON-CRICK ?     ? ? 
hydrog21 hydrog ? ? A DG 9  N1 ? ? ? 1_555 A DC  2  N3 ? ? A DG 9   A DC  2    2_656 ? ? ? ? ? ? WATSON-CRICK ?     ? ? 
hydrog22 hydrog ? ? A DG 9  N2 ? ? ? 1_555 A DC  2  O2 ? ? A DG 9   A DC  2    2_656 ? ? ? ? ? ? WATSON-CRICK ?     ? ? 
hydrog23 hydrog ? ? A DG 9  O6 ? ? ? 1_555 A DC  2  N4 ? ? A DG 9   A DC  2    2_656 ? ? ? ? ? ? WATSON-CRICK ?     ? ? 
hydrog24 hydrog ? ? A DG 10 N1 ? ? ? 1_555 A DC  1  N3 ? ? A DG 10  A DC  1    2_656 ? ? ? ? ? ? WATSON-CRICK ?     ? ? 
hydrog25 hydrog ? ? A DG 10 N2 ? ? ? 1_555 A DC  1  O2 ? ? A DG 10  A DC  1    2_656 ? ? ? ? ? ? WATSON-CRICK ?     ? ? 
hydrog26 hydrog ? ? A DG 10 O6 ? ? ? 1_555 A DC  1  N4 ? ? A DG 10  A DC  1    2_656 ? ? ? ? ? ? WATSON-CRICK ?     ? ? 
# 
loop_
_struct_conn_type.id 
_struct_conn_type.criteria 
_struct_conn_type.reference 
metalc ? ? 
hydrog ? ? 
# 
loop_
_pdbx_struct_conn_angle.id 
_pdbx_struct_conn_angle.ptnr1_label_atom_id 
_pdbx_struct_conn_angle.ptnr1_label_alt_id 
_pdbx_struct_conn_angle.ptnr1_label_asym_id 
_pdbx_struct_conn_angle.ptnr1_label_comp_id 
_pdbx_struct_conn_angle.ptnr1_label_seq_id 
_pdbx_struct_conn_angle.ptnr1_auth_atom_id 
_pdbx_struct_conn_angle.ptnr1_auth_asym_id 
_pdbx_struct_conn_angle.ptnr1_auth_comp_id 
_pdbx_struct_conn_angle.ptnr1_auth_seq_id 
_pdbx_struct_conn_angle.ptnr1_PDB_ins_code 
_pdbx_struct_conn_angle.ptnr1_symmetry 
_pdbx_struct_conn_angle.ptnr2_label_atom_id 
_pdbx_struct_conn_angle.ptnr2_label_alt_id 
_pdbx_struct_conn_angle.ptnr2_label_asym_id 
_pdbx_struct_conn_angle.ptnr2_label_comp_id 
_pdbx_struct_conn_angle.ptnr2_label_seq_id 
_pdbx_struct_conn_angle.ptnr2_auth_atom_id 
_pdbx_struct_conn_angle.ptnr2_auth_asym_id 
_pdbx_struct_conn_angle.ptnr2_auth_comp_id 
_pdbx_struct_conn_angle.ptnr2_auth_seq_id 
_pdbx_struct_conn_angle.ptnr2_PDB_ins_code 
_pdbx_struct_conn_angle.ptnr2_symmetry 
_pdbx_struct_conn_angle.ptnr3_label_atom_id 
_pdbx_struct_conn_angle.ptnr3_label_alt_id 
_pdbx_struct_conn_angle.ptnr3_label_asym_id 
_pdbx_struct_conn_angle.ptnr3_label_comp_id 
_pdbx_struct_conn_angle.ptnr3_label_seq_id 
_pdbx_struct_conn_angle.ptnr3_auth_atom_id 
_pdbx_struct_conn_angle.ptnr3_auth_asym_id 
_pdbx_struct_conn_angle.ptnr3_auth_comp_id 
_pdbx_struct_conn_angle.ptnr3_auth_seq_id 
_pdbx_struct_conn_angle.ptnr3_PDB_ins_code 
_pdbx_struct_conn_angle.ptnr3_symmetry 
_pdbx_struct_conn_angle.value 
_pdbx_struct_conn_angle.value_esd 
1   N7 ? A DG  9  ? A DG  9    ? 1_555 CA D D CA . ? A CA 113 ? 1_555 O6 ? A DG  10 ? A DG  10   ? 1_555 78.9  ? 
2   N7 ? A DG  9  ? A DG  9    ? 1_555 CA D D CA . ? A CA 113 ? 1_555 O  D J HOH .  ? A HOH 1072 ? 1_555 140.5 ? 
3   O6 ? A DG  10 ? A DG  10   ? 1_555 CA D D CA . ? A CA 113 ? 1_555 O  D J HOH .  ? A HOH 1072 ? 1_555 136.4 ? 
4   N7 ? A DG  9  ? A DG  9    ? 1_555 CA D D CA . ? A CA 113 ? 1_555 O  D J HOH .  ? A HOH 1073 ? 1_555 77.1  ? 
5   O6 ? A DG  10 ? A DG  10   ? 1_555 CA D D CA . ? A CA 113 ? 1_555 O  D J HOH .  ? A HOH 1073 ? 1_555 153.3 ? 
6   O  D J HOH .  ? A HOH 1072 ? 1_555 CA D D CA . ? A CA 113 ? 1_555 O  D J HOH .  ? A HOH 1073 ? 1_555 70.2  ? 
7   N7 ? A DG  9  ? A DG  9    ? 1_555 CA D D CA . ? A CA 113 ? 1_555 O  D J HOH .  ? A HOH 1074 ? 1_555 91.3  ? 
8   O6 ? A DG  10 ? A DG  10   ? 1_555 CA D D CA . ? A CA 113 ? 1_555 O  D J HOH .  ? A HOH 1074 ? 1_555 85.9  ? 
9   O  D J HOH .  ? A HOH 1072 ? 1_555 CA D D CA . ? A CA 113 ? 1_555 O  D J HOH .  ? A HOH 1074 ? 1_555 105.6 ? 
10  O  D J HOH .  ? A HOH 1073 ? 1_555 CA D D CA . ? A CA 113 ? 1_555 O  D J HOH .  ? A HOH 1074 ? 1_555 83.2  ? 
11  N7 ? A DG  9  ? A DG  9    ? 1_555 CA D D CA . ? A CA 113 ? 1_555 O  D J HOH .  ? A HOH 1075 ? 1_555 81.4  ? 
12  O6 ? A DG  10 ? A DG  10   ? 1_555 CA D D CA . ? A CA 113 ? 1_555 O  D J HOH .  ? A HOH 1075 ? 1_555 89.7  ? 
13  O  D J HOH .  ? A HOH 1072 ? 1_555 CA D D CA . ? A CA 113 ? 1_555 O  D J HOH .  ? A HOH 1075 ? 1_555 82.0  ? 
14  O  D J HOH .  ? A HOH 1073 ? 1_555 CA D D CA . ? A CA 113 ? 1_555 O  D J HOH .  ? A HOH 1075 ? 1_555 98.0  ? 
15  O  D J HOH .  ? A HOH 1074 ? 1_555 CA D D CA . ? A CA 113 ? 1_555 O  D J HOH .  ? A HOH 1075 ? 1_555 172.2 ? 
16  N7 ? A DG  9  ? A DG  9    ? 1_555 CA D D CA . ? A CA 113 ? 1_555 O  D J HOH .  ? A HOH 1076 ? 1_555 143.0 ? 
17  O6 ? A DG  10 ? A DG  10   ? 1_555 CA D D CA . ? A CA 113 ? 1_555 O  D J HOH .  ? A HOH 1076 ? 1_555 64.0  ? 
18  O  D J HOH .  ? A HOH 1072 ? 1_555 CA D D CA . ? A CA 113 ? 1_555 O  D J HOH .  ? A HOH 1076 ? 1_555 74.9  ? 
19  O  D J HOH .  ? A HOH 1073 ? 1_555 CA D D CA . ? A CA 113 ? 1_555 O  D J HOH .  ? A HOH 1076 ? 1_555 138.7 ? 
20  O  D J HOH .  ? A HOH 1074 ? 1_555 CA D D CA . ? A CA 113 ? 1_555 O  D J HOH .  ? A HOH 1076 ? 1_555 85.9  ? 
21  O  D J HOH .  ? A HOH 1075 ? 1_555 CA D D CA . ? A CA 113 ? 1_555 O  D J HOH .  ? A HOH 1076 ? 1_555 98.1  ? 
22  N7 ? A DG  9  ? A DG  9    ? 1_555 CA D D CA . ? A CA 113 ? 1_555 O  D J HOH .  ? A HOH 1076 ? 2_657 128.6 ? 
23  O6 ? A DG  10 ? A DG  10   ? 1_555 CA D D CA . ? A CA 113 ? 1_555 O  D J HOH .  ? A HOH 1076 ? 2_657 61.3  ? 
24  O  D J HOH .  ? A HOH 1072 ? 1_555 CA D D CA . ? A CA 113 ? 1_555 O  D J HOH .  ? A HOH 1076 ? 2_657 89.8  ? 
25  O  D J HOH .  ? A HOH 1073 ? 1_555 CA D D CA . ? A CA 113 ? 1_555 O  D J HOH .  ? A HOH 1076 ? 2_657 128.8 ? 
26  O  D J HOH .  ? A HOH 1074 ? 1_555 CA D D CA . ? A CA 113 ? 1_555 O  D J HOH .  ? A HOH 1076 ? 2_657 56.8  ? 
27  O  D J HOH .  ? A HOH 1075 ? 1_555 CA D D CA . ? A CA 113 ? 1_555 O  D J HOH .  ? A HOH 1076 ? 2_657 126.1 ? 
28  O  D J HOH .  ? A HOH 1076 ? 1_555 CA D D CA . ? A CA 113 ? 1_555 O  D J HOH .  ? A HOH 1076 ? 2_657 29.6  ? 
29  O  D F EOH .  ? A EOH 115  ? 1_555 CA D B CA . ? A CA 111 ? 1_555 O  D J HOH .  ? A HOH 1059 ? 1_555 81.7  ? 
30  O  D F EOH .  ? A EOH 115  ? 1_555 CA D B CA . ? A CA 111 ? 1_555 O  D J HOH .  ? A HOH 1060 ? 1_555 75.2  ? 
31  O  D J HOH .  ? A HOH 1059 ? 1_555 CA D B CA . ? A CA 111 ? 1_555 O  D J HOH .  ? A HOH 1060 ? 1_555 77.5  ? 
32  O  D F EOH .  ? A EOH 115  ? 1_555 CA D B CA . ? A CA 111 ? 1_555 O  D J HOH .  ? A HOH 1061 ? 1_555 73.3  ? 
33  O  D J HOH .  ? A HOH 1059 ? 1_555 CA D B CA . ? A CA 111 ? 1_555 O  D J HOH .  ? A HOH 1061 ? 1_555 139.1 ? 
34  O  D J HOH .  ? A HOH 1060 ? 1_555 CA D B CA . ? A CA 111 ? 1_555 O  D J HOH .  ? A HOH 1061 ? 1_555 124.4 ? 
35  O  D F EOH .  ? A EOH 115  ? 1_555 CA D B CA . ? A CA 111 ? 1_555 O  D J HOH .  ? A HOH 1061 ? 2_657 89.4  ? 
36  O  D J HOH .  ? A HOH 1059 ? 1_555 CA D B CA . ? A CA 111 ? 1_555 O  D J HOH .  ? A HOH 1061 ? 2_657 108.1 ? 
37  O  D J HOH .  ? A HOH 1060 ? 1_555 CA D B CA . ? A CA 111 ? 1_555 O  D J HOH .  ? A HOH 1061 ? 2_657 162.9 ? 
38  O  D J HOH .  ? A HOH 1061 ? 1_555 CA D B CA . ? A CA 111 ? 1_555 O  D J HOH .  ? A HOH 1061 ? 2_657 41.5  ? 
39  O  D F EOH .  ? A EOH 115  ? 1_555 CA D B CA . ? A CA 111 ? 1_555 O  D J HOH .  ? A HOH 1062 ? 1_555 112.3 ? 
40  O  D J HOH .  ? A HOH 1059 ? 1_555 CA D B CA . ? A CA 111 ? 1_555 O  D J HOH .  ? A HOH 1062 ? 1_555 144.9 ? 
41  O  D J HOH .  ? A HOH 1060 ? 1_555 CA D B CA . ? A CA 111 ? 1_555 O  D J HOH .  ? A HOH 1062 ? 1_555 75.6  ? 
42  O  D J HOH .  ? A HOH 1061 ? 1_555 CA D B CA . ? A CA 111 ? 1_555 O  D J HOH .  ? A HOH 1062 ? 1_555 75.6  ? 
43  O  D J HOH .  ? A HOH 1061 ? 2_657 CA D B CA . ? A CA 111 ? 1_555 O  D J HOH .  ? A HOH 1062 ? 1_555 104.1 ? 
44  O  D F EOH .  ? A EOH 115  ? 1_555 CA D B CA . ? A CA 111 ? 1_555 O  D J HOH .  ? A HOH 1063 ? 1_555 90.7  ? 
45  O  D J HOH .  ? A HOH 1059 ? 1_555 CA D B CA . ? A CA 111 ? 1_555 O  D J HOH .  ? A HOH 1063 ? 1_555 73.1  ? 
46  O  D J HOH .  ? A HOH 1060 ? 1_555 CA D B CA . ? A CA 111 ? 1_555 O  D J HOH .  ? A HOH 1063 ? 1_555 148.9 ? 
47  O  D J HOH .  ? A HOH 1061 ? 1_555 CA D B CA . ? A CA 111 ? 1_555 O  D J HOH .  ? A HOH 1063 ? 1_555 75.4  ? 
48  O  D J HOH .  ? A HOH 1061 ? 2_657 CA D B CA . ? A CA 111 ? 1_555 O  D J HOH .  ? A HOH 1063 ? 1_555 35.7  ? 
49  O  D J HOH .  ? A HOH 1062 ? 1_555 CA D B CA . ? A CA 111 ? 1_555 O  D J HOH .  ? A HOH 1063 ? 1_555 135.3 ? 
50  O  D F EOH .  ? A EOH 115  ? 1_555 CA D B CA . ? A CA 111 ? 1_555 O  D J HOH .  ? A HOH 1063 ? 2_657 80.2  ? 
51  O  D J HOH .  ? A HOH 1059 ? 1_555 CA D B CA . ? A CA 111 ? 1_555 O  D J HOH .  ? A HOH 1063 ? 2_657 158.4 ? 
52  O  D J HOH .  ? A HOH 1060 ? 1_555 CA D B CA . ? A CA 111 ? 1_555 O  D J HOH .  ? A HOH 1063 ? 2_657 108.9 ? 
53  O  D J HOH .  ? A HOH 1061 ? 1_555 CA D B CA . ? A CA 111 ? 1_555 O  D J HOH .  ? A HOH 1063 ? 2_657 21.5  ? 
54  O  D J HOH .  ? A HOH 1061 ? 2_657 CA D B CA . ? A CA 111 ? 1_555 O  D J HOH .  ? A HOH 1063 ? 2_657 60.1  ? 
55  O  D J HOH .  ? A HOH 1062 ? 1_555 CA D B CA . ? A CA 111 ? 1_555 O  D J HOH .  ? A HOH 1063 ? 2_657 54.8  ? 
56  O  D J HOH .  ? A HOH 1063 ? 1_555 CA D B CA . ? A CA 111 ? 1_555 O  D J HOH .  ? A HOH 1063 ? 2_657 95.5  ? 
57  O  D F EOH .  ? A EOH 115  ? 1_555 CA D B CA . ? A CA 111 ? 1_555 O  D J HOH .  ? A HOH 1064 ? 1_555 149.4 ? 
58  O  D J HOH .  ? A HOH 1059 ? 1_555 CA D B CA . ? A CA 111 ? 1_555 O  D J HOH .  ? A HOH 1064 ? 1_555 73.5  ? 
59  O  D J HOH .  ? A HOH 1060 ? 1_555 CA D B CA . ? A CA 111 ? 1_555 O  D J HOH .  ? A HOH 1064 ? 1_555 82.1  ? 
60  O  D J HOH .  ? A HOH 1061 ? 1_555 CA D B CA . ? A CA 111 ? 1_555 O  D J HOH .  ? A HOH 1064 ? 1_555 137.2 ? 
61  O  D J HOH .  ? A HOH 1061 ? 2_657 CA D B CA . ? A CA 111 ? 1_555 O  D J HOH .  ? A HOH 1064 ? 1_555 114.8 ? 
62  O  D J HOH .  ? A HOH 1062 ? 1_555 CA D B CA . ? A CA 111 ? 1_555 O  D J HOH .  ? A HOH 1064 ? 1_555 80.9  ? 
63  O  D J HOH .  ? A HOH 1063 ? 1_555 CA D B CA . ? A CA 111 ? 1_555 O  D J HOH .  ? A HOH 1064 ? 1_555 98.6  ? 
64  O  D J HOH .  ? A HOH 1063 ? 2_657 CA D B CA . ? A CA 111 ? 1_555 O  D J HOH .  ? A HOH 1064 ? 1_555 127.2 ? 
65  O  D F EOH .  ? A EOH 115  ? 1_555 CA D B CA . ? A CA 111 ? 1_555 O  D J HOH .  ? A HOH 1064 ? 2_657 103.1 ? 
66  O  D J HOH .  ? A HOH 1059 ? 1_555 CA D B CA . ? A CA 111 ? 1_555 O  D J HOH .  ? A HOH 1064 ? 2_657 124.8 ? 
67  O  D J HOH .  ? A HOH 1060 ? 1_555 CA D B CA . ? A CA 111 ? 1_555 O  D J HOH .  ? A HOH 1064 ? 2_657 52.3  ? 
68  O  D J HOH .  ? A HOH 1061 ? 1_555 CA D B CA . ? A CA 111 ? 1_555 O  D J HOH .  ? A HOH 1064 ? 2_657 92.6  ? 
69  O  D J HOH .  ? A HOH 1061 ? 2_657 CA D B CA . ? A CA 111 ? 1_555 O  D J HOH .  ? A HOH 1064 ? 2_657 126.7 ? 
70  O  D J HOH .  ? A HOH 1062 ? 1_555 CA D B CA . ? A CA 111 ? 1_555 O  D J HOH .  ? A HOH 1064 ? 2_657 23.3  ? 
71  O  D J HOH .  ? A HOH 1063 ? 1_555 CA D B CA . ? A CA 111 ? 1_555 O  D J HOH .  ? A HOH 1064 ? 2_657 158.4 ? 
72  O  D J HOH .  ? A HOH 1063 ? 2_657 CA D B CA . ? A CA 111 ? 1_555 O  D J HOH .  ? A HOH 1064 ? 2_657 71.2  ? 
73  O  D J HOH .  ? A HOH 1064 ? 1_555 CA D B CA . ? A CA 111 ? 1_555 O  D J HOH .  ? A HOH 1064 ? 2_657 77.8  ? 
74  O  C J HOH .  ? A HOH 1065 ? 1_555 CA C C CA . ? A CA 112 ? 1_555 O  C J HOH .  ? A HOH 1066 ? 1_555 102.4 ? 
75  O  C J HOH .  ? A HOH 1065 ? 1_555 CA C C CA . ? A CA 112 ? 1_555 O  C J HOH .  ? A HOH 1067 ? 1_555 144.9 ? 
76  O  C J HOH .  ? A HOH 1066 ? 1_555 CA C C CA . ? A CA 112 ? 1_555 O  C J HOH .  ? A HOH 1067 ? 1_555 87.8  ? 
77  O  C J HOH .  ? A HOH 1065 ? 1_555 CA C C CA . ? A CA 112 ? 1_555 O  C J HOH .  ? A HOH 1068 ? 1_555 72.7  ? 
78  O  C J HOH .  ? A HOH 1066 ? 1_555 CA C C CA . ? A CA 112 ? 1_555 O  C J HOH .  ? A HOH 1068 ? 1_555 89.1  ? 
79  O  C J HOH .  ? A HOH 1067 ? 1_555 CA C C CA . ? A CA 112 ? 1_555 O  C J HOH .  ? A HOH 1068 ? 1_555 141.7 ? 
80  O  C J HOH .  ? A HOH 1065 ? 1_555 CA C C CA . ? A CA 112 ? 1_555 O  C J HOH .  ? A HOH 1069 ? 1_555 66.5  ? 
81  O  C J HOH .  ? A HOH 1066 ? 1_555 CA C C CA . ? A CA 112 ? 1_555 O  C J HOH .  ? A HOH 1069 ? 1_555 77.1  ? 
82  O  C J HOH .  ? A HOH 1067 ? 1_555 CA C C CA . ? A CA 112 ? 1_555 O  C J HOH .  ? A HOH 1069 ? 1_555 83.8  ? 
83  O  C J HOH .  ? A HOH 1068 ? 1_555 CA C C CA . ? A CA 112 ? 1_555 O  C J HOH .  ? A HOH 1069 ? 1_555 132.4 ? 
84  O  C J HOH .  ? A HOH 1065 ? 1_555 CA C C CA . ? A CA 112 ? 1_555 O  C J HOH .  ? A HOH 1070 ? 1_555 81.1  ? 
85  O  C J HOH .  ? A HOH 1066 ? 1_555 CA C C CA . ? A CA 112 ? 1_555 O  C J HOH .  ? A HOH 1070 ? 1_555 176.5 ? 
86  O  C J HOH .  ? A HOH 1067 ? 1_555 CA C C CA . ? A CA 112 ? 1_555 O  C J HOH .  ? A HOH 1070 ? 1_555 89.2  ? 
87  O  C J HOH .  ? A HOH 1068 ? 1_555 CA C C CA . ? A CA 112 ? 1_555 O  C J HOH .  ? A HOH 1070 ? 1_555 92.1  ? 
88  O  C J HOH .  ? A HOH 1069 ? 1_555 CA C C CA . ? A CA 112 ? 1_555 O  C J HOH .  ? A HOH 1070 ? 1_555 104.4 ? 
89  O  C J HOH .  ? A HOH 1065 ? 1_555 CA C C CA . ? A CA 112 ? 1_555 O  C J HOH .  ? A HOH 1071 ? 1_555 141.4 ? 
90  O  C J HOH .  ? A HOH 1066 ? 1_555 CA C C CA . ? A CA 112 ? 1_555 O  C J HOH .  ? A HOH 1071 ? 1_555 87.2  ? 
91  O  C J HOH .  ? A HOH 1067 ? 1_555 CA C C CA . ? A CA 112 ? 1_555 O  C J HOH .  ? A HOH 1071 ? 1_555 71.5  ? 
92  O  C J HOH .  ? A HOH 1068 ? 1_555 CA C C CA . ? A CA 112 ? 1_555 O  C J HOH .  ? A HOH 1071 ? 1_555 70.2  ? 
93  O  C J HOH .  ? A HOH 1069 ? 1_555 CA C C CA . ? A CA 112 ? 1_555 O  C J HOH .  ? A HOH 1071 ? 1_555 151.3 ? 
94  O  C J HOH .  ? A HOH 1070 ? 1_555 CA C C CA . ? A CA 112 ? 1_555 O  C J HOH .  ? A HOH 1071 ? 1_555 90.1  ? 
95  O  C J HOH .  ? A HOH 1077 ? 1_555 CA C E CA . ? A CA 114 ? 1_555 O  C J HOH .  ? A HOH 1078 ? 1_555 173.9 ? 
96  O  C J HOH .  ? A HOH 1077 ? 1_555 CA C E CA . ? A CA 114 ? 1_555 O  C J HOH .  ? A HOH 1079 ? 1_555 87.4  ? 
97  O  C J HOH .  ? A HOH 1078 ? 1_555 CA C E CA . ? A CA 114 ? 1_555 O  C J HOH .  ? A HOH 1079 ? 1_555 91.4  ? 
98  O  C J HOH .  ? A HOH 1077 ? 1_555 CA C E CA . ? A CA 114 ? 1_555 O  C J HOH .  ? A HOH 1080 ? 1_555 90.1  ? 
99  O  C J HOH .  ? A HOH 1078 ? 1_555 CA C E CA . ? A CA 114 ? 1_555 O  C J HOH .  ? A HOH 1080 ? 1_555 90.9  ? 
100 O  C J HOH .  ? A HOH 1079 ? 1_555 CA C E CA . ? A CA 114 ? 1_555 O  C J HOH .  ? A HOH 1080 ? 1_555 177.3 ? 
# 
loop_
_struct_site.id 
_struct_site.pdbx_evidence_code 
_struct_site.pdbx_auth_asym_id 
_struct_site.pdbx_auth_comp_id 
_struct_site.pdbx_auth_seq_id 
_struct_site.pdbx_auth_ins_code 
_struct_site.pdbx_num_residues 
_struct_site.details 
AC1 Software A CA  111 ? 13 'BINDING SITE FOR RESIDUE CA A 111'  
AC2 Software A CA  112 ? 7  'BINDING SITE FOR RESIDUE CA A 112'  
AC3 Software A CA  113 ? 8  'BINDING SITE FOR RESIDUE CA A 113'  
AC4 Software A CA  114 ? 8  'BINDING SITE FOR RESIDUE CA A 114'  
AC5 Software A EOH 115 ? 12 'BINDING SITE FOR RESIDUE EOH A 115' 
AC6 Software A EOH 228 ? 9  'BINDING SITE FOR RESIDUE EOH A 228' 
AC7 Software A EOH 231 ? 6  'BINDING SITE FOR RESIDUE EOH A 231' 
AC8 Software A EOH 207 ? 5  'BINDING SITE FOR RESIDUE EOH A 207' 
# 
loop_
_struct_site_gen.id 
_struct_site_gen.site_id 
_struct_site_gen.pdbx_num_res 
_struct_site_gen.label_comp_id 
_struct_site_gen.label_asym_id 
_struct_site_gen.label_seq_id 
_struct_site_gen.pdbx_auth_ins_code 
_struct_site_gen.auth_comp_id 
_struct_site_gen.auth_asym_id 
_struct_site_gen.auth_seq_id 
_struct_site_gen.label_atom_id 
_struct_site_gen.label_alt_id 
_struct_site_gen.symmetry 
_struct_site_gen.details 
1  AC1 13 EOH F .  ? EOH A 115  . ? 1_555 ? 
2  AC1 13 HOH J .  ? HOH A 269  . ? 1_555 ? 
3  AC1 13 HOH J .  ? HOH A 1058 . ? 1_555 ? 
4  AC1 13 HOH J .  ? HOH A 1058 . ? 2_657 ? 
5  AC1 13 HOH J .  ? HOH A 1059 . ? 1_555 ? 
6  AC1 13 HOH J .  ? HOH A 1060 . ? 1_555 ? 
7  AC1 13 HOH J .  ? HOH A 1061 . ? 2_657 ? 
8  AC1 13 HOH J .  ? HOH A 1061 . ? 1_555 ? 
9  AC1 13 HOH J .  ? HOH A 1062 . ? 2_657 ? 
10 AC1 13 HOH J .  ? HOH A 1062 . ? 1_555 ? 
11 AC1 13 HOH J .  ? HOH A 1063 . ? 1_555 ? 
12 AC1 13 HOH J .  ? HOH A 1064 . ? 2_657 ? 
13 AC1 13 HOH J .  ? HOH A 1064 . ? 1_555 ? 
14 AC2 7  HOH J .  ? HOH A 1065 . ? 1_555 ? 
15 AC2 7  HOH J .  ? HOH A 1066 . ? 1_555 ? 
16 AC2 7  HOH J .  ? HOH A 1067 . ? 1_555 ? 
17 AC2 7  HOH J .  ? HOH A 1068 . ? 1_555 ? 
18 AC2 7  HOH J .  ? HOH A 1069 . ? 1_555 ? 
19 AC2 7  HOH J .  ? HOH A 1070 . ? 1_555 ? 
20 AC2 7  HOH J .  ? HOH A 1071 . ? 1_555 ? 
21 AC3 8  DG  A 9  ? DG  A 9    . ? 1_555 ? 
22 AC3 8  DG  A 10 ? DG  A 10   . ? 1_555 ? 
23 AC3 8  HOH J .  ? HOH A 245  . ? 1_555 ? 
24 AC3 8  HOH J .  ? HOH A 1072 . ? 1_555 ? 
25 AC3 8  HOH J .  ? HOH A 1073 . ? 1_555 ? 
26 AC3 8  HOH J .  ? HOH A 1074 . ? 1_555 ? 
27 AC3 8  HOH J .  ? HOH A 1075 . ? 1_555 ? 
28 AC3 8  HOH J .  ? HOH A 1076 . ? 1_555 ? 
29 AC4 8  DG  A 6  ? DG  A 6    . ? 4_546 ? 
30 AC4 8  DT  A 7  ? DT  A 7    . ? 1_555 ? 
31 AC4 8  HOH J .  ? HOH A 241  . ? 1_555 ? 
32 AC4 8  HOH J .  ? HOH A 252  . ? 1_555 ? 
33 AC4 8  HOH J .  ? HOH A 1077 . ? 1_555 ? 
34 AC4 8  HOH J .  ? HOH A 1078 . ? 1_555 ? 
35 AC4 8  HOH J .  ? HOH A 1079 . ? 1_555 ? 
36 AC4 8  HOH J .  ? HOH A 1080 . ? 1_555 ? 
37 AC5 12 DC  A 1  ? DC  A 1    . ? 1_556 ? 
38 AC5 12 DG  A 10 ? DG  A 10   . ? 1_555 ? 
39 AC5 12 CA  B .  ? CA  A 111  . ? 1_555 ? 
40 AC5 12 HOH J .  ? HOH A 199  . ? 1_555 ? 
41 AC5 12 HOH J .  ? HOH A 200  . ? 1_555 ? 
42 AC5 12 HOH J .  ? HOH A 202  . ? 1_555 ? 
43 AC5 12 HOH J .  ? HOH A 269  . ? 1_555 ? 
44 AC5 12 HOH J .  ? HOH A 1058 . ? 2_657 ? 
45 AC5 12 HOH J .  ? HOH A 1060 . ? 1_555 ? 
46 AC5 12 HOH J .  ? HOH A 1061 . ? 1_555 ? 
47 AC5 12 HOH J .  ? HOH A 1061 . ? 2_657 ? 
48 AC5 12 HOH J .  ? HOH A 1063 . ? 1_555 ? 
49 AC6 9  DT  A 7  ? DT  A 7    . ? 2_656 ? 
50 AC6 9  DT  A 8  ? DT  A 8    . ? 2_656 ? 
51 AC6 9  HOH J .  ? HOH A 204  . ? 1_555 ? 
52 AC6 9  EOH I .  ? EOH A 207  . ? 1_555 ? 
53 AC6 9  HOH J .  ? HOH A 209  . ? 1_555 ? 
54 AC6 9  HOH J .  ? HOH A 226  . ? 2_656 ? 
55 AC6 9  HOH J .  ? HOH A 226  . ? 1_555 ? 
56 AC6 9  EOH H .  ? EOH A 231  . ? 1_555 ? 
57 AC6 9  HOH J .  ? HOH A 244  . ? 1_555 ? 
58 AC7 6  DA  A 3  ? DA  A 3    . ? 3_545 ? 
59 AC7 6  DA  A 4  ? DA  A 4    . ? 3_545 ? 
60 AC7 6  HOH J .  ? HOH A 226  . ? 1_555 ? 
61 AC7 6  HOH J .  ? HOH A 226  . ? 2_656 ? 
62 AC7 6  EOH G .  ? EOH A 228  . ? 1_555 ? 
63 AC7 6  HOH J .  ? HOH A 244  . ? 1_555 ? 
64 AC8 5  DA  A 4  ? DA  A 4    . ? 3_545 ? 
65 AC8 5  DC  A 5  ? DC  A 5    . ? 3_545 ? 
66 AC8 5  HOH J .  ? HOH A 226  . ? 1_555 ? 
67 AC8 5  EOH G .  ? EOH A 228  . ? 1_555 ? 
68 AC8 5  HOH J .  ? HOH A 241  . ? 2_656 ? 
# 
_pdbx_validate_rmsd_bond.id                        1 
_pdbx_validate_rmsd_bond.PDB_model_num             1 
_pdbx_validate_rmsd_bond.auth_atom_id_1            "C3'" 
_pdbx_validate_rmsd_bond.auth_asym_id_1            A 
_pdbx_validate_rmsd_bond.auth_comp_id_1            DA 
_pdbx_validate_rmsd_bond.auth_seq_id_1             4 
_pdbx_validate_rmsd_bond.PDB_ins_code_1            ? 
_pdbx_validate_rmsd_bond.label_alt_id_1            A 
_pdbx_validate_rmsd_bond.auth_atom_id_2            "C2'" 
_pdbx_validate_rmsd_bond.auth_asym_id_2            A 
_pdbx_validate_rmsd_bond.auth_comp_id_2            DA 
_pdbx_validate_rmsd_bond.auth_seq_id_2             4 
_pdbx_validate_rmsd_bond.PDB_ins_code_2            ? 
_pdbx_validate_rmsd_bond.label_alt_id_2            ? 
_pdbx_validate_rmsd_bond.bond_value                1.456 
_pdbx_validate_rmsd_bond.bond_target_value         1.516 
_pdbx_validate_rmsd_bond.bond_deviation            -0.060 
_pdbx_validate_rmsd_bond.bond_standard_deviation   0.008 
_pdbx_validate_rmsd_bond.linker_flag               N 
# 
loop_
_pdbx_validate_rmsd_angle.id 
_pdbx_validate_rmsd_angle.PDB_model_num 
_pdbx_validate_rmsd_angle.auth_atom_id_1 
_pdbx_validate_rmsd_angle.auth_asym_id_1 
_pdbx_validate_rmsd_angle.auth_comp_id_1 
_pdbx_validate_rmsd_angle.auth_seq_id_1 
_pdbx_validate_rmsd_angle.PDB_ins_code_1 
_pdbx_validate_rmsd_angle.label_alt_id_1 
_pdbx_validate_rmsd_angle.auth_atom_id_2 
_pdbx_validate_rmsd_angle.auth_asym_id_2 
_pdbx_validate_rmsd_angle.auth_comp_id_2 
_pdbx_validate_rmsd_angle.auth_seq_id_2 
_pdbx_validate_rmsd_angle.PDB_ins_code_2 
_pdbx_validate_rmsd_angle.label_alt_id_2 
_pdbx_validate_rmsd_angle.auth_atom_id_3 
_pdbx_validate_rmsd_angle.auth_asym_id_3 
_pdbx_validate_rmsd_angle.auth_comp_id_3 
_pdbx_validate_rmsd_angle.auth_seq_id_3 
_pdbx_validate_rmsd_angle.PDB_ins_code_3 
_pdbx_validate_rmsd_angle.label_alt_id_3 
_pdbx_validate_rmsd_angle.angle_value 
_pdbx_validate_rmsd_angle.angle_target_value 
_pdbx_validate_rmsd_angle.angle_deviation 
_pdbx_validate_rmsd_angle.angle_standard_deviation 
_pdbx_validate_rmsd_angle.linker_flag 
1  1 "O5'" A DC 1 ? A "C5'" A DC 1 ? A "C4'" A DC 1 ? A 104.51 109.40 -4.89  0.80 N 
2  1 "O4'" A DC 1 ? A "C4'" A DC 1 ? A "C3'" A DC 1 ? A 92.48  104.50 -12.02 0.40 N 
3  1 "C5'" A DC 1 ? A "C4'" A DC 1 ? A "O4'" A DC 1 ? A 94.91  109.30 -14.39 1.90 N 
4  1 "C1'" A DC 1 ? A "O4'" A DC 1 ? A "C4'" A DC 1 ? A 99.60  110.10 -10.50 1.00 N 
5  1 "O4'" A DC 1 ? A "C1'" A DC 1 ? A N1    A DC 1 ? ? 103.09 108.00 -4.91  0.70 N 
6  1 "O4'" A DC 1 ? B "C1'" A DC 1 ? B N1    A DC 1 ? ? 111.01 108.30 2.71   0.30 N 
7  1 "C3'" A DC 1 ? B "O3'" A DC 1 ? B P     A DC 2 ? B 128.26 119.70 8.56   1.20 Y 
8  1 "C3'" A DA 4 ? A "O3'" A DA 4 ? A P     A DC 5 ? A 132.99 119.70 13.29  1.20 Y 
9  1 "O4'" A DC 5 ? B "C1'" A DC 5 ? B "C2'" A DC 5 ? B 112.38 106.80 5.58   0.50 N 
10 1 N1    A DC 5 ? B "C1'" A DC 5 ? B "C2'" A DC 5 ? B 123.76 114.30 9.46   1.40 N 
11 1 "O5'" A DG 6 ? A "C5'" A DG 6 ? A "C4'" A DG 6 ? A 103.49 109.40 -5.91  0.80 N 
12 1 "C5'" A DG 6 ? B "C4'" A DG 6 ? B "C3'" A DG 6 ? B 124.58 115.70 8.88   1.20 N 
13 1 C2    A DG 6 ? ? N3    A DG 6 ? ? C4    A DG 6 ? ? 114.90 111.90 3.00   0.50 N 
14 1 "C3'" A DG 6 ? A "O3'" A DG 6 ? A P     A DT 7 ? A 131.00 119.70 11.30  1.20 Y 
15 1 "O5'" A DT 7 ? B "C5'" A DT 7 ? B "C4'" A DT 7 ? B 103.99 109.40 -5.41  0.80 N 
16 1 "O5'" A DT 8 ? A "C5'" A DT 8 ? A "C4'" A DT 8 ? A 102.25 109.40 -7.15  0.80 N 
# 
loop_
_pdbx_validate_planes.id 
_pdbx_validate_planes.PDB_model_num 
_pdbx_validate_planes.auth_comp_id 
_pdbx_validate_planes.auth_asym_id 
_pdbx_validate_planes.auth_seq_id 
_pdbx_validate_planes.PDB_ins_code 
_pdbx_validate_planes.label_alt_id 
_pdbx_validate_planes.rmsd 
_pdbx_validate_planes.type 
1 1 DC A 1 ? A 0.085 'SIDE CHAIN' 
2 1 DA A 3 ? ? 0.063 'SIDE CHAIN' 
3 1 DG A 6 ? A 0.068 'SIDE CHAIN' 
4 1 DT A 7 ? A 0.085 'SIDE CHAIN' 
5 1 DG A 9 ? ? 0.061 'SIDE CHAIN' 
# 
loop_
_chem_comp_atom.comp_id 
_chem_comp_atom.atom_id 
_chem_comp_atom.type_symbol 
_chem_comp_atom.pdbx_aromatic_flag 
_chem_comp_atom.pdbx_stereo_config 
_chem_comp_atom.pdbx_ordinal 
CA  CA     CA N N 1   
DA  OP3    O  N N 2   
DA  P      P  N N 3   
DA  OP1    O  N N 4   
DA  OP2    O  N N 5   
DA  "O5'"  O  N N 6   
DA  "C5'"  C  N N 7   
DA  "C4'"  C  N R 8   
DA  "O4'"  O  N N 9   
DA  "C3'"  C  N S 10  
DA  "O3'"  O  N N 11  
DA  "C2'"  C  N N 12  
DA  "C1'"  C  N R 13  
DA  N9     N  Y N 14  
DA  C8     C  Y N 15  
DA  N7     N  Y N 16  
DA  C5     C  Y N 17  
DA  C6     C  Y N 18  
DA  N6     N  N N 19  
DA  N1     N  Y N 20  
DA  C2     C  Y N 21  
DA  N3     N  Y N 22  
DA  C4     C  Y N 23  
DA  HOP3   H  N N 24  
DA  HOP2   H  N N 25  
DA  "H5'"  H  N N 26  
DA  "H5''" H  N N 27  
DA  "H4'"  H  N N 28  
DA  "H3'"  H  N N 29  
DA  "HO3'" H  N N 30  
DA  "H2'"  H  N N 31  
DA  "H2''" H  N N 32  
DA  "H1'"  H  N N 33  
DA  H8     H  N N 34  
DA  H61    H  N N 35  
DA  H62    H  N N 36  
DA  H2     H  N N 37  
DC  OP3    O  N N 38  
DC  P      P  N N 39  
DC  OP1    O  N N 40  
DC  OP2    O  N N 41  
DC  "O5'"  O  N N 42  
DC  "C5'"  C  N N 43  
DC  "C4'"  C  N R 44  
DC  "O4'"  O  N N 45  
DC  "C3'"  C  N S 46  
DC  "O3'"  O  N N 47  
DC  "C2'"  C  N N 48  
DC  "C1'"  C  N R 49  
DC  N1     N  N N 50  
DC  C2     C  N N 51  
DC  O2     O  N N 52  
DC  N3     N  N N 53  
DC  C4     C  N N 54  
DC  N4     N  N N 55  
DC  C5     C  N N 56  
DC  C6     C  N N 57  
DC  HOP3   H  N N 58  
DC  HOP2   H  N N 59  
DC  "H5'"  H  N N 60  
DC  "H5''" H  N N 61  
DC  "H4'"  H  N N 62  
DC  "H3'"  H  N N 63  
DC  "HO3'" H  N N 64  
DC  "H2'"  H  N N 65  
DC  "H2''" H  N N 66  
DC  "H1'"  H  N N 67  
DC  H41    H  N N 68  
DC  H42    H  N N 69  
DC  H5     H  N N 70  
DC  H6     H  N N 71  
DG  OP3    O  N N 72  
DG  P      P  N N 73  
DG  OP1    O  N N 74  
DG  OP2    O  N N 75  
DG  "O5'"  O  N N 76  
DG  "C5'"  C  N N 77  
DG  "C4'"  C  N R 78  
DG  "O4'"  O  N N 79  
DG  "C3'"  C  N S 80  
DG  "O3'"  O  N N 81  
DG  "C2'"  C  N N 82  
DG  "C1'"  C  N R 83  
DG  N9     N  Y N 84  
DG  C8     C  Y N 85  
DG  N7     N  Y N 86  
DG  C5     C  Y N 87  
DG  C6     C  N N 88  
DG  O6     O  N N 89  
DG  N1     N  N N 90  
DG  C2     C  N N 91  
DG  N2     N  N N 92  
DG  N3     N  N N 93  
DG  C4     C  Y N 94  
DG  HOP3   H  N N 95  
DG  HOP2   H  N N 96  
DG  "H5'"  H  N N 97  
DG  "H5''" H  N N 98  
DG  "H4'"  H  N N 99  
DG  "H3'"  H  N N 100 
DG  "HO3'" H  N N 101 
DG  "H2'"  H  N N 102 
DG  "H2''" H  N N 103 
DG  "H1'"  H  N N 104 
DG  H8     H  N N 105 
DG  H1     H  N N 106 
DG  H21    H  N N 107 
DG  H22    H  N N 108 
DT  OP3    O  N N 109 
DT  P      P  N N 110 
DT  OP1    O  N N 111 
DT  OP2    O  N N 112 
DT  "O5'"  O  N N 113 
DT  "C5'"  C  N N 114 
DT  "C4'"  C  N R 115 
DT  "O4'"  O  N N 116 
DT  "C3'"  C  N S 117 
DT  "O3'"  O  N N 118 
DT  "C2'"  C  N N 119 
DT  "C1'"  C  N R 120 
DT  N1     N  N N 121 
DT  C2     C  N N 122 
DT  O2     O  N N 123 
DT  N3     N  N N 124 
DT  C4     C  N N 125 
DT  O4     O  N N 126 
DT  C5     C  N N 127 
DT  C7     C  N N 128 
DT  C6     C  N N 129 
DT  HOP3   H  N N 130 
DT  HOP2   H  N N 131 
DT  "H5'"  H  N N 132 
DT  "H5''" H  N N 133 
DT  "H4'"  H  N N 134 
DT  "H3'"  H  N N 135 
DT  "HO3'" H  N N 136 
DT  "H2'"  H  N N 137 
DT  "H2''" H  N N 138 
DT  "H1'"  H  N N 139 
DT  H3     H  N N 140 
DT  H71    H  N N 141 
DT  H72    H  N N 142 
DT  H73    H  N N 143 
DT  H6     H  N N 144 
EOH C1     C  N N 145 
EOH C2     C  N N 146 
EOH O      O  N N 147 
EOH H11    H  N N 148 
EOH H12    H  N N 149 
EOH H21    H  N N 150 
EOH H22    H  N N 151 
EOH H23    H  N N 152 
EOH HO     H  N N 153 
HOH O      O  N N 154 
HOH H1     H  N N 155 
HOH H2     H  N N 156 
# 
loop_
_chem_comp_bond.comp_id 
_chem_comp_bond.atom_id_1 
_chem_comp_bond.atom_id_2 
_chem_comp_bond.value_order 
_chem_comp_bond.pdbx_aromatic_flag 
_chem_comp_bond.pdbx_stereo_config 
_chem_comp_bond.pdbx_ordinal 
DA  OP3   P      sing N N 1   
DA  OP3   HOP3   sing N N 2   
DA  P     OP1    doub N N 3   
DA  P     OP2    sing N N 4   
DA  P     "O5'"  sing N N 5   
DA  OP2   HOP2   sing N N 6   
DA  "O5'" "C5'"  sing N N 7   
DA  "C5'" "C4'"  sing N N 8   
DA  "C5'" "H5'"  sing N N 9   
DA  "C5'" "H5''" sing N N 10  
DA  "C4'" "O4'"  sing N N 11  
DA  "C4'" "C3'"  sing N N 12  
DA  "C4'" "H4'"  sing N N 13  
DA  "O4'" "C1'"  sing N N 14  
DA  "C3'" "O3'"  sing N N 15  
DA  "C3'" "C2'"  sing N N 16  
DA  "C3'" "H3'"  sing N N 17  
DA  "O3'" "HO3'" sing N N 18  
DA  "C2'" "C1'"  sing N N 19  
DA  "C2'" "H2'"  sing N N 20  
DA  "C2'" "H2''" sing N N 21  
DA  "C1'" N9     sing N N 22  
DA  "C1'" "H1'"  sing N N 23  
DA  N9    C8     sing Y N 24  
DA  N9    C4     sing Y N 25  
DA  C8    N7     doub Y N 26  
DA  C8    H8     sing N N 27  
DA  N7    C5     sing Y N 28  
DA  C5    C6     sing Y N 29  
DA  C5    C4     doub Y N 30  
DA  C6    N6     sing N N 31  
DA  C6    N1     doub Y N 32  
DA  N6    H61    sing N N 33  
DA  N6    H62    sing N N 34  
DA  N1    C2     sing Y N 35  
DA  C2    N3     doub Y N 36  
DA  C2    H2     sing N N 37  
DA  N3    C4     sing Y N 38  
DC  OP3   P      sing N N 39  
DC  OP3   HOP3   sing N N 40  
DC  P     OP1    doub N N 41  
DC  P     OP2    sing N N 42  
DC  P     "O5'"  sing N N 43  
DC  OP2   HOP2   sing N N 44  
DC  "O5'" "C5'"  sing N N 45  
DC  "C5'" "C4'"  sing N N 46  
DC  "C5'" "H5'"  sing N N 47  
DC  "C5'" "H5''" sing N N 48  
DC  "C4'" "O4'"  sing N N 49  
DC  "C4'" "C3'"  sing N N 50  
DC  "C4'" "H4'"  sing N N 51  
DC  "O4'" "C1'"  sing N N 52  
DC  "C3'" "O3'"  sing N N 53  
DC  "C3'" "C2'"  sing N N 54  
DC  "C3'" "H3'"  sing N N 55  
DC  "O3'" "HO3'" sing N N 56  
DC  "C2'" "C1'"  sing N N 57  
DC  "C2'" "H2'"  sing N N 58  
DC  "C2'" "H2''" sing N N 59  
DC  "C1'" N1     sing N N 60  
DC  "C1'" "H1'"  sing N N 61  
DC  N1    C2     sing N N 62  
DC  N1    C6     sing N N 63  
DC  C2    O2     doub N N 64  
DC  C2    N3     sing N N 65  
DC  N3    C4     doub N N 66  
DC  C4    N4     sing N N 67  
DC  C4    C5     sing N N 68  
DC  N4    H41    sing N N 69  
DC  N4    H42    sing N N 70  
DC  C5    C6     doub N N 71  
DC  C5    H5     sing N N 72  
DC  C6    H6     sing N N 73  
DG  OP3   P      sing N N 74  
DG  OP3   HOP3   sing N N 75  
DG  P     OP1    doub N N 76  
DG  P     OP2    sing N N 77  
DG  P     "O5'"  sing N N 78  
DG  OP2   HOP2   sing N N 79  
DG  "O5'" "C5'"  sing N N 80  
DG  "C5'" "C4'"  sing N N 81  
DG  "C5'" "H5'"  sing N N 82  
DG  "C5'" "H5''" sing N N 83  
DG  "C4'" "O4'"  sing N N 84  
DG  "C4'" "C3'"  sing N N 85  
DG  "C4'" "H4'"  sing N N 86  
DG  "O4'" "C1'"  sing N N 87  
DG  "C3'" "O3'"  sing N N 88  
DG  "C3'" "C2'"  sing N N 89  
DG  "C3'" "H3'"  sing N N 90  
DG  "O3'" "HO3'" sing N N 91  
DG  "C2'" "C1'"  sing N N 92  
DG  "C2'" "H2'"  sing N N 93  
DG  "C2'" "H2''" sing N N 94  
DG  "C1'" N9     sing N N 95  
DG  "C1'" "H1'"  sing N N 96  
DG  N9    C8     sing Y N 97  
DG  N9    C4     sing Y N 98  
DG  C8    N7     doub Y N 99  
DG  C8    H8     sing N N 100 
DG  N7    C5     sing Y N 101 
DG  C5    C6     sing N N 102 
DG  C5    C4     doub Y N 103 
DG  C6    O6     doub N N 104 
DG  C6    N1     sing N N 105 
DG  N1    C2     sing N N 106 
DG  N1    H1     sing N N 107 
DG  C2    N2     sing N N 108 
DG  C2    N3     doub N N 109 
DG  N2    H21    sing N N 110 
DG  N2    H22    sing N N 111 
DG  N3    C4     sing N N 112 
DT  OP3   P      sing N N 113 
DT  OP3   HOP3   sing N N 114 
DT  P     OP1    doub N N 115 
DT  P     OP2    sing N N 116 
DT  P     "O5'"  sing N N 117 
DT  OP2   HOP2   sing N N 118 
DT  "O5'" "C5'"  sing N N 119 
DT  "C5'" "C4'"  sing N N 120 
DT  "C5'" "H5'"  sing N N 121 
DT  "C5'" "H5''" sing N N 122 
DT  "C4'" "O4'"  sing N N 123 
DT  "C4'" "C3'"  sing N N 124 
DT  "C4'" "H4'"  sing N N 125 
DT  "O4'" "C1'"  sing N N 126 
DT  "C3'" "O3'"  sing N N 127 
DT  "C3'" "C2'"  sing N N 128 
DT  "C3'" "H3'"  sing N N 129 
DT  "O3'" "HO3'" sing N N 130 
DT  "C2'" "C1'"  sing N N 131 
DT  "C2'" "H2'"  sing N N 132 
DT  "C2'" "H2''" sing N N 133 
DT  "C1'" N1     sing N N 134 
DT  "C1'" "H1'"  sing N N 135 
DT  N1    C2     sing N N 136 
DT  N1    C6     sing N N 137 
DT  C2    O2     doub N N 138 
DT  C2    N3     sing N N 139 
DT  N3    C4     sing N N 140 
DT  N3    H3     sing N N 141 
DT  C4    O4     doub N N 142 
DT  C4    C5     sing N N 143 
DT  C5    C7     sing N N 144 
DT  C5    C6     doub N N 145 
DT  C7    H71    sing N N 146 
DT  C7    H72    sing N N 147 
DT  C7    H73    sing N N 148 
DT  C6    H6     sing N N 149 
EOH C1    C2     sing N N 150 
EOH C1    O      sing N N 151 
EOH C1    H11    sing N N 152 
EOH C1    H12    sing N N 153 
EOH C2    H21    sing N N 154 
EOH C2    H22    sing N N 155 
EOH C2    H23    sing N N 156 
EOH O     HO     sing N N 157 
HOH O     H1     sing N N 158 
HOH O     H2     sing N N 159 
# 
_ndb_struct_conf_na.entry_id   1EN8 
_ndb_struct_conf_na.feature    'b-form double helix' 
# 
loop_
_ndb_struct_na_base_pair.model_number 
_ndb_struct_na_base_pair.i_label_asym_id 
_ndb_struct_na_base_pair.i_label_comp_id 
_ndb_struct_na_base_pair.i_label_seq_id 
_ndb_struct_na_base_pair.i_symmetry 
_ndb_struct_na_base_pair.j_label_asym_id 
_ndb_struct_na_base_pair.j_label_comp_id 
_ndb_struct_na_base_pair.j_label_seq_id 
_ndb_struct_na_base_pair.j_symmetry 
_ndb_struct_na_base_pair.shear 
_ndb_struct_na_base_pair.stretch 
_ndb_struct_na_base_pair.stagger 
_ndb_struct_na_base_pair.buckle 
_ndb_struct_na_base_pair.propeller 
_ndb_struct_na_base_pair.opening 
_ndb_struct_na_base_pair.pair_number 
_ndb_struct_na_base_pair.pair_name 
_ndb_struct_na_base_pair.i_auth_asym_id 
_ndb_struct_na_base_pair.i_auth_seq_id 
_ndb_struct_na_base_pair.i_PDB_ins_code 
_ndb_struct_na_base_pair.j_auth_asym_id 
_ndb_struct_na_base_pair.j_auth_seq_id 
_ndb_struct_na_base_pair.j_PDB_ins_code 
_ndb_struct_na_base_pair.hbond_type_28 
_ndb_struct_na_base_pair.hbond_type_12 
1 A DC 1  1_555 A DG 10 2_656 0.176  -0.156 0.054  -6.288 -15.327 0.956  1  A_DC1:DG10_A A 1  ? A 10 ? 19 1 
1 A DC 2  1_555 A DG 9  2_656 0.313  -0.181 0.068  -0.330 -10.116 -1.463 2  A_DC2:DG9_A  A 2  ? A 9  ? 19 1 
1 A DA 3  1_555 A DT 8  2_656 -0.063 -0.156 0.138  -1.543 -7.378  2.629  3  A_DA3:DT8_A  A 3  ? A 8  ? 20 1 
1 A DA 4  1_555 A DT 7  2_656 0.065  -0.198 0.119  -0.744 -11.761 1.827  4  A_DA4:DT7_A  A 4  ? A 7  ? 20 1 
1 A DC 5  1_555 A DG 6  2_656 0.181  -0.249 -0.169 3.044  -2.527  0.058  5  A_DC5:DG6_A  A 5  ? A 6  ? 19 1 
1 A DG 6  1_555 A DC 5  2_656 -0.181 -0.249 -0.169 -3.044 -2.527  0.058  6  A_DG6:DC5_A  A 6  ? A 5  ? 19 1 
1 A DT 7  1_555 A DA 4  2_656 -0.065 -0.198 0.119  0.744  -11.761 1.827  7  A_DT7:DA4_A  A 7  ? A 4  ? 20 1 
1 A DT 8  1_555 A DA 3  2_656 0.063  -0.156 0.138  1.543  -7.378  2.629  8  A_DT8:DA3_A  A 8  ? A 3  ? 20 1 
1 A DG 9  1_555 A DC 2  2_656 -0.313 -0.181 0.068  0.330  -10.116 -1.463 9  A_DG9:DC2_A  A 9  ? A 2  ? 19 1 
1 A DG 10 1_555 A DC 1  2_656 -0.176 -0.156 0.054  6.288  -15.327 0.956  10 A_DG10:DC1_A A 10 ? A 1  ? 19 1 
# 
loop_
_ndb_struct_na_base_pair_step.model_number 
_ndb_struct_na_base_pair_step.i_label_asym_id_1 
_ndb_struct_na_base_pair_step.i_label_comp_id_1 
_ndb_struct_na_base_pair_step.i_label_seq_id_1 
_ndb_struct_na_base_pair_step.i_symmetry_1 
_ndb_struct_na_base_pair_step.j_label_asym_id_1 
_ndb_struct_na_base_pair_step.j_label_comp_id_1 
_ndb_struct_na_base_pair_step.j_label_seq_id_1 
_ndb_struct_na_base_pair_step.j_symmetry_1 
_ndb_struct_na_base_pair_step.i_label_asym_id_2 
_ndb_struct_na_base_pair_step.i_label_comp_id_2 
_ndb_struct_na_base_pair_step.i_label_seq_id_2 
_ndb_struct_na_base_pair_step.i_symmetry_2 
_ndb_struct_na_base_pair_step.j_label_asym_id_2 
_ndb_struct_na_base_pair_step.j_label_comp_id_2 
_ndb_struct_na_base_pair_step.j_label_seq_id_2 
_ndb_struct_na_base_pair_step.j_symmetry_2 
_ndb_struct_na_base_pair_step.shift 
_ndb_struct_na_base_pair_step.slide 
_ndb_struct_na_base_pair_step.rise 
_ndb_struct_na_base_pair_step.tilt 
_ndb_struct_na_base_pair_step.roll 
_ndb_struct_na_base_pair_step.twist 
_ndb_struct_na_base_pair_step.x_displacement 
_ndb_struct_na_base_pair_step.y_displacement 
_ndb_struct_na_base_pair_step.helical_rise 
_ndb_struct_na_base_pair_step.inclination 
_ndb_struct_na_base_pair_step.tip 
_ndb_struct_na_base_pair_step.helical_twist 
_ndb_struct_na_base_pair_step.step_number 
_ndb_struct_na_base_pair_step.step_name 
_ndb_struct_na_base_pair_step.i_auth_asym_id_1 
_ndb_struct_na_base_pair_step.i_auth_seq_id_1 
_ndb_struct_na_base_pair_step.i_PDB_ins_code_1 
_ndb_struct_na_base_pair_step.j_auth_asym_id_1 
_ndb_struct_na_base_pair_step.j_auth_seq_id_1 
_ndb_struct_na_base_pair_step.j_PDB_ins_code_1 
_ndb_struct_na_base_pair_step.i_auth_asym_id_2 
_ndb_struct_na_base_pair_step.i_auth_seq_id_2 
_ndb_struct_na_base_pair_step.i_PDB_ins_code_2 
_ndb_struct_na_base_pair_step.j_auth_asym_id_2 
_ndb_struct_na_base_pair_step.j_auth_seq_id_2 
_ndb_struct_na_base_pair_step.j_PDB_ins_code_2 
1 A DC 1 1_555 A DG 10 2_656 A DC 2  1_555 A DG 9 2_656 -0.707 0.749  3.213 2.806  10.858 28.459 -0.768 1.908  3.195 21.081  
-5.448 30.546 1 AA_DC1DC2:DG9DG10_AA A 1 ? A 10 ? A 2  ? A 9 ? 
1 A DC 2 1_555 A DG 9  2_656 A DA 3  1_555 A DT 8 2_656 0.325  2.960  3.257 -1.266 -8.856 49.909 4.035  -0.462 2.720 -10.399 1.487 
50.654 2 AA_DC2DA3:DT8DG9_AA  A 2 ? A 9  ? A 3  ? A 8 ? 
1 A DA 3 1_555 A DT 8  2_656 A DA 4  1_555 A DT 7 2_656 0.224  0.121  3.339 -1.688 8.592  29.542 -1.493 -0.760 3.228 16.402  3.223 
30.785 3 AA_DA3DA4:DT7DT8_AA  A 3 ? A 8  ? A 4  ? A 7 ? 
1 A DA 4 1_555 A DT 7  2_656 A DC 5  1_555 A DG 6 2_656 0.296  -0.412 3.226 3.040  3.890  30.902 -1.488 0.017  3.166 7.243   
-5.660 31.285 4 AA_DA4DC5:DG6DT7_AA  A 4 ? A 7  ? A 5  ? A 6 ? 
1 A DC 5 1_555 A DG 6  2_656 A DG 6  1_555 A DC 5 2_656 0.000  1.105  3.430 0.000  2.121  42.373 1.299  0.000  3.478 2.932   0.000 
42.423 5 AA_DC5DG6:DC5DG6_AA  A 5 ? A 6  ? A 6  ? A 5 ? 
1 A DG 6 1_555 A DC 5  2_656 A DT 7  1_555 A DA 4 2_656 -0.296 -0.412 3.226 -3.040 3.890  30.902 -1.488 -0.017 3.166 7.243   5.660 
31.285 6 AA_DG6DT7:DA4DC5_AA  A 6 ? A 5  ? A 7  ? A 4 ? 
1 A DT 7 1_555 A DA 4  2_656 A DT 8  1_555 A DA 3 2_656 -0.224 0.121  3.339 1.689  8.592  29.542 -1.493 0.760  3.228 16.402  
-3.223 30.785 7 AA_DT7DT8:DA3DA4_AA  A 7 ? A 4  ? A 8  ? A 3 ? 
1 A DT 8 1_555 A DA 3  2_656 A DG 9  1_555 A DC 2 2_656 -0.325 2.960  3.257 1.266  -8.856 49.909 4.035  0.462  2.720 -10.399 
-1.487 50.654 8 AA_DT8DG9:DC2DA3_AA  A 8 ? A 3  ? A 9  ? A 2 ? 
1 A DG 9 1_555 A DC 2  2_656 A DG 10 1_555 A DC 1 2_656 0.707  0.749  3.213 -2.806 10.858 28.459 -0.768 -1.908 3.195 21.081  5.448 
30.546 9 AA_DG9DG10:DC1DC2_AA A 9 ? A 2  ? A 10 ? A 1 ? 
# 
_pdbx_initial_refinement_model.accession_code   5DNB 
_pdbx_initial_refinement_model.id               1 
_pdbx_initial_refinement_model.entity_id_list   ? 
_pdbx_initial_refinement_model.type             'experimental model' 
_pdbx_initial_refinement_model.source_name      PDB 
_pdbx_initial_refinement_model.details          BDJ019 
# 
_atom_sites.entry_id                    1EN8 
_atom_sites.fract_transf_matrix[1][1]   -0.00459014 
_atom_sites.fract_transf_matrix[1][2]   -0.02253330 
_atom_sites.fract_transf_matrix[1][3]   -0.02586539 
_atom_sites.fract_transf_matrix[2][1]   -0.01949711 
_atom_sites.fract_transf_matrix[2][2]   0.02783708 
_atom_sites.fract_transf_matrix[2][3]   -0.02079098 
_atom_sites.fract_transf_matrix[3][1]   0.02344293 
_atom_sites.fract_transf_matrix[3][2]   -0.00015505 
_atom_sites.fract_transf_matrix[3][3]   -0.02219162 
_atom_sites.fract_transf_vector[1]      0.484731 
_atom_sites.fract_transf_vector[2]      0.481985 
_atom_sites.fract_transf_vector[3]      0.488540 
# 
loop_
_atom_type.symbol 
C  
CA 
H  
N  
O  
P  
# 
loop_
_atom_site.group_PDB 
_atom_site.id 
_atom_site.type_symbol 
_atom_site.label_atom_id 
_atom_site.label_alt_id 
_atom_site.label_comp_id 
_atom_site.label_asym_id 
_atom_site.label_entity_id 
_atom_site.label_seq_id 
_atom_site.pdbx_PDB_ins_code 
_atom_site.Cartn_x 
_atom_site.Cartn_y 
_atom_site.Cartn_z 
_atom_site.occupancy 
_atom_site.B_iso_or_equiv 
_atom_site.pdbx_formal_charge 
_atom_site.auth_seq_id 
_atom_site.auth_comp_id 
_atom_site.auth_asym_id 
_atom_site.auth_atom_id 
_atom_site.pdbx_PDB_model_num 
ATOM   1   O  "O5'"  A DC  A 1 1  ? -17.980 -7.818  0.426   0.50 9.76  ? 1    DC  A "O5'"  1 
ATOM   2   O  "O5'"  B DC  A 1 1  ? -17.551 -8.401  0.147   0.50 10.69 ? 1    DC  A "O5'"  1 
ATOM   3   C  "C5'"  A DC  A 1 1  ? -17.116 -7.167  -0.482  0.50 7.67  ? 1    DC  A "C5'"  1 
ATOM   4   C  "C5'"  B DC  A 1 1  ? -16.536 -7.594  -0.412  0.50 9.08  ? 1    DC  A "C5'"  1 
ATOM   5   C  "C4'"  A DC  A 1 1  ? -16.694 -5.902  0.235   0.50 6.54  ? 1    DC  A "C4'"  1 
ATOM   6   C  "C4'"  B DC  A 1 1  ? -16.693 -6.203  0.131   0.50 6.32  ? 1    DC  A "C4'"  1 
ATOM   7   O  "O4'"  A DC  A 1 1  ? -15.797 -6.563  1.130   0.50 6.56  ? 1    DC  A "O4'"  1 
ATOM   8   O  "O4'"  B DC  A 1 1  ? -16.317 -6.095  1.478   0.50 5.50  ? 1    DC  A "O4'"  1 
ATOM   9   C  "C3'"  A DC  A 1 1  ? -15.528 -5.079  -0.437  0.50 7.06  ? 1    DC  A "C3'"  1 
ATOM   10  C  "C3'"  B DC  A 1 1  ? -15.778 -5.256  -0.665  0.50 5.98  ? 1    DC  A "C3'"  1 
ATOM   11  O  "O3'"  A DC  A 1 1  ? -16.259 -4.072  -1.142  0.50 5.43  ? 1    DC  A "O3'"  1 
ATOM   12  O  "O3'"  B DC  A 1 1  ? -16.463 -4.010  -0.671  0.50 5.66  ? 1    DC  A "O3'"  1 
ATOM   13  C  "C2'"  A DC  A 1 1  ? -14.686 -4.590  0.739   0.50 6.37  ? 1    DC  A "C2'"  1 
ATOM   14  C  "C2'"  B DC  A 1 1  ? -14.581 -5.047  0.276   0.50 5.39  ? 1    DC  A "C2'"  1 
ATOM   15  C  "C1'"  A DC  A 1 1  ? -15.300 -5.432  1.847   0.50 5.48  ? 1    DC  A "C1'"  1 
ATOM   16  C  "C1'"  B DC  A 1 1  ? -15.112 -5.366  1.656   0.50 5.75  ? 1    DC  A "C1'"  1 
ATOM   17  N  N1     . DC  A 1 1  ? -14.253 -6.003  2.678   1.00 5.14  ? 1    DC  A N1     1 
ATOM   18  C  C2     . DC  A 1 1  ? -13.995 -5.328  3.861   1.00 4.42  ? 1    DC  A C2     1 
ATOM   19  O  O2     . DC  A 1 1  ? -14.452 -4.181  4.029   1.00 5.67  ? 1    DC  A O2     1 
ATOM   20  N  N3     . DC  A 1 1  ? -13.200 -5.929  4.746   1.00 3.92  ? 1    DC  A N3     1 
ATOM   21  C  C4     . DC  A 1 1  ? -12.689 -7.135  4.496   1.00 4.07  ? 1    DC  A C4     1 
ATOM   22  N  N4     . DC  A 1 1  ? -11.938 -7.713  5.419   1.00 4.05  ? 1    DC  A N4     1 
ATOM   23  C  C5     . DC  A 1 1  ? -12.900 -7.782  3.270   1.00 4.57  ? 1    DC  A C5     1 
ATOM   24  C  C6     . DC  A 1 1  ? -13.668 -7.184  2.372   1.00 5.29  ? 1    DC  A C6     1 
ATOM   25  H  "H5'"  A DC  A 1 1  ? -17.588 -6.954  -1.326  0.50 9.20  ? 1    DC  A "H5'"  1 
ATOM   26  H  "H5'"  B DC  A 1 1  ? -16.615 -7.584  -1.399  0.50 10.89 ? 1    DC  A "H5'"  1 
ATOM   27  H  "H5''" A DC  A 1 1  ? -16.331 -7.734  -0.689  0.50 9.20  ? 1    DC  A "H5''" 1 
ATOM   28  H  "H5''" B DC  A 1 1  ? -15.645 -7.954  -0.173  0.50 10.89 ? 1    DC  A "H5''" 1 
ATOM   29  H  "H4'"  A DC  A 1 1  ? -17.426 -5.368  0.657   0.50 7.84  ? 1    DC  A "H4'"  1 
ATOM   30  H  "H4'"  B DC  A 1 1  ? -17.644 -5.912  0.028   0.50 7.59  ? 1    DC  A "H4'"  1 
ATOM   31  H  "H3'"  A DC  A 1 1  ? -14.992 -5.647  -1.062  0.50 8.47  ? 1    DC  A "H3'"  1 
ATOM   32  H  "H3'"  B DC  A 1 1  ? -15.532 -5.592  -1.573  0.50 7.17  ? 1    DC  A "H3'"  1 
ATOM   33  H  "H2'"  A DC  A 1 1  ? -13.724 -4.789  0.613   0.50 7.64  ? 1    DC  A "H2'"  1 
ATOM   34  H  "H2'"  B DC  A 1 1  ? -13.836 -5.654  0.037   0.50 6.47  ? 1    DC  A "H2'"  1 
ATOM   35  H  "H2''" A DC  A 1 1  ? -14.805 -3.620  0.901   0.50 7.64  ? 1    DC  A "H2''" 1 
ATOM   36  H  "H2''" B DC  A 1 1  ? -14.258 -4.112  0.230   0.50 6.47  ? 1    DC  A "H2''" 1 
ATOM   37  H  "H1'"  A DC  A 1 1  ? -16.005 -4.951  2.369   0.50 6.58  ? 1    DC  A "H1'"  1 
ATOM   38  H  "H1'"  B DC  A 1 1  ? -15.388 -4.487  2.046   0.50 6.90  ? 1    DC  A "H1'"  1 
ATOM   39  H  H41    . DC  A 1 1  ? -11.785 -7.302  6.182   1.00 4.86  ? 1    DC  A H41    1 
ATOM   40  H  H42    . DC  A 1 1  ? -11.594 -8.509  5.270   1.00 4.86  ? 1    DC  A H42    1 
ATOM   41  H  H5     . DC  A 1 1  ? -12.503 -8.625  3.089   1.00 5.48  ? 1    DC  A H5     1 
ATOM   42  H  H6     . DC  A 1 1  ? -13.807 -7.580  1.520   1.00 6.34  ? 1    DC  A H6     1 
ATOM   43  H  "HO5'" A DC  A 1 1  ? -17.889 -7.480  1.190   0.50 14.63 ? 1    DC  A "HO5'" 1 
ATOM   44  H  "HO5'" B DC  A 1 1  ? -18.250 -8.332  -0.315  0.50 16.03 ? 1    DC  A "HO5'" 1 
ATOM   45  P  P      A DC  A 1 2  ? -15.533 -3.218  -2.287  0.50 5.45  ? 2    DC  A P      1 
ATOM   46  P  P      B DC  A 1 2  ? -16.352 -2.832  -1.730  0.50 4.30  ? 2    DC  A P      1 
ATOM   47  O  OP1    A DC  A 1 2  ? -16.629 -2.472  -2.980  0.50 7.58  ? 2    DC  A OP1    1 
ATOM   48  O  OP1    B DC  A 1 2  ? -17.705 -2.247  -1.563  0.50 8.07  ? 2    DC  A OP1    1 
ATOM   49  O  OP2    A DC  A 1 2  ? -14.555 -4.053  -2.986  0.50 6.76  ? 2    DC  A OP2    1 
ATOM   50  O  OP2    B DC  A 1 2  ? -15.862 -3.410  -3.025  0.50 6.27  ? 2    DC  A OP2    1 
ATOM   51  O  "O5'"  A DC  A 1 2  ? -14.675 -2.193  -1.453  0.50 4.83  ? 2    DC  A "O5'"  1 
ATOM   52  O  "O5'"  B DC  A 1 2  ? -15.237 -1.857  -1.173  0.50 4.26  ? 2    DC  A "O5'"  1 
ATOM   53  C  "C5'"  A DC  A 1 2  ? -15.317 -1.169  -0.734  0.50 4.70  ? 2    DC  A "C5'"  1 
ATOM   54  C  "C5'"  B DC  A 1 2  ? -15.558 -0.873  -0.212  0.50 5.67  ? 2    DC  A "C5'"  1 
ATOM   55  C  "C4'"  A DC  A 1 2  ? -14.325 -0.344  0.052   0.50 4.84  ? 2    DC  A "C4'"  1 
ATOM   56  C  "C4'"  B DC  A 1 2  ? -14.276 -0.198  0.195   0.50 5.01  ? 2    DC  A "C4'"  1 
ATOM   57  O  "O4'"  . DC  A 1 2  ? -13.543 -1.123  1.029   1.00 4.41  ? 2    DC  A "O4'"  1 
ATOM   58  C  "C3'"  . DC  A 1 2  ? -13.269 0.231   -0.903  1.00 5.21  ? 2    DC  A "C3'"  1 
ATOM   59  O  "O3'"  . DC  A 1 2  ? -12.761 1.492   -0.493  1.00 4.78  ? 2    DC  A "O3'"  1 
ATOM   60  C  "C2'"  . DC  A 1 2  ? -12.181 -0.786  -0.782  1.00 4.55  ? 2    DC  A "C2'"  1 
ATOM   61  C  "C1'"  . DC  A 1 2  ? -12.178 -1.040  0.692   1.00 3.68  ? 2    DC  A "C1'"  1 
ATOM   62  N  N1     . DC  A 1 2  ? -11.541 -2.241  1.200   1.00 3.66  ? 2    DC  A N1     1 
ATOM   63  C  C2     . DC  A 1 2  ? -11.150 -2.249  2.527   1.00 3.43  ? 2    DC  A C2     1 
ATOM   64  O  O2     . DC  A 1 2  ? -11.257 -1.234  3.211   1.00 4.16  ? 2    DC  A O2     1 
ATOM   65  N  N3     . DC  A 1 2  ? -10.652 -3.391  3.101   1.00 3.63  ? 2    DC  A N3     1 
ATOM   66  C  C4     . DC  A 1 2  ? -10.576 -4.493  2.339   1.00 3.95  ? 2    DC  A C4     1 
ATOM   67  N  N4     . DC  A 1 2  ? -10.115 -5.566  2.934   1.00 4.03  ? 2    DC  A N4     1 
ATOM   68  C  C5     . DC  A 1 2  ? -10.919 -4.518  0.966   1.00 4.43  ? 2    DC  A C5     1 
ATOM   69  C  C6     . DC  A 1 2  ? -11.396 -3.376  0.458   1.00 4.55  ? 2    DC  A C6     1 
ATOM   70  H  "H5'"  A DC  A 1 2  ? -15.977 -1.567  -0.114  0.50 5.64  ? 2    DC  A "H5'"  1 
ATOM   71  H  "H5'"  B DC  A 1 2  ? -15.988 -1.292  0.575   0.50 6.80  ? 2    DC  A "H5'"  1 
ATOM   72  H  "H5''" A DC  A 1 2  ? -15.804 -0.582  -1.365  0.50 5.64  ? 2    DC  A "H5''" 1 
ATOM   73  H  "H5''" B DC  A 1 2  ? -16.186 -0.211  -0.597  0.50 6.80  ? 2    DC  A "H5''" 1 
ATOM   74  H  "H4'"  A DC  A 1 2  ? -14.801 0.402   0.518   0.50 5.80  ? 2    DC  A "H4'"  1 
ATOM   75  H  "H4'"  B DC  A 1 2  ? -14.505 0.606   0.743   0.50 6.01  ? 2    DC  A "H4'"  1 
ATOM   76  H  "H3'"  . DC  A 1 2  ? -13.617 0.274   -1.840  1.00 6.25  ? 2    DC  A "H3'"  1 
ATOM   77  H  "H2'"  . DC  A 1 2  ? -12.395 -1.607  -1.290  1.00 5.46  ? 2    DC  A "H2'"  1 
ATOM   78  H  "H2''" . DC  A 1 2  ? -11.312 -0.427  -1.089  1.00 5.46  ? 2    DC  A "H2''" 1 
ATOM   79  H  "H1'"  . DC  A 1 2  ? -11.782 -0.247  1.154   1.00 4.42  ? 2    DC  A "H1'"  1 
ATOM   80  H  H41    . DC  A 1 2  ? -9.878  -5.533  3.781   1.00 4.83  ? 2    DC  A H41    1 
ATOM   81  H  H42    . DC  A 1 2  ? -10.043 -6.321  2.486   1.00 4.83  ? 2    DC  A H42    1 
ATOM   82  H  H5     . DC  A 1 2  ? -10.816 -5.299  0.436   1.00 5.32  ? 2    DC  A H5     1 
ATOM   83  H  H6     . DC  A 1 2  ? -11.644 -3.354  -0.459  1.00 5.46  ? 2    DC  A H6     1 
ATOM   84  P  P      . DA  A 1 3  ? -13.291 2.819   -1.137  1.00 5.80  ? 3    DA  A P      1 
ATOM   85  O  OP1    . DA  A 1 3  ? -14.771 2.819   -1.134  1.00 8.23  ? 3    DA  A OP1    1 
ATOM   86  O  OP2    . DA  A 1 3  ? -12.579 3.103   -2.400  1.00 8.68  ? 3    DA  A OP2    1 
ATOM   87  O  "O5'"  . DA  A 1 3  ? -12.739 3.880   -0.102  1.00 5.65  ? 3    DA  A "O5'"  1 
ATOM   88  C  "C5'"  . DA  A 1 3  ? -13.405 3.997   1.195   1.00 4.85  ? 3    DA  A "C5'"  1 
ATOM   89  C  "C4'"  . DA  A 1 3  ? -12.349 4.332   2.210   1.00 4.29  ? 3    DA  A "C4'"  1 
ATOM   90  O  "O4'"  . DA  A 1 3  ? -11.448 3.236   2.413   1.00 4.18  ? 3    DA  A "O4'"  1 
ATOM   91  C  "C3'"  . DA  A 1 3  ? -11.451 5.519   1.889   1.00 4.10  ? 3    DA  A "C3'"  1 
ATOM   92  O  "O3'"  . DA  A 1 3  ? -11.247 6.134   3.170   1.00 4.13  ? 3    DA  A "O3'"  1 
ATOM   93  C  "C2'"  . DA  A 1 3  ? -10.215 4.893   1.329   1.00 4.88  ? 3    DA  A "C2'"  1 
ATOM   94  C  "C1'"  . DA  A 1 3  ? -10.114 3.582   2.051   1.00 4.58  ? 3    DA  A "C1'"  1 
ATOM   95  N  N9     . DA  A 1 3  ? -9.581  2.462   1.281   1.00 4.10  ? 3    DA  A N9     1 
ATOM   96  C  C8     . DA  A 1 3  ? -9.694  2.211   -0.064  1.00 4.61  ? 3    DA  A C8     1 
ATOM   97  N  N7     . DA  A 1 3  ? -9.276  1.051   -0.405  1.00 4.51  ? 3    DA  A N7     1 
ATOM   98  C  C5     . DA  A 1 3  ? -8.839  0.476   0.749   1.00 4.05  ? 3    DA  A C5     1 
ATOM   99  C  C6     . DA  A 1 3  ? -8.345  -0.797  1.066   1.00 4.54  ? 3    DA  A C6     1 
ATOM   100 N  N6     . DA  A 1 3  ? -8.192  -1.769  0.188   1.00 5.08  ? 3    DA  A N6     1 
ATOM   101 N  N1     . DA  A 1 3  ? -8.036  -1.035  2.357   1.00 4.88  ? 3    DA  A N1     1 
ATOM   102 C  C2     . DA  A 1 3  ? -8.238  -0.085  3.283   1.00 4.36  ? 3    DA  A C2     1 
ATOM   103 N  N3     . DA  A 1 3  ? -8.742  1.126   3.097   1.00 4.30  ? 3    DA  A N3     1 
ATOM   104 C  C4     . DA  A 1 3  ? -9.054  1.332   1.808   1.00 3.88  ? 3    DA  A C4     1 
ATOM   105 H  "H5'"  . DA  A 1 3  ? -13.849 3.144   1.431   1.00 5.82  ? 3    DA  A "H5'"  1 
ATOM   106 H  "H5''" . DA  A 1 3  ? -14.089 4.711   1.164   1.00 5.82  ? 3    DA  A "H5''" 1 
ATOM   107 H  "H4'"  . DA  A 1 3  ? -12.807 4.519   3.079   1.00 5.14  ? 3    DA  A "H4'"  1 
ATOM   108 H  "H3'"  . DA  A 1 3  ? -11.879 6.147   1.239   1.00 4.92  ? 3    DA  A "H3'"  1 
ATOM   109 H  "H2'"  . DA  A 1 3  ? -10.300 4.754   0.352   1.00 5.86  ? 3    DA  A "H2'"  1 
ATOM   110 H  "H2''" . DA  A 1 3  ? -9.421  5.457   1.506   1.00 5.86  ? 3    DA  A "H2''" 1 
ATOM   111 H  "H1'"  . DA  A 1 3  ? -9.568  3.703   2.880   1.00 5.50  ? 3    DA  A "H1'"  1 
ATOM   112 H  H8     . DA  A 1 3  ? -10.049 2.839   -0.682  1.00 5.53  ? 3    DA  A H8     1 
ATOM   113 H  H61    . DA  A 1 3  ? -7.895  -2.555  0.448   1.00 6.09  ? 3    DA  A H61    1 
ATOM   114 H  H62    . DA  A 1 3  ? -8.390  -1.631  -0.659  1.00 6.09  ? 3    DA  A H62    1 
ATOM   115 H  H2     . DA  A 1 3  ? -7.993  -0.306  4.174   1.00 5.23  ? 3    DA  A H2     1 
ATOM   116 P  P      . DA  A 1 4  ? -10.241 7.345   3.400   1.00 4.09  ? 4    DA  A P      1 
ATOM   117 O  OP1    . DA  A 1 4  ? -10.718 8.007   4.663   1.00 5.47  ? 4    DA  A OP1    1 
ATOM   118 O  OP2    . DA  A 1 4  ? -10.083 8.124   2.158   1.00 5.57  ? 4    DA  A OP2    1 
ATOM   119 O  "O5'"  . DA  A 1 4  ? -8.848  6.659   3.677   1.00 4.67  ? 4    DA  A "O5'"  1 
ATOM   120 C  "C5'"  . DA  A 1 4  ? -8.675  5.958   4.912   1.00 5.42  ? 4    DA  A "C5'"  1 
ATOM   121 C  "C4'"  . DA  A 1 4  ? -7.328  5.325   4.992   1.00 6.98  ? 4    DA  A "C4'"  1 
ATOM   122 O  "O4'"  . DA  A 1 4  ? -7.253  4.273   4.014   1.00 6.74  ? 4    DA  A "O4'"  1 
ATOM   123 C  "C3'"  A DA  A 1 4  ? -6.240  6.312   4.592   0.60 7.32  ? 4    DA  A "C3'"  1 
ATOM   124 C  "C3'"  B DA  A 1 4  ? -6.111  6.195   4.795   0.40 7.41  ? 4    DA  A "C3'"  1 
ATOM   125 O  "O3'"  A DA  A 1 4  ? -5.282  6.458   5.606   0.60 6.10  ? 4    DA  A "O3'"  1 
ATOM   126 O  "O3'"  B DA  A 1 4  ? -5.460  5.990   6.057   0.40 8.00  ? 4    DA  A "O3'"  1 
ATOM   127 C  "C2'"  . DA  A 1 4  ? -5.557  5.740   3.441   1.00 8.13  ? 4    DA  A "C2'"  1 
ATOM   128 C  "C1'"  . DA  A 1 4  ? -5.966  4.290   3.510   1.00 6.55  ? 4    DA  A "C1'"  1 
ATOM   129 N  N9     . DA  A 1 4  ? -5.908  3.550   2.281   1.00 6.11  ? 4    DA  A N9     1 
ATOM   130 C  C8     . DA  A 1 4  ? -6.375  3.874   1.040   1.00 7.07  ? 4    DA  A C8     1 
ATOM   131 N  N7     . DA  A 1 4  ? -6.302  2.937   0.120   1.00 6.74  ? 4    DA  A N7     1 
ATOM   132 C  C5     . DA  A 1 4  ? -5.724  1.898   0.841   1.00 5.75  ? 4    DA  A C5     1 
ATOM   133 C  C6     . DA  A 1 4  ? -5.402  0.587   0.473   1.00 6.11  ? 4    DA  A C6     1 
ATOM   134 N  N6     . DA  A 1 4  ? -5.621  0.127   -0.757  1.00 6.44  ? 4    DA  A N6     1 
ATOM   135 N  N1     . DA  A 1 4  ? -4.852  -0.194  1.426   1.00 6.36  ? 4    DA  A N1     1 
ATOM   136 C  C2     . DA  A 1 4  ? -4.693  0.261   2.639   1.00 6.07  ? 4    DA  A C2     1 
ATOM   137 N  N3     . DA  A 1 4  ? -4.990  1.472   3.118   1.00 5.55  ? 4    DA  A N3     1 
ATOM   138 C  C4     . DA  A 1 4  ? -5.512  2.240   2.165   1.00 5.24  ? 4    DA  A C4     1 
ATOM   139 H  "H5'"  . DA  A 1 4  ? -9.371  5.259   4.992   1.00 6.50  ? 4    DA  A "H5'"  1 
ATOM   140 H  "H5''" . DA  A 1 4  ? -8.787  6.589   5.666   1.00 6.50  ? 4    DA  A "H5''" 1 
ATOM   141 H  "H4'"  . DA  A 1 4  ? -7.160  4.966   5.911   1.00 8.38  ? 4    DA  A "H4'"  1 
ATOM   142 H  "H2'"  . DA  A 1 4  ? -5.862  6.159   2.598   1.00 9.76  ? 4    DA  A "H2'"  1 
ATOM   143 H  "H2''" . DA  A 1 4  ? -4.576  5.841   3.519   1.00 9.76  ? 4    DA  A "H2''" 1 
ATOM   144 H  "H1'"  . DA  A 1 4  ? -5.370  3.835   4.172   1.00 7.85  ? 4    DA  A "H1'"  1 
ATOM   145 H  H8     . DA  A 1 4  ? -6.733  4.732   0.850   1.00 8.48  ? 4    DA  A H8     1 
ATOM   146 H  H61    . DA  A 1 4  ? -5.405  -0.702  -0.961  1.00 7.72  ? 4    DA  A H61    1 
ATOM   147 H  H62    . DA  A 1 4  ? -5.980  0.651   -1.366  1.00 7.72  ? 4    DA  A H62    1 
ATOM   148 H  H2     . DA  A 1 4  ? -4.319  -0.349  3.262   1.00 7.29  ? 4    DA  A H2     1 
ATOM   149 P  P      A DC  A 1 5  ? -3.933  7.210   5.682   0.60 6.59  ? 5    DC  A P      1 
ATOM   150 P  P      B DC  A 1 5  ? -4.452  7.068   6.691   0.40 8.00  ? 5    DC  A P      1 
ATOM   151 O  OP1    A DC  A 1 5  ? -3.704  7.670   7.068   0.60 7.74  ? 5    DC  A OP1    1 
ATOM   152 O  OP1    B DC  A 1 5  ? -3.783  6.325   7.793   0.40 11.53 ? 5    DC  A OP1    1 
ATOM   153 O  OP2    A DC  A 1 5  ? -3.851  8.178   4.549   0.60 6.19  ? 5    DC  A OP2    1 
ATOM   154 O  OP2    B DC  A 1 5  ? -5.260  8.237   7.012   0.40 9.13  ? 5    DC  A OP2    1 
ATOM   155 O  "O5'"  A DC  A 1 5  ? -2.857  6.062   5.365   0.60 5.63  ? 5    DC  A "O5'"  1 
ATOM   156 O  "O5'"  B DC  A 1 5  ? -3.471  7.301   5.522   0.40 8.03  ? 5    DC  A "O5'"  1 
ATOM   157 C  "C5'"  A DC  A 1 5  ? -2.719  4.997   6.279   0.60 6.43  ? 5    DC  A "C5'"  1 
ATOM   158 C  "C5'"  B DC  A 1 5  ? -2.186  6.738   5.466   0.40 6.72  ? 5    DC  A "C5'"  1 
ATOM   159 C  "C4'"  A DC  A 1 5  ? -1.662  4.094   5.750   0.60 6.11  ? 5    DC  A "C4'"  1 
ATOM   160 C  "C4'"  B DC  A 1 5  ? -1.974  5.259   5.540   0.40 6.50  ? 5    DC  A "C4'"  1 
ATOM   161 O  "O4'"  A DC  A 1 5  ? -2.130  3.363   4.538   0.60 5.75  ? 5    DC  A "O4'"  1 
ATOM   162 O  "O4'"  B DC  A 1 5  ? -2.765  4.564   4.554   0.40 6.45  ? 5    DC  A "O4'"  1 
ATOM   163 C  "C3'"  A DC  A 1 5  ? -0.375  4.811   5.334   0.60 6.00  ? 5    DC  A "C3'"  1 
ATOM   164 C  "C3'"  B DC  A 1 5  ? -0.519  4.872   5.204   0.40 6.11  ? 5    DC  A "C3'"  1 
ATOM   165 O  "O3'"  A DC  A 1 5  ? 0.759   3.994   5.621   0.60 7.24  ? 5    DC  A "O3'"  1 
ATOM   166 O  "O3'"  B DC  A 1 5  ? 0.252   4.941   6.400   0.40 6.58  ? 5    DC  A "O3'"  1 
ATOM   167 C  "C2'"  A DC  A 1 5  ? -0.527  4.898   3.821   0.60 5.96  ? 5    DC  A "C2'"  1 
ATOM   168 C  "C2'"  B DC  A 1 5  ? -0.634  3.423   4.769   0.40 6.47  ? 5    DC  A "C2'"  1 
ATOM   169 C  "C1'"  A DC  A 1 5  ? -1.110  3.477   3.582   0.60 6.24  ? 5    DC  A "C1'"  1 
ATOM   170 C  "C1'"  B DC  A 1 5  ? -1.980  3.443   4.133   0.40 6.15  ? 5    DC  A "C1'"  1 
ATOM   171 N  N1     A DC  A 1 5  ? -1.679  3.246   2.252   0.60 6.17  ? 5    DC  A N1     1 
ATOM   172 N  N1     B DC  A 1 5  ? -2.202  3.306   2.693   0.40 6.41  ? 5    DC  A N1     1 
ATOM   173 C  C2     A DC  A 1 5  ? -1.575  1.970   1.751   0.60 6.59  ? 5    DC  A C2     1 
ATOM   174 C  C2     B DC  A 1 5  ? -1.949  2.087   2.069   0.40 6.32  ? 5    DC  A C2     1 
ATOM   175 O  O2     A DC  A 1 5  ? -1.021  1.087   2.422   0.60 7.69  ? 5    DC  A O2     1 
ATOM   176 O  O2     B DC  A 1 5  ? -1.544  1.154   2.758   0.40 7.61  ? 5    DC  A O2     1 
ATOM   177 N  N3     A DC  A 1 5  ? -2.091  1.723   0.525   0.60 6.78  ? 5    DC  A N3     1 
ATOM   178 N  N3     B DC  A 1 5  ? -2.137  1.910   0.749   0.40 6.21  ? 5    DC  A N3     1 
ATOM   179 C  C4     A DC  A 1 5  ? -2.679  2.701   -0.163  0.60 6.21  ? 5    DC  A C4     1 
ATOM   180 C  C4     B DC  A 1 5  ? -2.577  2.939   0.032   0.40 6.13  ? 5    DC  A C4     1 
ATOM   181 N  N4     A DC  A 1 5  ? -3.165  2.407   -1.354  0.60 6.67  ? 5    DC  A N4     1 
ATOM   182 N  N4     B DC  A 1 5  ? -2.769  2.782   -1.282  0.40 5.54  ? 5    DC  A N4     1 
ATOM   183 C  C5     A DC  A 1 5  ? -2.793  4.030   0.342   0.60 6.65  ? 5    DC  A C5     1 
ATOM   184 C  C5     B DC  A 1 5  ? -2.852  4.202   0.602   0.40 6.57  ? 5    DC  A C5     1 
ATOM   185 C  C6     A DC  A 1 5  ? -2.283  4.256   1.547   0.60 6.21  ? 5    DC  A C6     1 
ATOM   186 C  C6     B DC  A 1 5  ? -2.659  4.362   1.925   0.40 6.05  ? 5    DC  A C6     1 
ATOM   187 H  "H5'"  A DC  A 1 5  ? -3.575  4.508   6.367   0.60 7.72  ? 5    DC  A "H5'"  1 
ATOM   188 H  "H5'"  B DC  A 1 5  ? -1.662  7.142   6.203   0.40 8.06  ? 5    DC  A "H5'"  1 
ATOM   189 H  "H5''" A DC  A 1 5  ? -2.461  5.341   7.171   0.60 7.72  ? 5    DC  A "H5''" 1 
ATOM   190 H  "H5''" B DC  A 1 5  ? -1.772  7.047   4.621   0.40 8.06  ? 5    DC  A "H5''" 1 
ATOM   191 H  "H4'"  A DC  A 1 5  ? -1.437  3.424   6.456   0.60 7.33  ? 5    DC  A "H4'"  1 
ATOM   192 H  "H4'"  B DC  A 1 5  ? -2.209  4.930   6.454   0.40 7.80  ? 5    DC  A "H4'"  1 
ATOM   193 H  "H3'"  A DC  A 1 5  ? -0.298  5.715   5.754   0.60 7.20  ? 5    DC  A "H3'"  1 
ATOM   194 H  "H3'"  B DC  A 1 5  ? -0.138  5.450   4.482   0.40 7.34  ? 5    DC  A "H3'"  1 
ATOM   195 H  "H2'"  A DC  A 1 5  ? -1.157  5.611   3.550   0.60 7.16  ? 5    DC  A "H2'"  1 
ATOM   196 H  "H2'"  B DC  A 1 5  ? 0.073   3.178   4.121   0.40 7.77  ? 5    DC  A "H2'"  1 
ATOM   197 H  "H2''" A DC  A 1 5  ? 0.342   5.028   3.365   0.60 7.16  ? 5    DC  A "H2''" 1 
ATOM   198 H  "H2''" B DC  A 1 5  ? -0.603  2.805   5.542   0.40 7.77  ? 5    DC  A "H2''" 1 
ATOM   199 H  "H1'"  A DC  A 1 5  ? -0.405  2.793   3.766   0.60 7.48  ? 5    DC  A "H1'"  1 
ATOM   200 H  "H1'"  B DC  A 1 5  ? -2.450  2.654   4.528   0.40 7.39  ? 5    DC  A "H1'"  1 
ATOM   201 H  H41    A DC  A 1 5  ? -3.094  1.588   -1.668  0.60 8.01  ? 5    DC  A H41    1 
ATOM   202 H  H41    B DC  A 1 5  ? -2.605  2.006   -1.662  0.40 6.65  ? 5    DC  A H41    1 
ATOM   203 H  H42    A DC  A 1 5  ? -3.558  3.030   -1.835  0.60 8.01  ? 5    DC  A H42    1 
ATOM   204 H  H42    B DC  A 1 5  ? -3.061  3.456   -1.768  0.40 6.65  ? 5    DC  A H42    1 
ATOM   205 H  H5     A DC  A 1 5  ? -3.216  4.718   -0.159  0.60 7.98  ? 5    DC  A H5     1 
ATOM   206 H  H5     B DC  A 1 5  ? -3.166  4.920   0.064   0.40 7.89  ? 5    DC  A H5     1 
ATOM   207 H  H6     A DC  A 1 5  ? -2.337  5.127   1.923   0.60 7.45  ? 5    DC  A H6     1 
ATOM   208 H  H6     B DC  A 1 5  ? -2.837  5.202   2.331   0.40 7.26  ? 5    DC  A H6     1 
ATOM   209 P  P      A DG  A 1 6  ? 1.831   4.372   6.673   0.60 7.04  ? 6    DG  A P      1 
ATOM   210 P  P      B DG  A 1 6  ? 1.813   5.276   6.275   0.40 5.58  ? 6    DG  A P      1 
ATOM   211 O  OP1    A DG  A 1 6  ? 1.051   4.412   7.962   0.60 10.58 ? 6    DG  A OP1    1 
ATOM   212 O  OP1    B DG  A 1 6  ? 2.229   5.563   7.653   0.40 7.53  ? 6    DG  A OP1    1 
ATOM   213 O  OP2    A DG  A 1 6  ? 2.523   5.583   6.184   0.60 10.12 ? 6    DG  A OP2    1 
ATOM   214 O  OP2    B DG  A 1 6  ? 2.123   6.170   5.175   0.40 6.23  ? 6    DG  A OP2    1 
ATOM   215 O  "O5'"  A DG  A 1 6  ? 2.769   3.150   6.505   0.60 8.10  ? 6    DG  A "O5'"  1 
ATOM   216 O  "O5'"  B DG  A 1 6  ? 2.439   3.865   5.846   0.40 6.99  ? 6    DG  A "O5'"  1 
ATOM   217 C  "C5'"  A DG  A 1 6  ? 2.390   1.868   7.058   0.60 8.61  ? 6    DG  A "C5'"  1 
ATOM   218 C  "C5'"  B DG  A 1 6  ? 2.355   2.740   6.701   0.40 8.26  ? 6    DG  A "C5'"  1 
ATOM   219 C  "C4'"  A DG  A 1 6  ? 3.115   0.870   6.169   0.60 8.52  ? 6    DG  A "C4'"  1 
ATOM   220 C  "C4'"  B DG  A 1 6  ? 2.933   1.495   6.100   0.40 8.78  ? 6    DG  A "C4'"  1 
ATOM   221 O  "O4'"  A DG  A 1 6  ? 2.513   0.956   4.859   0.60 9.58  ? 6    DG  A "O4'"  1 
ATOM   222 O  "O4'"  B DG  A 1 6  ? 2.289   1.135   4.872   0.40 9.63  ? 6    DG  A "O4'"  1 
ATOM   223 C  "C3'"  A DG  A 1 6  ? 4.571   1.383   5.926   0.50 10.61 ? 6    DG  A "C3'"  1 
ATOM   224 C  "C3'"  B DG  A 1 6  ? 4.419   1.251   5.883   0.50 11.19 ? 6    DG  A "C3'"  1 
ATOM   225 O  "O3'"  A DG  A 1 6  ? 5.472   0.340   6.188   0.50 9.57  ? 6    DG  A "O3'"  1 
ATOM   226 O  "O3'"  B DG  A 1 6  ? 4.834   -0.119  6.052   0.50 10.98 ? 6    DG  A "O3'"  1 
ATOM   227 C  "C2'"  A DG  A 1 6  ? 4.559   1.973   4.549   0.60 10.52 ? 6    DG  A "C2'"  1 
ATOM   228 C  "C2'"  B DG  A 1 6  ? 4.574   1.578   4.412   0.40 11.09 ? 6    DG  A "C2'"  1 
ATOM   229 C  "C1'"  A DG  A 1 6  ? 3.449   1.201   3.828   0.60 10.57 ? 6    DG  A "C1'"  1 
ATOM   230 C  "C1'"  B DG  A 1 6  ? 3.251   1.064   3.833   0.40 10.54 ? 6    DG  A "C1'"  1 
ATOM   231 N  N9     . DG  A 1 6  ? 2.762   1.932   2.763   1.00 9.48  ? 6    DG  A N9     1 
ATOM   232 C  C8     . DG  A 1 6  ? 2.400   3.247   2.843   1.00 9.67  ? 6    DG  A C8     1 
ATOM   233 N  N7     . DG  A 1 6  ? 1.763   3.641   1.758   1.00 9.31  ? 6    DG  A N7     1 
ATOM   234 C  C5     . DG  A 1 6  ? 1.695   2.511   0.967   1.00 8.94  ? 6    DG  A C5     1 
ATOM   235 C  C6     . DG  A 1 6  ? 1.133   2.355   -0.339  1.00 8.02  ? 6    DG  A C6     1 
ATOM   236 O  O6     . DG  A 1 6  ? 0.526   3.158   -1.074  1.00 8.61  ? 6    DG  A O6     1 
ATOM   237 N  N1     . DG  A 1 6  ? 1.375   1.091   -0.822  1.00 7.53  ? 6    DG  A N1     1 
ATOM   238 C  C2     . DG  A 1 6  ? 2.024   0.063   -0.128  1.00 8.30  ? 6    DG  A C2     1 
ATOM   239 N  N2     . DG  A 1 6  ? 2.182   -1.071  -0.735  1.00 8.89  ? 6    DG  A N2     1 
ATOM   240 N  N3     . DG  A 1 6  ? 2.512   0.245   1.074   1.00 8.32  ? 6    DG  A N3     1 
ATOM   241 C  C4     . DG  A 1 6  ? 2.352   1.453   1.558   1.00 8.40  ? 6    DG  A C4     1 
ATOM   242 H  "H5'"  A DG  A 1 6  ? 1.410   1.737   7.013   0.60 10.33 ? 6    DG  A "H5'"  1 
ATOM   243 H  "H5'"  B DG  A 1 6  ? 1.404   2.578   6.925   0.40 9.92  ? 6    DG  A "H5'"  1 
ATOM   244 H  "H5''" A DG  A 1 6  ? 2.684   1.785   7.999   0.60 10.33 ? 6    DG  A "H5''" 1 
ATOM   245 H  "H5''" B DG  A 1 6  ? 2.832   2.942   7.545   0.40 9.92  ? 6    DG  A "H5''" 1 
ATOM   246 H  "H4'"  A DG  A 1 6  ? 3.094   -0.059  6.540   0.60 10.22 ? 6    DG  A "H4'"  1 
ATOM   247 H  "H4'"  B DG  A 1 6  ? 2.661   0.773   6.736   0.40 10.54 ? 6    DG  A "H4'"  1 
ATOM   248 H  "H3'"  A DG  A 1 6  ? 4.752   2.120   6.577   0.50 12.73 ? 6    DG  A "H3'"  1 
ATOM   249 H  "H3'"  B DG  A 1 6  ? 4.970   1.865   6.448   0.50 13.43 ? 6    DG  A "H3'"  1 
ATOM   250 H  "H2'"  A DG  A 1 6  ? 4.354   2.942   4.581   0.60 12.63 ? 6    DG  A "H2'"  1 
ATOM   251 H  "H2'"  B DG  A 1 6  ? 4.676   2.552   4.267   0.40 13.31 ? 6    DG  A "H2'"  1 
ATOM   252 H  "H2''" A DG  A 1 6  ? 5.431   1.843   4.100   0.60 12.63 ? 6    DG  A "H2''" 1 
ATOM   253 H  "H2''" B DG  A 1 6  ? 5.349   1.106   4.016   0.40 13.31 ? 6    DG  A "H2''" 1 
ATOM   254 H  "H1'"  A DG  A 1 6  ? 3.805   0.335   3.476   0.60 12.68 ? 6    DG  A "H1'"  1 
ATOM   255 H  "H1'"  B DG  A 1 6  ? 3.351   0.124   3.507   0.40 12.65 ? 6    DG  A "H1'"  1 
ATOM   256 H  H8     . DG  A 1 6  ? 2.585   3.808   3.587   1.00 11.60 ? 6    DG  A H8     1 
ATOM   257 H  H1     . DG  A 1 6  ? 1.097   0.911   -1.637  1.00 9.04  ? 6    DG  A H1     1 
ATOM   258 H  H21    . DG  A 1 6  ? 2.618   -1.724  -0.339  1.00 10.67 ? 6    DG  A H21    1 
ATOM   259 H  H22    . DG  A 1 6  ? 1.852   -1.186  -1.542  1.00 10.67 ? 6    DG  A H22    1 
ATOM   260 P  P      A DT  A 1 7  ? 7.015   0.207   5.893   0.50 8.05  ? 7    DT  A P      1 
ATOM   261 P  P      B DT  A 1 7  ? 6.371   -0.505  5.881   0.50 10.72 ? 7    DT  A P      1 
ATOM   262 O  OP1    A DT  A 1 7  ? 7.516   -0.818  6.877   0.50 9.26  ? 7    DT  A OP1    1 
ATOM   263 O  OP1    B DT  A 1 7  ? 6.592   -1.663  6.760   0.50 12.52 ? 7    DT  A OP1    1 
ATOM   264 O  OP2    A DT  A 1 7  ? 7.616   1.545   5.810   0.50 8.82  ? 7    DT  A OP2    1 
ATOM   265 O  OP2    B DT  A 1 7  ? 7.149   0.743   6.032   0.50 10.26 ? 7    DT  A OP2    1 
ATOM   266 O  "O5'"  A DT  A 1 7  ? 7.092   -0.410  4.439   0.50 7.65  ? 7    DT  A "O5'"  1 
ATOM   267 O  "O5'"  B DT  A 1 7  ? 6.572   -1.014  4.420   0.50 9.02  ? 7    DT  A "O5'"  1 
ATOM   268 C  "C5'"  A DT  A 1 7  ? 6.583   -1.716  4.227   0.50 7.71  ? 7    DT  A "C5'"  1 
ATOM   269 C  "C5'"  B DT  A 1 7  ? 5.932   -2.194  3.932   0.50 8.29  ? 7    DT  A "C5'"  1 
ATOM   270 C  "C4'"  A DT  A 1 7  ? 6.525   -2.054  2.779   0.50 7.78  ? 7    DT  A "C4'"  1 
ATOM   271 C  "C4'"  B DT  A 1 7  ? 6.397   -2.296  2.503   0.50 7.73  ? 7    DT  A "C4'"  1 
ATOM   272 O  "O4'"  A DT  A 1 7  ? 5.746   -1.056  2.086   0.50 7.36  ? 7    DT  A "O4'"  1 
ATOM   273 O  "O4'"  B DT  A 1 7  ? 5.709   -1.308  1.758   0.50 7.32  ? 7    DT  A "O4'"  1 
ATOM   274 C  "C3'"  A DT  A 1 7  ? 7.874   -2.149  2.066   0.50 7.97  ? 7    DT  A "C3'"  1 
ATOM   275 C  "C3'"  B DT  A 1 7  ? 7.920   -1.989  2.333   0.50 7.19  ? 7    DT  A "C3'"  1 
ATOM   276 O  "O3'"  A DT  A 1 7  ? 7.884   -3.486  1.437   0.50 8.50  ? 7    DT  A "O3'"  1 
ATOM   277 O  "O3'"  B DT  A 1 7  ? 8.351   -3.236  1.732   0.50 5.65  ? 7    DT  A "O3'"  1 
ATOM   278 C  "C2'"  A DT  A 1 7  ? 7.754   -1.134  0.936   0.50 6.83  ? 7    DT  A "C2'"  1 
ATOM   279 C  "C2'"  B DT  A 1 7  ? 7.922   -0.860  1.324   0.50 7.33  ? 7    DT  A "C2'"  1 
ATOM   280 C  "C1'"  A DT  A 1 7  ? 6.277   -0.942  0.774   0.50 6.93  ? 7    DT  A "C1'"  1 
ATOM   281 C  "C1'"  B DT  A 1 7  ? 6.552   -0.882  0.691   0.50 7.25  ? 7    DT  A "C1'"  1 
ATOM   282 N  N1     . DT  A 1 7  ? 5.955   0.381   0.221   1.00 6.39  ? 7    DT  A N1     1 
ATOM   283 C  C2     . DT  A 1 7  ? 5.392   0.453   -1.013  1.00 6.10  ? 7    DT  A C2     1 
ATOM   284 O  O2     . DT  A 1 7  ? 5.294   -0.488  -1.776  1.00 7.89  ? 7    DT  A O2     1 
ATOM   285 N  N3     . DT  A 1 7  ? 4.831   1.685   -1.315  1.00 5.76  ? 7    DT  A N3     1 
ATOM   286 C  C4     . DT  A 1 7  ? 4.838   2.805   -0.562  1.00 5.81  ? 7    DT  A C4     1 
ATOM   287 O  O4     . DT  A 1 7  ? 4.347   3.836   -0.930  1.00 6.56  ? 7    DT  A O4     1 
ATOM   288 C  C5     . DT  A 1 7  ? 5.534   2.700   0.720   1.00 6.05  ? 7    DT  A C5     1 
ATOM   289 C  C7     . DT  A 1 7  ? 5.687   3.943   1.548   1.00 7.46  ? 7    DT  A C7     1 
ATOM   290 C  C6     . DT  A 1 7  ? 6.048   1.481   1.027   1.00 6.47  ? 7    DT  A C6     1 
ATOM   291 H  "H5'"  A DT  A 1 7  ? 5.675   -1.781  4.615   0.50 9.25  ? 7    DT  A "H5'"  1 
ATOM   292 H  "H5'"  B DT  A 1 7  ? 4.947   -2.107  3.979   0.50 9.95  ? 7    DT  A "H5'"  1 
ATOM   293 H  "H5''" A DT  A 1 7  ? 7.161   -2.372  4.693   0.50 9.25  ? 7    DT  A "H5''" 1 
ATOM   294 H  "H5''" B DT  A 1 7  ? 6.210   -2.988  4.453   0.50 9.95  ? 7    DT  A "H5''" 1 
ATOM   295 H  "H4'"  A DT  A 1 7  ? 6.060   -2.934  2.682   0.50 9.33  ? 7    DT  A "H4'"  1 
ATOM   296 H  "H4'"  B DT  A 1 7  ? 6.188   -3.205  2.139   0.50 9.28  ? 7    DT  A "H4'"  1 
ATOM   297 H  "H3'"  A DT  A 1 7  ? 8.655   -1.985  2.668   0.50 9.56  ? 7    DT  A "H3'"  1 
ATOM   298 H  "H3'"  B DT  A 1 7  ? 8.388   -1.768  3.190   0.50 8.63  ? 7    DT  A "H3'"  1 
ATOM   299 H  "H2'"  A DT  A 1 7  ? 8.198   -0.283  1.177   0.50 8.19  ? 7    DT  A "H2'"  1 
ATOM   300 H  "H2'"  B DT  A 1 7  ? 8.086   0.008   1.771   0.50 8.80  ? 7    DT  A "H2'"  1 
ATOM   301 H  "H2''" A DT  A 1 7  ? 8.159   -1.483  0.103   0.50 8.19  ? 7    DT  A "H2''" 1 
ATOM   302 H  "H2''" B DT  A 1 7  ? 8.624   -1.003  0.641   0.50 8.80  ? 7    DT  A "H2''" 1 
ATOM   303 H  "H1'"  A DT  A 1 7  ? 5.900   -1.659  0.188   0.50 8.32  ? 7    DT  A "H1'"  1 
ATOM   304 H  "H1'"  B DT  A 1 7  ? 6.532   -1.558  -0.045  0.50 8.70  ? 7    DT  A "H1'"  1 
ATOM   305 H  H3     . DT  A 1 7  ? 4.423   1.744   -2.091  1.00 6.91  ? 7    DT  A H3     1 
ATOM   306 H  H71    . DT  A 1 7  ? 5.210   4.683   1.117   1.00 11.19 ? 7    DT  A H71    1 
ATOM   307 H  H72    . DT  A 1 7  ? 6.637   4.169   1.626   1.00 11.19 ? 7    DT  A H72    1 
ATOM   308 H  H73    . DT  A 1 7  ? 5.313   3.790   2.441   1.00 11.19 ? 7    DT  A H73    1 
ATOM   309 H  H6     . DT  A 1 7  ? 6.502   1.387   1.856   1.00 7.76  ? 7    DT  A H6     1 
ATOM   310 P  P      A DT  A 1 8  ? 9.271   -4.094  0.941   0.50 9.71  ? 8    DT  A P      1 
ATOM   311 P  P      B DT  A 1 8  ? 9.832   -3.533  1.322   0.50 5.03  ? 8    DT  A P      1 
ATOM   312 O  OP1    A DT  A 1 8  ? 9.091   -5.547  0.956   0.50 12.93 ? 8    DT  A OP1    1 
ATOM   313 O  OP1    B DT  A 1 8  ? 9.964   -4.979  1.441   0.50 8.61  ? 8    DT  A OP1    1 
ATOM   314 O  OP2    A DT  A 1 8  ? 10.422  -3.489  1.695   0.50 11.31 ? 8    DT  A OP2    1 
ATOM   315 O  OP2    B DT  A 1 8  ? 10.740  -2.587  2.019   0.50 6.28  ? 8    DT  A OP2    1 
ATOM   316 O  "O5'"  A DT  A 1 8  ? 9.451   -3.493  -0.504  0.50 7.94  ? 8    DT  A "O5'"  1 
ATOM   317 O  "O5'"  B DT  A 1 8  ? 9.947   -3.111  -0.206  0.50 5.43  ? 8    DT  A "O5'"  1 
ATOM   318 C  "C5'"  A DT  A 1 8  ? 8.798   -4.094  -1.596  0.50 7.03  ? 8    DT  A "C5'"  1 
ATOM   319 C  "C5'"  B DT  A 1 8  ? 9.164   -3.840  -1.132  0.50 5.55  ? 8    DT  A "C5'"  1 
ATOM   320 C  "C4'"  A DT  A 1 8  ? 9.373   -3.324  -2.782  0.50 5.81  ? 8    DT  A "C4'"  1 
ATOM   321 C  "C4'"  B DT  A 1 8  ? 9.437   -3.273  -2.511  0.50 5.53  ? 8    DT  A "C4'"  1 
ATOM   322 O  "O4'"  . DT  A 1 8  ? 8.742   -2.038  -2.760  1.00 5.91  ? 8    DT  A "O4'"  1 
ATOM   323 C  "C3'"  . DT  A 1 8  ? 10.883  -3.067  -2.859  1.00 5.95  ? 8    DT  A "C3'"  1 
ATOM   324 O  "O3'"  . DT  A 1 8  ? 11.181  -3.406  -4.241  1.00 5.46  ? 8    DT  A "O3'"  1 
ATOM   325 C  "C2'"  . DT  A 1 8  ? 11.043  -1.575  -2.730  1.00 5.39  ? 8    DT  A "C2'"  1 
ATOM   326 C  "C1'"  . DT  A 1 8  ? 9.691   -1.097  -3.254  1.00 5.75  ? 8    DT  A "C1'"  1 
ATOM   327 N  N1     . DT  A 1 8  ? 9.280   0.233   -2.883  1.00 5.06  ? 8    DT  A N1     1 
ATOM   328 C  C2     . DT  A 1 8  ? 8.425   0.885   -3.762  1.00 4.62  ? 8    DT  A C2     1 
ATOM   329 O  O2     . DT  A 1 8  ? 8.166   0.405   -4.872  1.00 5.72  ? 8    DT  A O2     1 
ATOM   330 N  N3     . DT  A 1 8  ? 7.973   2.083   -3.342  1.00 4.53  ? 8    DT  A N3     1 
ATOM   331 C  C4     . DT  A 1 8  ? 8.197   2.688   -2.124  1.00 4.52  ? 8    DT  A C4     1 
ATOM   332 O  O4     . DT  A 1 8  ? 7.644   3.750   -1.890  1.00 5.10  ? 8    DT  A O4     1 
ATOM   333 C  C5     . DT  A 1 8  ? 9.060   1.953   -1.240  1.00 4.81  ? 8    DT  A C5     1 
ATOM   334 C  C7     . DT  A 1 8  ? 9.424   2.458   0.103   1.00 6.79  ? 8    DT  A C7     1 
ATOM   335 C  C6     . DT  A 1 8  ? 9.514   0.760   -1.640  1.00 5.12  ? 8    DT  A C6     1 
ATOM   336 H  "H5'"  A DT  A 1 8  ? 7.816   -3.980  -1.536  0.50 8.44  ? 8    DT  A "H5'"  1 
ATOM   337 H  "H5'"  B DT  A 1 8  ? 8.203   -3.753  -0.912  0.50 6.66  ? 8    DT  A "H5'"  1 
ATOM   338 H  "H5''" A DT  A 1 8  ? 9.011   -5.059  -1.657  0.50 8.44  ? 8    DT  A "H5''" 1 
ATOM   339 H  "H5''" B DT  A 1 8  ? 9.407   -4.800  -1.105  0.50 6.66  ? 8    DT  A "H5''" 1 
ATOM   340 H  "H4'"  A DT  A 1 8  ? 9.094   -3.792  -3.620  0.50 6.98  ? 8    DT  A "H4'"  1 
ATOM   341 H  "H4'"  B DT  A 1 8  ? 9.079   -3.938  -3.167  0.50 6.64  ? 8    DT  A "H4'"  1 
ATOM   342 H  "H3'"  . DT  A 1 8  ? 11.415  -3.588  -2.191  1.00 7.15  ? 8    DT  A "H3'"  1 
ATOM   343 H  "H2'"  . DT  A 1 8  ? 11.187  -1.303  -1.789  1.00 6.47  ? 8    DT  A "H2'"  1 
ATOM   344 H  "H2''" . DT  A 1 8  ? 11.790  -1.238  -3.286  1.00 6.47  ? 8    DT  A "H2''" 1 
ATOM   345 H  "H1'"  . DT  A 1 8  ? 9.702   -1.156  -4.252  1.00 6.90  ? 8    DT  A "H1'"  1 
ATOM   346 H  H3     . DT  A 1 8  ? 7.477   2.531   -3.912  1.00 5.43  ? 8    DT  A H3     1 
ATOM   347 H  H71    . DT  A 1 8  ? 9.017   3.338   0.244   1.00 10.18 ? 8    DT  A H71    1 
ATOM   348 H  H72    . DT  A 1 8  ? 10.399  2.534   0.171   1.00 10.18 ? 8    DT  A H72    1 
ATOM   349 H  H73    . DT  A 1 8  ? 9.097   1.833   0.786   1.00 10.18 ? 8    DT  A H73    1 
ATOM   350 H  H6     . DT  A 1 8  ? 10.028  0.248   -1.027  1.00 6.15  ? 8    DT  A H6     1 
ATOM   351 P  P      . DG  A 1 9  ? 11.810  -4.804  -4.565  1.00 5.94  ? 9    DG  A P      1 
ATOM   352 O  OP1    . DG  A 1 9  ? 10.974  -5.842  -3.899  1.00 7.71  ? 9    DG  A OP1    1 
ATOM   353 O  OP2    . DG  A 1 9  ? 13.257  -4.767  -4.323  1.00 8.44  ? 9    DG  A OP2    1 
ATOM   354 O  "O5'"  . DG  A 1 9  ? 11.631  -4.836  -6.103  1.00 5.83  ? 9    DG  A "O5'"  1 
ATOM   355 C  "C5'"  . DG  A 1 9  ? 10.363  -5.083  -6.678  1.00 5.60  ? 9    DG  A "C5'"  1 
ATOM   356 C  "C4'"  . DG  A 1 9  ? 10.292  -4.419  -8.027  1.00 4.54  ? 9    DG  A "C4'"  1 
ATOM   357 O  "O4'"  . DG  A 1 9  ? 10.238  -2.992  -7.840  1.00 4.60  ? 9    DG  A "O4'"  1 
ATOM   358 C  "C3'"  . DG  A 1 9  ? 11.463  -4.661  -8.955  1.00 4.42  ? 9    DG  A "C3'"  1 
ATOM   359 O  "O3'"  . DG  A 1 9  ? 10.953  -4.710  -10.296 1.00 4.85  ? 9    DG  A "O3'"  1 
ATOM   360 C  "C2'"  . DG  A 1 9  ? 12.377  -3.456  -8.723  1.00 4.08  ? 9    DG  A "C2'"  1 
ATOM   361 C  "C1'"  . DG  A 1 9  ? 11.404  -2.361  -8.339  1.00 3.84  ? 9    DG  A "C1'"  1 
ATOM   362 N  N9     . DG  A 1 9  ? 11.870  -1.447  -7.328  1.00 3.84  ? 9    DG  A N9     1 
ATOM   363 C  C8     . DG  A 1 9  ? 12.793  -1.639  -6.322  1.00 4.37  ? 9    DG  A C8     1 
ATOM   364 N  N7     . DG  A 1 9  ? 12.836  -0.634  -5.469  1.00 4.46  ? 9    DG  A N7     1 
ATOM   365 C  C5     . DG  A 1 9  ? 11.877  0.228   -5.932  1.00 3.44  ? 9    DG  A C5     1 
ATOM   366 C  C6     . DG  A 1 9  ? 11.463  1.467   -5.412  1.00 3.67  ? 9    DG  A C6     1 
ATOM   367 O  O6     . DG  A 1 9  ? 11.825  2.039   -4.382  1.00 4.30  ? 9    DG  A O6     1 
ATOM   368 N  N1     . DG  A 1 9  ? 10.537  2.089   -6.240  1.00 3.67  ? 9    DG  A N1     1 
ATOM   369 C  C2     . DG  A 1 9  ? 10.017  1.547   -7.357  1.00 3.59  ? 9    DG  A C2     1 
ATOM   370 N  N2     . DG  A 1 9  ? 9.130   2.287   -7.989  1.00 4.61  ? 9    DG  A N2     1 
ATOM   371 N  N3     . DG  A 1 9  ? 10.348  0.348   -7.816  1.00 3.55  ? 9    DG  A N3     1 
ATOM   372 C  C4     . DG  A 1 9  ? 11.284  -0.227  -7.073  1.00 3.67  ? 9    DG  A C4     1 
ATOM   373 H  "H5'"  . DG  A 1 9  ? 9.652   -4.723  -6.090  1.00 6.72  ? 9    DG  A "H5'"  1 
ATOM   374 H  "H5''" . DG  A 1 9  ? 10.222  -6.058  -6.776  1.00 6.72  ? 9    DG  A "H5''" 1 
ATOM   375 H  "H4'"  . DG  A 1 9  ? 9.455   -4.714  -8.485  1.00 5.45  ? 9    DG  A "H4'"  1 
ATOM   376 H  "H3'"  . DG  A 1 9  ? 11.931  -5.513  -8.721  1.00 5.31  ? 9    DG  A "H3'"  1 
ATOM   377 H  "H2'"  . DG  A 1 9  ? 13.024  -3.633  -7.994  1.00 4.89  ? 9    DG  A "H2'"  1 
ATOM   378 H  "H2''" . DG  A 1 9  ? 12.875  -3.222  -9.547  1.00 4.89  ? 9    DG  A "H2''" 1 
ATOM   379 H  "H1'"  . DG  A 1 9  ? 11.164  -1.841  -9.159  1.00 4.60  ? 9    DG  A "H1'"  1 
ATOM   380 H  H8     . DG  A 1 9  ? 13.340  -2.413  -6.250  1.00 5.24  ? 9    DG  A H8     1 
ATOM   381 H  H1     . DG  A 1 9  ? 10.270  2.898   -6.018  1.00 4.41  ? 9    DG  A H1     1 
ATOM   382 H  H21    . DG  A 1 9  ? 8.752   1.987   -8.725  1.00 5.53  ? 9    DG  A H21    1 
ATOM   383 H  H22    . DG  A 1 9  ? 8.918   3.081   -7.677  1.00 5.53  ? 9    DG  A H22    1 
ATOM   384 P  P      . DG  A 1 10 ? 11.815  -5.104  -11.548 1.00 4.97  ? 10   DG  A P      1 
ATOM   385 O  OP1    . DG  A 1 10 ? 10.876  -5.601  -12.586 1.00 5.63  ? 10   DG  A OP1    1 
ATOM   386 O  OP2    . DG  A 1 10 ? 12.895  -5.967  -11.147 1.00 6.06  ? 10   DG  A OP2    1 
ATOM   387 O  "O5'"  . DG  A 1 10 ? 12.477  -3.758  -12.057 1.00 5.08  ? 10   DG  A "O5'"  1 
ATOM   388 C  "C5'"  . DG  A 1 10 ? 11.620  -2.796  -12.636 1.00 5.40  ? 10   DG  A "C5'"  1 
ATOM   389 C  "C4'"  . DG  A 1 10 ? 12.272  -1.417  -12.594 1.00 5.35  ? 10   DG  A "C4'"  1 
ATOM   390 O  "O4'"  . DG  A 1 10 ? 12.413  -0.977  -11.263 1.00 4.56  ? 10   DG  A "O4'"  1 
ATOM   391 C  "C3'"  . DG  A 1 10 ? 13.678  -1.392  -13.191 1.00 4.94  ? 10   DG  A "C3'"  1 
ATOM   392 O  "O3'"  . DG  A 1 10 ? 13.648  -0.974  -14.526 1.00 13.02 ? 10   DG  A "O3'"  1 
ATOM   393 C  "C2'"  . DG  A 1 10 ? 14.425  -0.393  -12.326 1.00 6.19  ? 10   DG  A "C2'"  1 
ATOM   394 C  "C1'"  . DG  A 1 10 ? 13.399  0.042   -11.319 1.00 4.31  ? 10   DG  A "C1'"  1 
ATOM   395 N  N9     . DG  A 1 10 ? 13.927  0.205   -9.995  1.00 4.14  ? 10   DG  A N9     1 
ATOM   396 C  C8     . DG  A 1 10 ? 14.777  -0.642  -9.300  1.00 4.16  ? 10   DG  A C8     1 
ATOM   397 N  N7     . DG  A 1 10 ? 15.076  -0.164  -8.132  1.00 3.86  ? 10   DG  A N7     1 
ATOM   398 C  C5     . DG  A 1 10 ? 14.391  1.035   -8.029  1.00 3.01  ? 10   DG  A C5     1 
ATOM   399 C  C6     . DG  A 1 10 ? 14.370  1.953   -6.975  1.00 3.68  ? 10   DG  A C6     1 
ATOM   400 O  O6     . DG  A 1 10 ? 14.893  1.893   -5.853  1.00 5.21  ? 10   DG  A O6     1 
ATOM   401 N  N1     . DG  A 1 10 ? 13.591  3.074   -7.299  1.00 3.56  ? 10   DG  A N1     1 
ATOM   402 C  C2     . DG  A 1 10 ? 12.883  3.235   -8.460  1.00 3.52  ? 10   DG  A C2     1 
ATOM   403 N  N2     . DG  A 1 10 ? 12.132  4.303   -8.560  1.00 4.66  ? 10   DG  A N2     1 
ATOM   404 N  N3     . DG  A 1 10 ? 12.890  2.344   -9.429  1.00 3.36  ? 10   DG  A N3     1 
ATOM   405 C  C4     . DG  A 1 10 ? 13.675  1.283   -9.153  1.00 3.07  ? 10   DG  A C4     1 
ATOM   406 H  "H5'"  . DG  A 1 10 ? 10.762  -2.774  -12.144 1.00 6.48  ? 10   DG  A "H5'"  1 
ATOM   407 H  "H5''" . DG  A 1 10 ? 11.430  -3.043  -13.576 1.00 6.48  ? 10   DG  A "H5''" 1 
ATOM   408 H  "H4'"  . DG  A 1 10 ? 11.695  -0.770  -13.091 1.00 6.42  ? 10   DG  A "H4'"  1 
ATOM   409 H  "H3'"  . DG  A 1 10 ? 14.101  -2.296  -13.120 1.00 5.92  ? 10   DG  A "H3'"  1 
ATOM   410 H  "HO3'" . DG  A 1 10 ? 14.368  -1.189  -14.903 1.00 19.53 ? 10   DG  A "HO3'" 1 
ATOM   411 H  "H2'"  . DG  A 1 10 ? 15.201  -0.817  -11.881 1.00 7.43  ? 10   DG  A "H2'"  1 
ATOM   412 H  "H2''" . DG  A 1 10 ? 14.742  0.376   -12.864 1.00 7.43  ? 10   DG  A "H2''" 1 
ATOM   413 H  "H1'"  . DG  A 1 10 ? 12.978  0.898   -11.619 1.00 5.17  ? 10   DG  A "H1'"  1 
ATOM   414 H  H8     . DG  A 1 10 ? 15.100  -1.468  -9.638  1.00 4.99  ? 10   DG  A H8     1 
ATOM   415 H  H1     . DG  A 1 10 ? 13.554  3.727   -6.710  1.00 4.27  ? 10   DG  A H1     1 
ATOM   416 H  H21    . DG  A 1 10 ? 11.632  4.424   -9.273  1.00 5.59  ? 10   DG  A H21    1 
ATOM   417 H  H22    . DG  A 1 10 ? 12.127  4.898   -7.911  1.00 5.59  ? 10   DG  A H22    1 
HETATM 418 CA CA     D CA  B 2 .  ? 11.028  8.660   -11.000 0.50 4.18  ? 111  CA  A CA     1 
HETATM 419 CA CA     C CA  C 2 .  ? -4.158  0.346   7.369   0.64 8.98  ? 112  CA  A CA     1 
HETATM 420 CA CA     D CA  D 2 .  ? 15.082  -0.079  -4.252  0.62 4.81  ? 113  CA  A CA     1 
HETATM 421 CA CA     C CA  E 2 .  ? 9.447   -2.027  7.463   0.50 7.72  ? 114  CA  A CA     1 
HETATM 422 C  C1     D EOH F 3 .  ? 11.261  5.623   -11.029 0.50 4.72  ? 115  EOH A C1     1 
HETATM 423 C  C2     D EOH F 3 .  ? 10.227  4.604   -11.011 0.50 3.04  ? 115  EOH A C2     1 
HETATM 424 O  O      D EOH F 3 .  ? 11.529  6.554   -12.134 0.50 4.86  ? 115  EOH A O      1 
HETATM 425 C  C1     A EOH G 3 .  ? -6.705  -8.795  -1.071  0.50 8.58  ? 228  EOH A C1     1 
HETATM 426 C  C2     A EOH G 3 .  ? -7.050  -8.221  -2.120  0.50 9.70  ? 228  EOH A C2     1 
HETATM 427 O  O      A EOH G 3 .  ? -5.623  -9.587  -0.621  0.50 10.32 ? 228  EOH A O      1 
HETATM 428 C  C1     A EOH H 3 .  ? -9.160  -12.888 -0.687  0.50 8.93  ? 231  EOH A C1     1 
HETATM 429 C  C2     A EOH H 3 .  ? -8.664  -13.412 -1.729  0.50 11.25 ? 231  EOH A C2     1 
HETATM 430 O  O      A EOH H 3 .  ? -9.176  -11.457 -0.405  0.50 6.64  ? 231  EOH A O      1 
HETATM 431 C  C1     B EOH I 3 .  ? -5.082  -12.677 -0.215  0.50 11.89 ? 207  EOH A C1     1 
HETATM 432 C  C2     B EOH I 3 .  ? -5.123  -12.251 -1.363  0.50 13.29 ? 207  EOH A C2     1 
HETATM 433 O  O      B EOH I 3 .  ? -4.020  -12.800 0.725   0.50 9.31  ? 207  EOH A O      1 
HETATM 434 O  O      . HOH J 4 .  ? 10.631  1.984   -11.173 1.00 13.09 ? 199  HOH A O      1 
HETATM 435 O  O      . HOH J 4 .  ? 7.898   5.504   -9.647  1.00 5.39  ? 200  HOH A O      1 
HETATM 436 O  O      . HOH J 4 .  ? -10.832 -10.338 4.600   1.00 6.28  ? 201  HOH A O      1 
HETATM 437 O  O      A HOH J 4 .  ? 8.236   3.062   -10.933 0.50 8.86  ? 202  HOH A O      1 
HETATM 438 O  O      . HOH J 4 .  ? -9.921  -7.811  1.131   1.00 6.52  ? 203  HOH A O      1 
HETATM 439 O  O      . HOH J 4 .  ? -8.248  -6.310  -0.544  1.00 10.08 ? 204  HOH A O      1 
HETATM 440 O  O      . HOH J 4 .  ? -10.265 -4.996  14.176  1.00 10.97 ? 205  HOH A O      1 
HETATM 441 O  O      B HOH J 4 .  ? -3.715  -8.715  0.503   0.50 7.48  ? 209  HOH A O      1 
HETATM 442 O  O      . HOH J 4 .  ? 14.944  -5.967  -9.368  1.00 13.93 ? 210  HOH A O      1 
HETATM 443 O  O      A HOH J 4 .  ? -10.332 3.962   7.085   0.50 19.46 ? 211  HOH A O      1 
HETATM 444 O  O      B HOH J 4 .  ? -9.532  2.297   5.547   0.50 18.08 ? 211  HOH A O      1 
HETATM 445 O  O      . HOH J 4 .  ? 7.271   10.541  -11.917 1.00 13.60 ? 212  HOH A O      1 
HETATM 446 O  O      . HOH J 4 .  ? 12.990  7.588   -0.396  0.50 5.85  ? 213  HOH A O      1 
HETATM 447 O  O      A HOH J 4 .  ? 13.104  1.222   -1.949  0.38 5.88  ? 214  HOH A O      1 
HETATM 448 O  O      B HOH J 4 .  ? 12.551  0.891   -0.456  0.62 11.23 ? 214  HOH A O      1 
HETATM 449 O  O      A HOH J 4 .  ? -4.643  2.094   11.627  0.50 13.51 ? 215  HOH A O      1 
HETATM 450 O  O      . HOH J 4 .  ? -6.699  1.194   -3.422  1.00 20.02 ? 216  HOH A O      1 
HETATM 451 O  O      . HOH J 4 .  ? 16.031  -1.524  -15.523 1.00 13.30 ? 217  HOH A O      1 
HETATM 452 O  O      . HOH J 4 .  ? -8.674  -2.093  -2.649  1.00 21.98 ? 218  HOH A O      1 
HETATM 453 O  O      B HOH J 4 .  ? 12.509  9.784   -1.577  0.50 8.13  ? 219  HOH A O      1 
HETATM 454 O  O      . HOH J 4 .  ? 12.678  3.533   0.090   1.00 11.90 ? 220  HOH A O      1 
HETATM 455 O  O      . HOH J 4 .  ? 3.986   -3.105  0.590   1.00 26.24 ? 221  HOH A O      1 
HETATM 456 O  O      . HOH J 4 .  ? 8.751   -0.672  -9.899  1.00 20.71 ? 222  HOH A O      1 
HETATM 457 O  O      . HOH J 4 .  ? -16.365 1.641   -2.978  1.00 21.64 ? 223  HOH A O      1 
HETATM 458 O  O      A HOH J 4 .  ? 11.163  -0.799  0.859   0.50 11.39 ? 224  HOH A O      1 
HETATM 459 O  O      B HOH J 4 .  ? 10.425  0.201   3.056   0.50 7.02  ? 224  HOH A O      1 
HETATM 460 O  O      . HOH J 4 .  ? -13.178 3.524   12.862  1.00 14.43 ? 225  HOH A O      1 
HETATM 461 O  O      A HOH J 4 .  ? 11.986  3.667   2.666   0.60 10.47 ? 226  HOH A O      1 
HETATM 462 O  O      B HOH J 4 .  ? -7.104  -11.020 0.779   0.40 13.67 ? 226  HOH A O      1 
HETATM 463 O  O      B HOH J 4 .  ? -15.493 -5.766  -4.581  0.50 13.98 ? 227  HOH A O      1 
HETATM 464 O  O      . HOH J 4 .  ? -1.468  -6.511  11.584  0.50 11.58 ? 229  HOH A O      1 
HETATM 465 O  O      A HOH J 4 .  ? -0.824  2.982   9.454   0.60 11.30 ? 230  HOH A O      1 
HETATM 466 O  O      . HOH J 4 .  ? -13.200 3.849   9.140   1.00 16.55 ? 234  HOH A O      1 
HETATM 467 O  O      . HOH J 4 .  ? -6.883  3.630   -2.349  1.00 22.91 ? 235  HOH A O      1 
HETATM 468 O  O      . HOH J 4 .  ? 8.800   -0.204  -12.564 1.00 19.62 ? 236  HOH A O      1 
HETATM 469 O  O      B HOH J 4 .  ? -6.168  -2.945  -3.496  1.00 23.44 ? 237  HOH A O      1 
HETATM 470 O  O      . HOH J 4 .  ? -3.978  4.757   -2.939  1.00 19.01 ? 238  HOH A O      1 
HETATM 471 O  O      A HOH J 4 .  ? -11.394 1.644   -4.255  0.60 14.36 ? 239  HOH A O      1 
HETATM 472 O  O      B HOH J 4 .  ? 1.719   -7.600  -8.952  0.40 18.23 ? 239  HOH A O      1 
HETATM 473 O  O      B HOH J 4 .  ? -9.663  -11.674 6.664   0.40 9.47  ? 240  HOH A O      1 
HETATM 474 O  O      A HOH J 4 .  ? 9.724   2.265   7.385   0.50 10.12 ? 241  HOH A O      1 
HETATM 475 O  O      B HOH J 4 .  ? 9.694   -0.244  6.980   0.50 12.92 ? 241  HOH A O      1 
HETATM 476 O  O      . HOH J 4 .  ? -9.365  -9.773  -2.627  1.00 23.06 ? 244  HOH A O      1 
HETATM 477 O  O      A HOH J 4 .  ? 14.544  -2.639  -0.735  0.62 14.41 ? 245  HOH A O      1 
HETATM 478 O  O      B HOH J 4 .  ? 14.978  -0.058  -1.505  0.38 3.35  ? 245  HOH A O      1 
HETATM 479 O  O      C HOH J 4 .  ? -0.174  -0.066  4.761   0.64 13.51 ? 246  HOH A O      1 
HETATM 480 O  O      D HOH J 4 .  ? -1.261  -0.897  6.791   0.36 8.82  ? 246  HOH A O      1 
HETATM 481 O  O      A HOH J 4 .  ? 10.354  8.998   -14.312 0.50 7.68  ? 248  HOH A O      1 
HETATM 482 O  O      B HOH J 4 .  ? 11.204  -3.863  4.089   0.50 18.03 ? 250  HOH A O      1 
HETATM 483 O  O      A HOH J 4 .  ? 9.490   -0.053  9.656   0.50 12.79 ? 252  HOH A O      1 
HETATM 484 O  O      . HOH J 4 .  ? 2.534   -2.025  2.861   1.00 26.78 ? 255  HOH A O      1 
HETATM 485 O  O      B HOH J 4 .  ? 12.396  -5.975  -0.553  0.50 28.13 ? 258  HOH A O      1 
HETATM 486 O  O      . HOH J 4 .  ? 8.449   -4.277  -13.290 0.50 20.69 ? 261  HOH A O      1 
HETATM 487 O  O      . HOH J 4 .  ? -10.849 -1.380  -4.034  1.00 26.54 ? 262  HOH A O      1 
HETATM 488 O  O      A HOH J 4 .  ? 13.778  -0.612  0.033   0.60 15.20 ? 263  HOH A O      1 
HETATM 489 O  O      B HOH J 4 .  ? 12.823  -1.383  0.853   0.40 11.27 ? 263  HOH A O      1 
HETATM 490 O  O      . HOH J 4 .  ? -9.143  0.614   -3.251  0.50 15.68 ? 264  HOH A O      1 
HETATM 491 O  O      A HOH J 4 .  ? -12.168 -5.505  -2.307  0.50 20.36 ? 266  HOH A O      1 
HETATM 492 O  O      B HOH J 4 .  ? -12.620 -3.665  -2.854  0.50 21.65 ? 266  HOH A O      1 
HETATM 493 O  O      A HOH J 4 .  ? 9.059   6.867   -11.315 0.50 8.19  ? 269  HOH A O      1 
HETATM 494 O  O      A HOH J 4 .  ? 0.313   5.896   -1.143  1.00 14.03 ? 1022 HOH A O      1 
HETATM 495 O  O      B HOH J 4 .  ? -1.210  6.264   -1.594  0.50 16.78 ? 1022 HOH A O      1 
HETATM 496 O  O      A HOH J 4 .  ? -9.699  -7.346  13.582  0.38 6.30  ? 1029 HOH A O      1 
HETATM 497 O  O      B HOH J 4 .  ? -8.100  -6.415  12.668  0.62 18.07 ? 1029 HOH A O      1 
HETATM 498 O  O      B HOH J 4 .  ? -13.439 -2.166  -4.567  0.50 17.07 ? 1042 HOH A O      1 
HETATM 499 O  O      B HOH J 4 .  ? 5.153   5.235   4.976   0.40 18.95 ? 1045 HOH A O      1 
HETATM 500 O  O      A HOH J 4 .  ? -1.577  7.083   9.084   0.60 15.37 ? 1046 HOH A O      1 
HETATM 501 O  O      A HOH J 4 .  ? -7.546  -6.117  -4.345  0.50 21.46 ? 1051 HOH A O      1 
HETATM 502 O  O      B HOH J 4 .  ? -9.387  -5.008  -2.527  0.50 15.38 ? 1051 HOH A O      1 
HETATM 503 O  O      . HOH J 4 .  ? -7.667  1.880   10.498  0.50 29.38 ? 1052 HOH A O      1 
HETATM 504 O  O      A HOH J 4 .  ? 11.683  10.268  -8.850  0.50 10.61 ? 1058 HOH A O      1 
HETATM 505 O  O      D HOH J 4 .  ? 8.752   7.740   -11.063 0.50 4.42  ? 1059 HOH A O      1 
HETATM 506 O  O      D HOH J 4 .  ? 10.358  9.041   -13.373 0.50 5.09  ? 1060 HOH A O      1 
HETATM 507 O  O      D HOH J 4 .  ? 13.250  8.002   -10.295 0.50 5.84  ? 1061 HOH A O      1 
HETATM 508 O  O      D HOH J 4 .  ? 12.424  10.426  -11.728 0.50 6.76  ? 1062 HOH A O      1 
HETATM 509 O  O      D HOH J 4 .  ? 10.687  7.502   -8.934  0.50 4.72  ? 1063 HOH A O      1 
HETATM 510 O  O      D HOH J 4 .  ? 9.526   10.517  -10.626 0.50 5.08  ? 1064 HOH A O      1 
HETATM 511 O  O      C HOH J 4 .  ? -3.594  -1.642  6.027   0.64 8.49  ? 1065 HOH A O      1 
HETATM 512 O  O      C HOH J 4 .  ? -5.469  1.656   5.830   0.64 9.81  ? 1066 HOH A O      1 
HETATM 513 O  O      C HOH J 4 .  ? -3.322  2.416   8.273   0.64 13.66 ? 1067 HOH A O      1 
HETATM 514 O  O      C HOH J 4 .  ? -5.974  -1.178  7.562   0.64 7.88  ? 1068 HOH A O      1 
HETATM 515 O  O      C HOH J 4 .  ? -2.614  0.795   5.604   0.64 11.90 ? 1069 HOH A O      1 
HETATM 516 O  O      C HOH J 4 .  ? -2.870  -0.847  8.998   0.64 11.23 ? 1070 HOH A O      1 
HETATM 517 O  O      C HOH J 4 .  ? -5.724  1.116   9.164   0.64 10.74 ? 1071 HOH A O      1 
HETATM 518 O  O      D HOH J 4 .  ? 16.256  -0.558  -2.200  0.62 7.36  ? 1072 HOH A O      1 
HETATM 519 O  O      D HOH J 4 .  ? 14.641  -2.375  -3.564  0.62 7.19  ? 1073 HOH A O      1 
HETATM 520 O  O      D HOH J 4 .  ? 16.385  -1.175  -6.034  0.62 6.01  ? 1074 HOH A O      1 
HETATM 521 O  O      D HOH J 4 .  ? 13.587  1.010   -2.753  0.62 5.63  ? 1075 HOH A O      1 
HETATM 522 O  O      D HOH J 4 .  ? 16.859  1.509   -4.167  0.62 6.59  ? 1076 HOH A O      1 
HETATM 523 O  O      C HOH J 4 .  ? 8.450   -2.293  9.617   0.50 8.42  ? 1077 HOH A O      1 
HETATM 524 O  O      C HOH J 4 .  ? 10.267  -1.586  5.271   0.50 9.33  ? 1078 HOH A O      1 
HETATM 525 O  O      C HOH J 4 .  ? 10.529  -0.045  8.330   0.50 8.13  ? 1079 HOH A O      1 
HETATM 526 O  O      C HOH J 4 .  ? 8.273   -4.020  6.667   0.50 10.13 ? 1080 HOH A O      1 
# 
loop_
_atom_site_anisotrop.id 
_atom_site_anisotrop.type_symbol 
_atom_site_anisotrop.pdbx_label_atom_id 
_atom_site_anisotrop.pdbx_label_alt_id 
_atom_site_anisotrop.pdbx_label_comp_id 
_atom_site_anisotrop.pdbx_label_asym_id 
_atom_site_anisotrop.pdbx_label_seq_id 
_atom_site_anisotrop.pdbx_PDB_ins_code 
_atom_site_anisotrop.U[1][1] 
_atom_site_anisotrop.U[2][2] 
_atom_site_anisotrop.U[3][3] 
_atom_site_anisotrop.U[1][2] 
_atom_site_anisotrop.U[1][3] 
_atom_site_anisotrop.U[2][3] 
_atom_site_anisotrop.pdbx_auth_seq_id 
_atom_site_anisotrop.pdbx_auth_comp_id 
_atom_site_anisotrop.pdbx_auth_asym_id 
_atom_site_anisotrop.pdbx_auth_atom_id 
1   O  "O5'" A DC  A 1  ? 0.0871 0.1423 0.1413 -0.0496 0.0167  -0.0147 1    DC  A "O5'" 
2   O  "O5'" B DC  A 1  ? 0.1881 0.0932 0.1247 -0.0500 -0.0038 0.0190  1    DC  A "O5'" 
3   C  "C5'" A DC  A 1  ? 0.1029 0.1273 0.0610 -0.0397 -0.0308 -0.0009 1    DC  A "C5'" 
4   C  "C5'" B DC  A 1  ? 0.1784 0.0811 0.0853 -0.0464 -0.0038 -0.0012 1    DC  A "C5'" 
5   C  "C4'" A DC  A 1  ? 0.0956 0.0945 0.0582 -0.0259 -0.0129 0.0015  1    DC  A "C4'" 
6   C  "C4'" B DC  A 1  ? 0.0906 0.0853 0.0645 -0.0470 -0.0156 -0.0079 1    DC  A "C4'" 
7   O  "O4'" A DC  A 1  ? 0.0806 0.0884 0.0802 -0.0224 -0.0309 -0.0104 1    DC  A "O4'" 
8   O  "O4'" B DC  A 1  ? 0.0376 0.1253 0.0459 -0.0200 -0.0025 -0.0120 1    DC  A "O4'" 
9   C  "C3'" A DC  A 1  ? 0.1134 0.0961 0.0586 -0.0063 0.0088  0.0053  1    DC  A "C3'" 
10  C  "C3'" B DC  A 1  ? 0.1029 0.0653 0.0590 -0.0260 0.0012  -0.0002 1    DC  A "C3'" 
11  O  "O3'" A DC  A 1  ? 0.0690 0.0787 0.0585 -0.0245 0.0008  0.0018  1    DC  A "O3'" 
12  O  "O3'" B DC  A 1  ? 0.0823 0.0664 0.0663 -0.0156 0.0240  -0.0068 1    DC  A "O3'" 
13  C  "C2'" A DC  A 1  ? 0.0635 0.0953 0.0832 -0.0142 0.0082  0.0103  1    DC  A "C2'" 
14  C  "C2'" B DC  A 1  ? 0.0698 0.0591 0.0760 -0.0292 0.0150  -0.0062 1    DC  A "C2'" 
15  C  "C1'" A DC  A 1  ? 0.0542 0.1039 0.0501 -0.0191 -0.0044 -0.0088 1    DC  A "C1'" 
16  C  "C1'" B DC  A 1  ? 0.0477 0.1138 0.0569 -0.0163 -0.0087 -0.0120 1    DC  A "C1'" 
17  N  N1    . DC  A 1  ? 0.0362 0.1167 0.0426 -0.0123 -0.0062 -0.0242 1    DC  A N1    
18  C  C2    . DC  A 1  ? 0.0277 0.0925 0.0476 -0.0223 -0.0015 -0.0152 1    DC  A C2    
19  O  O2    . DC  A 1  ? 0.0396 0.1130 0.0627 0.0013  -0.0086 -0.0213 1    DC  A O2    
20  N  N3    . DC  A 1  ? 0.0304 0.0707 0.0479 -0.0292 0.0104  -0.0042 1    DC  A N3    
21  C  C4    . DC  A 1  ? 0.0373 0.0712 0.0462 -0.0315 0.0095  -0.0113 1    DC  A C4    
22  N  N4    . DC  A 1  ? 0.0497 0.0556 0.0486 -0.0197 -0.0020 -0.0111 1    DC  A N4    
23  C  C5    . DC  A 1  ? 0.0408 0.0867 0.0461 -0.0267 0.0168  -0.0201 1    DC  A C5    
24  C  C6    . DC  A 1  ? 0.0437 0.0990 0.0582 -0.0226 0.0056  -0.0229 1    DC  A C6    
45  P  P     A DC  A 2  ? 0.0864 0.0784 0.0422 -0.0399 -0.0010 -0.0018 2    DC  A P     
46  P  P     B DC  A 2  ? 0.0451 0.0464 0.0718 -0.0193 -0.0173 -0.0022 2    DC  A P     
47  O  OP1   A DC  A 2  ? 0.1330 0.0713 0.0837 -0.0503 -0.0511 0.0161  2    DC  A OP1   
48  O  OP1   B DC  A 2  ? 0.0605 0.0808 0.1655 -0.0115 -0.0564 -0.0296 2    DC  A OP1   
49  O  OP2   A DC  A 2  ? 0.1031 0.0925 0.0610 -0.0449 0.0237  -0.0128 2    DC  A OP2   
50  O  OP2   B DC  A 2  ? 0.1048 0.0717 0.0618 -0.0589 -0.0195 -0.0093 2    DC  A OP2   
51  O  "O5'" A DC  A 2  ? 0.0655 0.0665 0.0516 -0.0241 0.0070  -0.0027 2    DC  A "O5'" 
52  O  "O5'" B DC  A 2  ? 0.0334 0.0711 0.0574 -0.0139 0.0044  -0.0184 2    DC  A "O5'" 
53  C  "C5'" A DC  A 2  ? 0.0545 0.0672 0.0567 -0.0177 0.0050  -0.0048 2    DC  A "C5'" 
54  C  "C5'" B DC  A 2  ? 0.0485 0.0760 0.0907 0.0012  -0.0038 -0.0343 2    DC  A "C5'" 
55  C  "C4'" A DC  A 2  ? 0.0494 0.0575 0.0769 -0.0019 0.0010  -0.0146 2    DC  A "C4'" 
56  C  "C4'" B DC  A 2  ? 0.0433 0.0634 0.0835 -0.0046 0.0028  -0.0154 2    DC  A "C4'" 
57  O  "O4'" . DC  A 2  ? 0.0313 0.0753 0.0609 -0.0105 0.0109  -0.0123 2    DC  A "O4'" 
58  C  "C3'" . DC  A 2  ? 0.0711 0.0608 0.0660 -0.0145 -0.0068 -0.0068 2    DC  A "C3'" 
59  O  "O3'" . DC  A 2  ? 0.0664 0.0642 0.0512 -0.0163 -0.0084 -0.0114 2    DC  A "O3'" 
60  C  "C2'" . DC  A 2  ? 0.0618 0.0564 0.0547 -0.0170 0.0140  -0.0158 2    DC  A "C2'" 
61  C  "C1'" . DC  A 2  ? 0.0331 0.0588 0.0482 -0.0123 0.0063  -0.0082 2    DC  A "C1'" 
62  N  N1    . DC  A 2  ? 0.0308 0.0521 0.0560 -0.0126 0.0015  -0.0140 2    DC  A N1    
63  C  C2    . DC  A 2  ? 0.0265 0.0555 0.0485 -0.0106 0.0063  -0.0113 2    DC  A C2    
64  O  O2    . DC  A 2  ? 0.0625 0.0517 0.0438 -0.0001 0.0033  -0.0140 2    DC  A O2    
65  N  N3    . DC  A 2  ? 0.0353 0.0511 0.0514 -0.0149 0.0131  -0.0147 2    DC  A N3    
66  C  C4    . DC  A 2  ? 0.0213 0.0572 0.0716 -0.0171 0.0140  -0.0096 2    DC  A C4    
67  N  N4    . DC  A 2  ? 0.0443 0.0497 0.0591 -0.0111 0.0088  -0.0153 2    DC  A N4    
68  C  C5    . DC  A 2  ? 0.0503 0.0619 0.0562 -0.0080 0.0049  -0.0248 2    DC  A C5    
69  C  C6    . DC  A 2  ? 0.0587 0.0594 0.0548 -0.0069 -0.0017 -0.0179 2    DC  A C6    
84  P  P     . DA  A 3  ? 0.0973 0.0637 0.0595 -0.0171 -0.0163 -0.0048 3    DA  A P     
85  O  OP1   . DA  A 3  ? 0.0948 0.1068 0.1112 0.0090  -0.0400 -0.0245 3    DA  A OP1   
86  O  OP2   . DA  A 3  ? 0.1676 0.1111 0.0514 -0.0370 -0.0136 0.0017  3    DA  A OP2   
87  O  "O5'" . DA  A 3  ? 0.0922 0.0571 0.0656 -0.0281 0.0019  -0.0019 3    DA  A "O5'" 
88  C  "C5'" . DA  A 3  ? 0.0440 0.0708 0.0696 -0.0156 0.0066  -0.0136 3    DA  A "C5'" 
89  C  "C4'" . DA  A 3  ? 0.0449 0.0627 0.0553 -0.0100 0.0106  -0.0050 3    DA  A "C4'" 
90  O  "O4'" . DA  A 3  ? 0.0426 0.0510 0.0650 -0.0095 0.0204  0.0010  3    DA  A "O4'" 
91  C  "C3'" . DA  A 3  ? 0.0425 0.0511 0.0622 -0.0114 0.0162  -0.0114 3    DA  A "C3'" 
92  O  "O3'" . DA  A 3  ? 0.0447 0.0460 0.0665 -0.0077 0.0092  -0.0090 3    DA  A "O3'" 
93  C  "C2'" . DA  A 3  ? 0.0476 0.0548 0.0831 -0.0157 0.0290  -0.0074 3    DA  A "C2'" 
94  C  "C1'" . DA  A 3  ? 0.0480 0.0550 0.0711 -0.0108 0.0229  -0.0180 3    DA  A "C1'" 
95  N  N9    . DA  A 3  ? 0.0370 0.0537 0.0653 -0.0155 0.0109  -0.0162 3    DA  A N9    
96  C  C8    . DA  A 3  ? 0.0345 0.0796 0.0612 -0.0096 0.0124  -0.0122 3    DA  A C8    
97  N  N7    . DA  A 3  ? 0.0340 0.0733 0.0642 -0.0167 0.0137  -0.0208 3    DA  A N7    
98  C  C5    . DA  A 3  ? 0.0222 0.0558 0.0757 -0.0122 0.0188  -0.0208 3    DA  A C5    
99  C  C6    . DA  A 3  ? 0.0231 0.0590 0.0904 -0.0203 0.0126  -0.0161 3    DA  A C6    
100 N  N6    . DA  A 3  ? 0.0405 0.0698 0.0826 -0.0099 0.0143  -0.0223 3    DA  A N6    
101 N  N1    . DA  A 3  ? 0.0429 0.0567 0.0857 -0.0063 0.0189  -0.0142 3    DA  A N1    
102 C  C2    . DA  A 3  ? 0.0375 0.0590 0.0693 -0.0072 0.0061  -0.0107 3    DA  A C2    
103 N  N3    . DA  A 3  ? 0.0401 0.0506 0.0728 -0.0179 0.0113  -0.0184 3    DA  A N3    
104 C  C4    . DA  A 3  ? 0.0224 0.0585 0.0666 -0.0176 0.0131  -0.0109 3    DA  A C4    
116 P  P     . DA  A 4  ? 0.0413 0.0422 0.0720 -0.0020 0.0086  -0.0156 4    DA  A P     
117 O  OP1   . DA  A 4  ? 0.0580 0.0566 0.0931 -0.0025 0.0070  -0.0299 4    DA  A OP1   
118 O  OP2   . DA  A 4  ? 0.0760 0.0426 0.0930 -0.0062 0.0076  0.0010  4    DA  A OP2   
119 O  "O5'" . DA  A 4  ? 0.0403 0.0591 0.0781 -0.0049 0.0035  -0.0166 4    DA  A "O5'" 
120 C  "C5'" . DA  A 4  ? 0.0588 0.0645 0.0826 0.0065  -0.0078 -0.0189 4    DA  A "C5'" 
121 C  "C4'" . DA  A 4  ? 0.0609 0.0662 0.1382 0.0040  -0.0228 -0.0246 4    DA  A "C4'" 
122 O  "O4'" . DA  A 4  ? 0.0434 0.0571 0.1555 -0.0038 0.0044  -0.0261 4    DA  A "O4'" 
123 C  "C3'" A DA  A 4  ? 0.0515 0.0753 0.1513 -0.0056 -0.0347 -0.0142 4    DA  A "C3'" 
124 C  "C3'" B DA  A 4  ? 0.0585 0.0703 0.1529 -0.0049 -0.0341 -0.0134 4    DA  A "C3'" 
125 O  "O3'" A DA  A 4  ? 0.0553 0.0545 0.1217 -0.0050 -0.0144 -0.0140 4    DA  A "O3'" 
126 O  "O3'" B DA  A 4  ? 0.0651 0.1053 0.1333 0.0158  -0.0186 -0.0250 4    DA  A "O3'" 
127 C  "C2'" . DA  A 4  ? 0.0999 0.0799 0.1293 -0.0423 -0.0253 0.0155  4    DA  A "C2'" 
128 C  "C1'" . DA  A 4  ? 0.0416 0.0646 0.1427 -0.0084 -0.0009 0.0003  4    DA  A "C1'" 
129 N  N9    . DA  A 4  ? 0.0373 0.0890 0.1057 -0.0090 0.0090  0.0115  4    DA  A N9    
130 C  C8    . DA  A 4  ? 0.0360 0.1145 0.1182 -0.0116 0.0122  0.0318  4    DA  A C8    
131 N  N7    . DA  A 4  ? 0.0429 0.1256 0.0875 -0.0146 0.0084  0.0188  4    DA  A N7    
132 C  C5    . DA  A 4  ? 0.0248 0.1131 0.0806 -0.0229 0.0208  0.0114  4    DA  A C5    
133 C  C6    . DA  A 4  ? 0.0241 0.1098 0.0981 -0.0338 0.0304  -0.0002 4    DA  A C6    
134 N  N6    . DA  A 4  ? 0.0475 0.1098 0.0873 -0.0233 0.0232  0.0076  4    DA  A N6    
135 N  N1    . DA  A 4  ? 0.0378 0.1008 0.1029 -0.0236 0.0349  -0.0033 4    DA  A N1    
136 C  C2    . DA  A 4  ? 0.0453 0.0877 0.0977 -0.0156 0.0180  -0.0006 4    DA  A C2    
137 N  N3    . DA  A 4  ? 0.0437 0.0851 0.0820 -0.0109 0.0056  0.0065  4    DA  A N3    
138 C  C4    . DA  A 4  ? 0.0297 0.0841 0.0853 -0.0176 0.0099  0.0112  4    DA  A C4    
149 P  P     A DC  A 5  ? 0.0615 0.0878 0.1009 -0.0249 -0.0074 -0.0103 5    DC  A P     
150 P  P     B DC  A 5  ? 0.0682 0.1306 0.1051 0.0166  -0.0194 -0.0259 5    DC  A P     
151 O  OP1   A DC  A 5  ? 0.0711 0.1102 0.1126 -0.0009 -0.0217 -0.0224 5    DC  A OP1   
152 O  OP1   B DC  A 5  ? 0.1163 0.2158 0.1062 0.0456  -0.0278 -0.0048 5    DC  A OP1   
153 O  OP2   A DC  A 5  ? 0.0636 0.0546 0.1170 -0.0049 -0.0082 -0.0155 5    DC  A OP2   
154 O  OP2   B DC  A 5  ? 0.0850 0.1296 0.1323 0.0232  -0.0014 -0.0425 5    DC  A OP2   
155 O  "O5'" A DC  A 5  ? 0.0420 0.0768 0.0950 -0.0107 -0.0089 0.0049  5    DC  A "O5'" 
156 O  "O5'" B DC  A 5  ? 0.0951 0.0898 0.1203 0.0065  0.0041  -0.0308 5    DC  A "O5'" 
157 C  "C5'" A DC  A 5  ? 0.0666 0.0833 0.0945 -0.0181 0.0066  0.0071  5    DC  A "C5'" 
158 C  "C5'" B DC  A 5  ? 0.0819 0.0794 0.0941 -0.0133 0.0052  -0.0189 5    DC  A "C5'" 
159 C  "C4'" A DC  A 5  ? 0.0570 0.0872 0.0879 -0.0115 -0.0013 0.0052  5    DC  A "C4'" 
160 C  "C4'" B DC  A 5  ? 0.0731 0.0746 0.0993 -0.0142 0.0072  -0.0083 5    DC  A "C4'" 
161 O  "O4'" A DC  A 5  ? 0.0581 0.0635 0.0968 -0.0291 0.0185  0.0072  5    DC  A "O4'" 
162 O  "O4'" B DC  A 5  ? 0.0601 0.0820 0.1028 -0.0244 0.0093  -0.0063 5    DC  A "O4'" 
163 C  "C3'" A DC  A 5  ? 0.0601 0.0765 0.0913 -0.0174 0.0031  0.0056  5    DC  A "C3'" 
164 C  "C3'" B DC  A 5  ? 0.0673 0.0726 0.0924 -0.0259 0.0129  0.0007  5    DC  A "C3'" 
165 O  "O3'" A DC  A 5  ? 0.0737 0.0960 0.1053 0.0034  -0.0071 -0.0160 5    DC  A "O3'" 
166 O  "O3'" B DC  A 5  ? 0.0685 0.0913 0.0904 -0.0114 0.0216  -0.0143 5    DC  A "O3'" 
167 C  "C2'" A DC  A 5  ? 0.0482 0.0864 0.0921 -0.0266 0.0051  0.0026  5    DC  A "C2'" 
168 C  "C2'" B DC  A 5  ? 0.0670 0.0731 0.1059 -0.0182 0.0146  -0.0059 5    DC  A "C2'" 
169 C  "C1'" A DC  A 5  ? 0.0536 0.0854 0.0979 -0.0294 0.0271  0.0037  5    DC  A "C1'" 
170 C  "C1'" B DC  A 5  ? 0.0599 0.0694 0.1046 -0.0393 0.0243  -0.0005 5    DC  A "C1'" 
171 N  N1    A DC  A 5  ? 0.0481 0.0759 0.1104 -0.0351 0.0097  0.0005  5    DC  A N1    
172 N  N1    B DC  A 5  ? 0.0634 0.0737 0.1065 -0.0422 0.0163  -0.0046 5    DC  A N1    
173 C  C2    A DC  A 5  ? 0.0551 0.0856 0.1098 -0.0317 0.0198  -0.0014 5    DC  A C2    
174 C  C2    B DC  A 5  ? 0.0452 0.0800 0.1147 -0.0399 0.0123  -0.0116 5    DC  A C2    
175 O  O2    A DC  A 5  ? 0.1035 0.0815 0.1073 -0.0215 0.0202  0.0009  5    DC  A O2    
176 O  O2    B DC  A 5  ? 0.0962 0.0814 0.1114 -0.0407 0.0193  -0.0028 5    DC  A O2    
177 N  N3    A DC  A 5  ? 0.0650 0.0829 0.1096 -0.0250 0.0211  -0.0015 5    DC  A N3    
178 N  N3    B DC  A 5  ? 0.0458 0.0794 0.1106 -0.0368 0.0221  -0.0016 5    DC  A N3    
179 C  C4    A DC  A 5  ? 0.0345 0.0842 0.1171 -0.0289 0.0206  -0.0020 5    DC  A C4    
180 C  C4    B DC  A 5  ? 0.0423 0.0756 0.1149 -0.0383 0.0329  0.0046  5    DC  A C4    
181 N  N4    A DC  A 5  ? 0.0469 0.0979 0.1087 -0.0368 0.0196  -0.0060 5    DC  A N4    
182 N  N4    B DC  A 5  ? 0.0505 0.0487 0.1113 -0.0348 0.0246  0.0067  5    DC  A N4    
183 C  C5    A DC  A 5  ? 0.0714 0.0866 0.0948 -0.0188 0.0222  0.0040  5    DC  A C5    
184 C  C5    B DC  A 5  ? 0.0540 0.0912 0.1045 -0.0196 0.0256  -0.0019 5    DC  A C5    
185 C  C6    A DC  A 5  ? 0.0388 0.0851 0.1120 -0.0379 0.0119  0.0017  5    DC  A C6    
186 C  C6    B DC  A 5  ? 0.0352 0.0861 0.1085 -0.0431 0.0141  0.0016  5    DC  A C6    
209 P  P     A DG  A 6  ? 0.0679 0.0996 0.0998 0.0113  -0.0129 -0.0120 6    DG  A P     
210 P  P     B DG  A 6  ? 0.0570 0.0737 0.0814 -0.0092 0.0321  -0.0074 6    DG  A P     
211 O  OP1   A DG  A 6  ? 0.1456 0.1587 0.0977 0.0174  0.0119  -0.0246 6    DG  A OP1   
212 O  OP1   B DG  A 6  ? 0.0676 0.1290 0.0897 0.0287  0.0054  -0.0227 6    DG  A OP1   
213 O  OP2   A DG  A 6  ? 0.0703 0.0959 0.2181 0.0005  0.0268  -0.0271 6    DG  A OP2   
214 O  OP2   B DG  A 6  ? 0.0653 0.0807 0.0907 -0.0114 0.0260  -0.0131 6    DG  A OP2   
215 O  "O5'" A DG  A 6  ? 0.0927 0.1039 0.1110 0.0149  0.0093  -0.0017 6    DG  A "O5'" 
216 O  "O5'" B DG  A 6  ? 0.0836 0.0989 0.0829 0.0045  0.0338  0.0034  6    DG  A "O5'" 
217 C  "C5'" A DG  A 6  ? 0.1222 0.1105 0.0944 0.0088  0.0473  0.0026  6    DG  A "C5'" 
218 C  "C5'" B DG  A 6  ? 0.1225 0.0876 0.1039 -0.0116 0.0478  0.0079  6    DG  A "C5'" 
219 C  "C4'" A DG  A 6  ? 0.1149 0.1261 0.0825 -0.0036 0.0521  -0.0118 6    DG  A "C4'" 
220 C  "C4'" B DG  A 6  ? 0.1286 0.1154 0.0895 -0.0123 0.0594  -0.0054 6    DG  A "C4'" 
221 O  "O4'" A DG  A 6  ? 0.1183 0.1628 0.0828 -0.0060 0.0502  0.0023  6    DG  A "O4'" 
222 O  "O4'" B DG  A 6  ? 0.1203 0.1638 0.0819 -0.0015 0.0594  -0.0073 6    DG  A "O4'" 
223 C  "C3'" A DG  A 6  ? 0.1134 0.2059 0.0837 -0.0062 0.0487  -0.0138 6    DG  A "C3'" 
224 C  "C3'" B DG  A 6  ? 0.1260 0.2153 0.0839 0.0074  0.0484  -0.0196 6    DG  A "C3'" 
225 O  "O3'" A DG  A 6  ? 0.0873 0.2033 0.0731 -0.0254 0.0398  -0.0195 6    DG  A "O3'" 
226 O  "O3'" B DG  A 6  ? 0.1080 0.2099 0.0995 -0.0114 0.0403  -0.0303 6    DG  A "O3'" 
227 C  "C2'" A DG  A 6  ? 0.1043 0.2222 0.0734 -0.0169 0.0441  -0.0145 6    DG  A "C2'" 
228 C  "C2'" B DG  A 6  ? 0.1056 0.2352 0.0806 -0.0010 0.0428  -0.0227 6    DG  A "C2'" 
229 C  "C1'" A DG  A 6  ? 0.1148 0.2046 0.0822 -0.0215 0.0479  -0.0065 6    DG  A "C1'" 
230 C  "C1'" B DG  A 6  ? 0.1064 0.2086 0.0855 -0.0138 0.0488  -0.0098 6    DG  A "C1'" 
231 N  N9    . DG  A 6  ? 0.0831 0.1936 0.0833 -0.0481 0.0438  -0.0091 6    DG  A N9    
232 C  C8    . DG  A 6  ? 0.0889 0.1915 0.0869 -0.0432 0.0359  -0.0147 6    DG  A C8    
233 N  N7    . DG  A 6  ? 0.0814 0.1826 0.0896 -0.0536 0.0413  -0.0097 6    DG  A N7    
234 C  C5    . DG  A 6  ? 0.0848 0.1581 0.0968 -0.0631 0.0371  -0.0027 6    DG  A C5    
235 C  C6    . DG  A 6  ? 0.0616 0.1393 0.1039 -0.0615 0.0467  0.0016  6    DG  A C6    
236 O  O6    . DG  A 6  ? 0.0764 0.1468 0.1041 -0.0468 0.0396  -0.0034 6    DG  A O6    
237 N  N1    . DG  A 6  ? 0.0554 0.1475 0.0832 -0.0505 0.0371  -0.0024 6    DG  A N1    
238 C  C2    . DG  A 6  ? 0.0688 0.1626 0.0842 -0.0397 0.0470  0.0031  6    DG  A C2    
239 N  N2    . DG  A 6  ? 0.0724 0.1671 0.0984 -0.0238 0.0212  -0.0055 6    DG  A N2    
240 N  N3    . DG  A 6  ? 0.0599 0.1717 0.0848 -0.0434 0.0405  0.0077  6    DG  A N3    
241 C  C4    . DG  A 6  ? 0.0537 0.1833 0.0823 -0.0399 0.0565  -0.0120 6    DG  A C4    
260 P  P     A DT  A 7  ? 0.0716 0.1776 0.0567 -0.0363 0.0258  -0.0115 7    DT  A P     
261 P  P     B DT  A 7  ? 0.1135 0.1931 0.1007 -0.0073 0.0360  -0.0377 7    DT  A P     
262 O  OP1   A DT  A 7  ? 0.0786 0.2141 0.0591 -0.0366 0.0411  0.0150  7    DT  A OP1   
263 O  OP1   B DT  A 7  ? 0.1588 0.2364 0.0804 0.0009  0.0356  -0.0116 7    DT  A OP1   
264 O  OP2   A DT  A 7  ? 0.0886 0.1577 0.0888 -0.0232 0.0130  -0.0381 7    DT  A OP2   
265 O  OP2   B DT  A 7  ? 0.0891 0.1976 0.1031 0.0097  -0.0138 -0.0535 7    DT  A OP2   
266 O  "O5'" A DT  A 7  ? 0.0880 0.1447 0.0580 -0.0396 0.0364  -0.0111 7    DT  A "O5'" 
267 O  "O5'" B DT  A 7  ? 0.1136 0.1428 0.0862 -0.0342 0.0403  -0.0129 7    DT  A "O5'" 
268 C  "C5'" A DT  A 7  ? 0.1002 0.1208 0.0719 -0.0197 0.0306  0.0063  7    DT  A "C5'" 
269 C  "C5'" B DT  A 7  ? 0.1136 0.1303 0.0710 -0.0292 0.0333  0.0093  7    DT  A "C5'" 
270 C  "C4'" A DT  A 7  ? 0.1340 0.0872 0.0743 -0.0108 0.0452  0.0052  7    DT  A "C4'" 
271 C  "C4'" B DT  A 7  ? 0.1216 0.0957 0.0765 -0.0099 0.0490  0.0071  7    DT  A "C4'" 
272 O  "O4'" A DT  A 7  ? 0.1004 0.1120 0.0672 -0.0234 0.0402  0.0187  7    DT  A "O4'" 
273 O  "O4'" B DT  A 7  ? 0.1107 0.0966 0.0710 -0.0168 0.0438  0.0081  7    DT  A "O4'" 
274 C  "C3'" A DT  A 7  ? 0.1313 0.1001 0.0714 0.0072  0.0410  0.0066  7    DT  A "C3'" 
275 C  "C3'" B DT  A 7  ? 0.1139 0.0873 0.0719 -0.0029 0.0400  0.0030  7    DT  A "C3'" 
276 O  "O3'" A DT  A 7  ? 0.1734 0.0949 0.0550 0.0021  0.0482  0.0149  7    DT  A "O3'" 
277 O  "O3'" B DT  A 7  ? 0.0653 0.0851 0.0643 -0.0150 -0.0018 0.0028  7    DT  A "O3'" 
278 C  "C2'" A DT  A 7  ? 0.0977 0.0835 0.0782 -0.0063 0.0429  0.0062  7    DT  A "C2'" 
279 C  "C2'" B DT  A 7  ? 0.1047 0.0882 0.0857 0.0062  0.0501  0.0098  7    DT  A "C2'" 
280 C  "C1'" A DT  A 7  ? 0.0940 0.0883 0.0811 -0.0140 0.0429  0.0173  7    DT  A "C1'" 
281 C  "C1'" B DT  A 7  ? 0.1074 0.0921 0.0758 -0.0057 0.0491  0.0212  7    DT  A "C1'" 
282 N  N1    . DT  A 7  ? 0.0916 0.0851 0.0662 -0.0111 0.0407  0.0178  7    DT  A N1    
283 C  C2    . DT  A 7  ? 0.0581 0.0840 0.0896 -0.0351 0.0257  0.0075  7    DT  A C2    
284 O  O2    . DT  A 7  ? 0.0959 0.0986 0.1051 -0.0320 0.0181  -0.0007 7    DT  A O2    
285 N  N3    . DT  A 7  ? 0.0517 0.0935 0.0738 -0.0222 0.0184  0.0100  7    DT  A N3    
286 C  C4    . DT  A 7  ? 0.0502 0.0906 0.0798 -0.0267 0.0408  0.0085  7    DT  A C4    
287 O  O4    . DT  A 7  ? 0.0641 0.0937 0.0913 -0.0096 0.0485  0.0115  7    DT  A O4    
288 C  C5    . DT  A 7  ? 0.0536 0.1012 0.0753 -0.0137 0.0341  0.0044  7    DT  A C5    
289 C  C7    . DT  A 7  ? 0.0950 0.1016 0.0867 -0.0177 0.0462  -0.0016 7    DT  A C7    
290 C  C6    . DT  A 7  ? 0.0614 0.0987 0.0856 -0.0179 0.0324  -0.0009 7    DT  A C6    
310 P  P     A DT  A 8  ? 0.1804 0.1207 0.0678 0.0320  0.0330  0.0178  8    DT  A P     
311 P  P     B DT  A 8  ? 0.0566 0.0626 0.0720 -0.0075 -0.0039 0.0098  8    DT  A P     
312 O  OP1   A DT  A 8  ? 0.2466 0.1143 0.1303 0.0335  0.0713  0.0400  8    DT  A OP1   
313 O  OP1   B DT  A 8  ? 0.1358 0.0698 0.1215 0.0054  0.0286  0.0311  8    DT  A OP1   
314 O  OP2   A DT  A 8  ? 0.1834 0.1773 0.0692 0.0461  0.0048  0.0170  8    DT  A OP2   
315 O  OP2   B DT  A 8  ? 0.0524 0.1127 0.0734 -0.0124 -0.0203 0.0074  8    DT  A OP2   
316 O  "O5'" A DT  A 8  ? 0.1359 0.1052 0.0607 0.0032  0.0251  0.0109  8    DT  A "O5'" 
317 O  "O5'" B DT  A 8  ? 0.0689 0.0759 0.0617 -0.0108 0.0003  -0.0013 8    DT  A "O5'" 
318 C  "C5'" A DT  A 8  ? 0.1133 0.0802 0.0738 -0.0090 0.0275  0.0108  8    DT  A "C5'" 
319 C  "C5'" B DT  A 8  ? 0.0742 0.0728 0.0638 -0.0113 0.0043  -0.0033 8    DT  A "C5'" 
320 C  "C4'" A DT  A 8  ? 0.0711 0.0872 0.0626 -0.0085 0.0189  0.0066  8    DT  A "C4'" 
321 C  "C4'" B DT  A 8  ? 0.0631 0.0798 0.0673 -0.0133 0.0074  0.0003  8    DT  A "C4'" 
322 O  "O4'" . DT  A 8  ? 0.0558 0.0693 0.0996 -0.0176 0.0022  0.0063  8    DT  A "O4'" 
323 C  "C3'" . DT  A 8  ? 0.0630 0.1073 0.0560 -0.0011 0.0061  0.0019  8    DT  A "C3'" 
324 O  "O3'" . DT  A 8  ? 0.0748 0.0850 0.0475 -0.0121 0.0079  -0.0044 8    DT  A "O3'" 
325 C  "C2'" . DT  A 8  ? 0.0579 0.1038 0.0432 -0.0186 0.0023  -0.0055 8    DT  A "C2'" 
326 C  "C1'" . DT  A 8  ? 0.0693 0.0845 0.0646 -0.0219 0.0006  0.0147  8    DT  A "C1'" 
327 N  N1    . DT  A 8  ? 0.0668 0.0816 0.0438 -0.0228 -0.0020 0.0050  8    DT  A N1    
328 C  C2    . DT  A 8  ? 0.0544 0.0754 0.0456 -0.0379 -0.0033 0.0058  8    DT  A C2    
329 O  O2    . DT  A 8  ? 0.0919 0.0753 0.0503 -0.0338 -0.0096 0.0047  8    DT  A O2    
330 N  N3    . DT  A 8  ? 0.0574 0.0766 0.0382 -0.0273 0.0029  0.0104  8    DT  A N3    
331 C  C4    . DT  A 8  ? 0.0551 0.0761 0.0405 -0.0378 0.0165  0.0099  8    DT  A C4    
332 O  O4    . DT  A 8  ? 0.0723 0.0703 0.0514 -0.0315 0.0205  -0.0053 8    DT  A O4    
333 C  C5    . DT  A 8  ? 0.0693 0.0770 0.0366 -0.0405 0.0060  0.0101  8    DT  A C5    
334 C  C7    . DT  A 8  ? 0.0812 0.1267 0.0500 -0.0374 0.0006  0.0064  8    DT  A C7    
335 C  C6    . DT  A 8  ? 0.0647 0.0883 0.0417 -0.0308 -0.0033 0.0210  8    DT  A C6    
351 P  P     . DG  A 9  ? 0.0691 0.0883 0.0682 -0.0025 0.0057  0.0052  9    DG  A P     
352 O  OP1   . DG  A 9  ? 0.1148 0.0908 0.0873 -0.0022 0.0236  0.0168  9    DG  A OP1   
353 O  OP2   . DG  A 9  ? 0.0869 0.1453 0.0884 0.0313  0.0064  0.0148  9    DG  A OP2   
354 O  "O5'" . DG  A 9  ? 0.0652 0.0855 0.0708 -0.0074 0.0146  -0.0056 9    DG  A "O5'" 
355 C  "C5'" . DG  A 9  ? 0.0739 0.0679 0.0710 -0.0266 0.0092  -0.0018 9    DG  A "C5'" 
356 C  "C4'" . DG  A 9  ? 0.0529 0.0593 0.0605 -0.0278 0.0121  -0.0106 9    DG  A "C4'" 
357 O  "O4'" . DG  A 9  ? 0.0491 0.0532 0.0723 -0.0204 0.0262  -0.0132 9    DG  A "O4'" 
358 C  "C3'" . DG  A 9  ? 0.0587 0.0495 0.0598 -0.0183 0.0183  -0.0035 9    DG  A "C3'" 
359 O  "O3'" . DG  A 9  ? 0.0750 0.0580 0.0510 -0.0250 0.0150  -0.0117 9    DG  A "O3'" 
360 C  "C2'" . DG  A 9  ? 0.0432 0.0493 0.0624 -0.0178 0.0163  -0.0040 9    DG  A "C2'" 
361 C  "C1'" . DG  A 9  ? 0.0410 0.0442 0.0606 -0.0180 0.0088  -0.0053 9    DG  A "C1'" 
362 N  N9    . DG  A 9  ? 0.0391 0.0584 0.0482 -0.0155 0.0113  -0.0094 9    DG  A N9    
363 C  C8    . DG  A 9  ? 0.0458 0.0605 0.0597 -0.0154 0.0011  -0.0018 9    DG  A C8    
364 N  N7    . DG  A 9  ? 0.0493 0.0553 0.0648 -0.0163 0.0022  -0.0072 9    DG  A N7    
365 C  C5    . DG  A 9  ? 0.0344 0.0458 0.0507 -0.0197 0.0149  -0.0088 9    DG  A C5    
366 C  C6    . DG  A 9  ? 0.0345 0.0490 0.0559 -0.0221 0.0149  -0.0070 9    DG  A C6    
367 O  O6    . DG  A 9  ? 0.0504 0.0522 0.0607 -0.0088 0.0021  -0.0117 9    DG  A O6    
368 N  N1    . DG  A 9  ? 0.0459 0.0491 0.0446 -0.0158 0.0118  -0.0067 9    DG  A N1    
369 C  C2    . DG  A 9  ? 0.0339 0.0470 0.0555 -0.0209 0.0180  -0.0076 9    DG  A C2    
370 N  N2    . DG  A 9  ? 0.0642 0.0535 0.0576 0.0027  -0.0013 -0.0152 9    DG  A N2    
371 N  N3    . DG  A 9  ? 0.0415 0.0474 0.0460 -0.0173 0.0104  -0.0006 9    DG  A N3    
372 C  C4    . DG  A 9  ? 0.0392 0.0538 0.0464 -0.0202 0.0160  -0.0058 9    DG  A C4    
384 P  P     . DG  A 10 ? 0.0789 0.0483 0.0616 -0.0191 0.0172  -0.0090 10   DG  A P     
385 O  OP1   . DG  A 10 ? 0.0812 0.0726 0.0603 -0.0362 0.0007  -0.0185 10   DG  A OP1   
386 O  OP2   . DG  A 10 ? 0.0837 0.0820 0.0643 -0.0150 0.0036  0.0033  10   DG  A OP2   
387 O  "O5'" . DG  A 10 ? 0.0764 0.0538 0.0630 -0.0221 0.0113  -0.0077 10   DG  A "O5'" 
388 C  "C5'" . DG  A 10 ? 0.0667 0.0602 0.0782 -0.0268 -0.0084 -0.0077 10   DG  A "C5'" 
389 C  "C4'" . DG  A 10 ? 0.0818 0.0654 0.0559 -0.0236 -0.0090 -0.0008 10   DG  A "C4'" 
390 O  "O4'" . DG  A 10 ? 0.0561 0.0600 0.0570 -0.0270 0.0080  -0.0123 10   DG  A "O4'" 
391 C  "C3'" . DG  A 10 ? 0.0761 0.0617 0.0497 -0.0241 0.0134  -0.0057 10   DG  A "C3'" 
392 O  "O3'" . DG  A 10 ? 0.1603 0.2786 0.0559 -0.1244 -0.0049 0.0185  10   DG  A "O3'" 
393 C  "C2'" . DG  A 10 ? 0.0499 0.1099 0.0755 -0.0056 0.0127  -0.0284 10   DG  A "C2'" 
394 C  "C1'" . DG  A 10 ? 0.0465 0.0592 0.0580 -0.0208 0.0071  -0.0143 10   DG  A "C1'" 
395 N  N9    . DG  A 10 ? 0.0404 0.0490 0.0681 -0.0126 0.0137  -0.0136 10   DG  A N9    
396 C  C8    . DG  A 10 ? 0.0386 0.0468 0.0727 -0.0020 0.0059  -0.0094 10   DG  A C8    
397 N  N7    . DG  A 10 ? 0.0401 0.0367 0.0700 0.0014  0.0131  -0.0069 10   DG  A N7    
398 C  C5    . DG  A 10 ? 0.0313 0.0310 0.0518 -0.0128 0.0115  0.0029  10   DG  A C5    
399 C  C6    . DG  A 10 ? 0.0469 0.0389 0.0541 -0.0009 0.0056  -0.0027 10   DG  A C6    
400 O  O6    . DG  A 10 ? 0.0830 0.0590 0.0557 0.0150  -0.0091 -0.0123 10   DG  A O6    
401 N  N1    . DG  A 10 ? 0.0414 0.0403 0.0536 -0.0007 0.0132  -0.0100 10   DG  A N1    
402 C  C2    . DG  A 10 ? 0.0387 0.0344 0.0609 -0.0107 0.0122  0.0026  10   DG  A C2    
403 N  N2    . DG  A 10 ? 0.0712 0.0423 0.0635 0.0062  0.0026  0.0046  10   DG  A N2    
404 N  N3    . DG  A 10 ? 0.0332 0.0429 0.0515 -0.0147 0.0088  0.0023  10   DG  A N3    
405 C  C4    . DG  A 10 ? 0.0281 0.0402 0.0482 -0.0139 0.0199  -0.0032 10   DG  A C4    
418 CA CA    D CA  B .  ? 0.0275 0.0650 0.0665 -0.0038 0.0036  0.0182  111  CA  A CA    
419 CA CA    C CA  C .  ? 0.1407 0.1267 0.0740 -0.0811 -0.0219 0.0268  112  CA  A CA    
420 CA CA    D CA  D .  ? 0.0540 0.0562 0.0726 -0.0066 -0.0058 -0.0020 113  CA  A CA    
421 CA CA    C CA  E .  ? 0.0689 0.1518 0.0728 -0.0178 -0.0036 0.0006  114  CA  A CA    
422 C  C1    D EOH F .  ? 0.0548 0.0573 0.0672 0.0002  0.0035  0.0027  115  EOH A C1    
423 C  C2    D EOH F .  ? 0.0229 0.0621 0.0305 0.0170  0.0117  -0.0149 115  EOH A C2    
424 O  O     D EOH F .  ? 0.0560 0.0674 0.0611 0.0028  -0.0005 0.0049  115  EOH A O     
425 C  C1    A EOH G .  ? 0.1430 0.0399 0.1432 0.0120  0.0837  0.0063  228  EOH A C1    
426 C  C2    A EOH G .  ? 0.1351 0.0950 0.1382 -0.0124 0.0639  0.0155  228  EOH A C2    
427 O  O     A EOH G .  ? 0.1403 0.0966 0.1552 -0.0117 0.0225  -0.0028 228  EOH A O     
428 C  C1    A EOH H .  ? 0.1293 0.1111 0.0987 -0.0534 0.0368  0.0280  231  EOH A C1    
429 C  C2    A EOH H .  ? 0.2354 0.0806 0.1114 0.0196  0.0296  0.0240  231  EOH A C2    
430 O  O     A EOH H .  ? 0.0652 0.1287 0.0583 -0.0250 0.0168  -0.0066 231  EOH A O     
431 C  C1    B EOH I .  ? 0.1291 0.0864 0.2363 0.0161  0.0380  0.0318  207  EOH A C1    
432 C  C2    B EOH I .  ? 0.2426 0.0912 0.1714 0.0969  -0.0156 -0.0621 207  EOH A C2    
433 O  O     B EOH I .  ? 0.1620 0.0461 0.1455 -0.0152 0.0487  0.0089  207  EOH A O     
434 O  O     . HOH J .  ? 0.1026 0.3018 0.0930 0.0655  -0.0313 -0.0190 199  HOH A O     
435 O  O     . HOH J .  ? 0.0645 0.0835 0.0567 0.0019  -0.0037 -0.0068 200  HOH A O     
436 O  O     . HOH J .  ? 0.0907 0.0555 0.0924 -0.0096 -0.0076 -0.0237 201  HOH A O     
437 O  O     A HOH J .  ? 0.0874 0.1947 0.0545 0.0215  -0.0020 0.0069  202  HOH A O     
438 O  O     . HOH J .  ? 0.0801 0.0611 0.1066 -0.0100 0.0319  -0.0177 203  HOH A O     
439 O  O     . HOH J .  ? 0.1231 0.1330 0.1271 -0.0718 0.0613  -0.0488 204  HOH A O     
440 O  O     . HOH J .  ? 0.0894 0.2414 0.0860 -0.0037 -0.0033 -0.0171 205  HOH A O     
441 O  O     B HOH J .  ? 0.1629 0.0535 0.0676 0.0150  0.0633  -0.0121 209  HOH A O     
442 O  O     . HOH J .  ? 0.1970 0.1249 0.2074 -0.0738 -0.1217 0.0775  210  HOH A O     
443 O  O     A HOH J .  ? 0.2220 0.1297 0.3879 -0.0027 0.0359  0.0823  211  HOH A O     
444 O  O     B HOH J .  ? 0.5746 0.0406 0.0716 -0.0513 0.1503  -0.0350 211  HOH A O     
445 O  O     . HOH J .  ? 0.2594 0.1160 0.1412 -0.0618 0.0935  -0.0505 212  HOH A O     
446 O  O     . HOH J .  ? 0.0600 0.0612 0.1011 -0.0178 -0.0487 0.0095  213  HOH A O     
447 O  O     A HOH J .  ? 0.1143 0.0866 0.0224 -0.0248 0.0175  -0.0257 214  HOH A O     
448 O  O     B HOH J .  ? 0.1863 0.1339 0.1064 0.0072  0.0587  -0.0245 214  HOH A O     
449 O  O     A HOH J .  ? 0.1780 0.2575 0.0778 -0.0071 0.0285  0.0667  215  HOH A O     
450 O  O     . HOH J .  ? 0.1720 0.3896 0.1993 -0.0003 0.0271  -0.0522 216  HOH A O     
451 O  O     . HOH J .  ? 0.1618 0.2116 0.1320 0.0150  -0.0090 0.0330  217  HOH A O     
452 O  O     . HOH J .  ? 0.2577 0.4560 0.1213 0.1141  -0.0598 -0.0807 218  HOH A O     
453 O  O     B HOH J .  ? 0.1233 0.0937 0.0917 0.0090  -0.0131 0.0013  219  HOH A O     
454 O  O     . HOH J .  ? 0.1170 0.1355 0.1996 -0.0545 -0.0268 0.0348  220  HOH A O     
455 O  O     . HOH J .  ? 0.2335 0.3420 0.4213 -0.0687 -0.1214 0.1248  221  HOH A O     
456 O  O     . HOH J .  ? 0.2141 0.3401 0.2327 0.1348  -0.1525 -0.1382 222  HOH A O     
457 O  O     . HOH J .  ? 0.2707 0.3173 0.2340 -0.1207 -0.1457 0.0466  223  HOH A O     
458 O  O     A HOH J .  ? 0.1391 0.1737 0.1200 0.0011  0.0175  0.0376  224  HOH A O     
459 O  O     B HOH J .  ? 0.0700 0.0859 0.1109 -0.0438 0.0279  -0.0161 224  HOH A O     
460 O  O     . HOH J .  ? 0.1446 0.1231 0.2805 0.0280  0.0127  0.0207  225  HOH A O     
461 O  O     A HOH J .  ? 0.1030 0.0693 0.2256 0.0121  0.0213  -0.0305 226  HOH A O     
462 O  O     B HOH J .  ? 0.0655 0.0741 0.3796 0.0110  0.0765  0.1042  226  HOH A O     
463 O  O     B HOH J .  ? 0.0701 0.1468 0.3144 -0.0754 0.0558  -0.1185 227  HOH A O     
464 O  O     . HOH J .  ? 0.0949 0.1229 0.2223 0.0459  -0.0981 -0.0822 229  HOH A O     
465 O  O     A HOH J .  ? 0.1585 0.1670 0.1039 -0.0697 0.0042  -0.0159 230  HOH A O     
466 O  O     . HOH J .  ? 0.1562 0.1958 0.2767 0.0219  0.0033  -0.0130 234  HOH A O     
467 O  O     . HOH J .  ? 0.2404 0.4404 0.1897 0.0241  -0.0147 0.1171  235  HOH A O     
468 O  O     . HOH J .  ? 0.2676 0.2074 0.2706 0.0528  0.1043  0.0914  236  HOH A O     
469 O  O     B HOH J .  ? 0.3266 0.4436 0.1205 0.1771  -0.1102 -0.0870 237  HOH A O     
470 O  O     . HOH J .  ? 0.3277 0.2224 0.1723 0.1407  0.0889  0.0665  238  HOH A O     
471 O  O     A HOH J .  ? 0.1154 0.3057 0.1244 -0.0038 -0.0330 -0.0318 239  HOH A O     
472 O  O     B HOH J .  ? 0.2677 0.1645 0.2604 0.1181  -0.1566 -0.1568 239  HOH A O     
473 O  O     B HOH J .  ? 0.1638 0.1210 0.0748 -0.0415 -0.0441 0.0299  240  HOH A O     
474 O  O     A HOH J .  ? 0.0553 0.2265 0.1026 -0.0011 0.0114  0.0209  241  HOH A O     
475 O  O     B HOH J .  ? 0.0913 0.2834 0.1163 -0.0261 0.0353  0.0558  241  HOH A O     
476 O  O     . HOH J .  ? 0.5302 0.1740 0.1722 -0.0915 -0.0094 0.0422  244  HOH A O     
477 O  O     A HOH J .  ? 0.2174 0.1829 0.1474 0.0073  0.0158  -0.0049 245  HOH A O     
478 O  O     B HOH J .  ? 0.0297 0.0679 0.0298 -0.0365 -0.0246 0.0244  245  HOH A O     
479 O  O     C HOH J .  ? 0.1363 0.2007 0.1764 -0.0337 0.0065  -0.0188 246  HOH A O     
480 O  O     D HOH J .  ? 0.1659 0.0973 0.0718 -0.0660 -0.0126 0.0452  246  HOH A O     
481 O  O     A HOH J .  ? 0.0527 0.1510 0.0881 -0.0406 0.0004  -0.0067 248  HOH A O     
482 O  O     B HOH J .  ? 0.4710 0.1466 0.0676 0.1520  0.0720  0.0597  250  HOH A O     
483 O  O     A HOH J .  ? 0.1339 0.2264 0.1257 0.0269  -0.0337 0.0327  252  HOH A O     
484 O  O     . HOH J .  ? 0.3513 0.4467 0.2195 -0.0349 0.0568  0.1652  255  HOH A O     
485 O  O     B HOH J .  ? 0.3353 0.2691 0.4643 0.2550  -0.2493 -0.2264 258  HOH A O     
486 O  O     . HOH J .  ? 0.0434 0.2194 0.5235 0.0172  -0.0508 -0.1528 261  HOH A O     
487 O  O     . HOH J .  ? 0.4626 0.4197 0.1261 -0.1086 -0.0374 -0.0346 262  HOH A O     
488 O  O     A HOH J .  ? 0.2216 0.2030 0.1530 -0.0590 0.0017  0.0142  263  HOH A O     
489 O  O     B HOH J .  ? 0.1632 0.1338 0.1311 -0.0820 0.0075  -0.0138 263  HOH A O     
490 O  O     . HOH J .  ? 0.1741 0.3325 0.0894 0.1078  -0.0189 -0.0377 264  HOH A O     
491 O  O     A HOH J .  ? 0.2660 0.2902 0.2174 -0.0003 -0.1112 -0.0640 266  HOH A O     
492 O  O     B HOH J .  ? 0.5102 0.1532 0.1594 -0.0632 0.1584  -0.0810 266  HOH A O     
493 O  O     A HOH J .  ? 0.0723 0.1404 0.0986 0.0088  -0.0009 0.0252  269  HOH A O     
494 O  O     A HOH J .  ? 0.2525 0.1350 0.1454 0.0807  0.0693  0.0170  1022 HOH A O     
495 O  O     B HOH J .  ? 0.2730 0.1982 0.1662 0.0469  0.0554  0.0160  1022 HOH A O     
496 O  O     A HOH J .  ? 0.0918 0.1020 0.0457 0.0471  -0.0288 -0.0132 1029 HOH A O     
497 O  O     B HOH J .  ? 0.3123 0.1989 0.1756 0.0087  -0.0088 0.0790  1029 HOH A O     
498 O  O     B HOH J .  ? 0.1631 0.3001 0.1856 -0.1615 -0.0281 0.0806  1042 HOH A O     
499 O  O     B HOH J .  ? 0.1979 0.3359 0.1860 -0.0741 0.0517  -0.0942 1045 HOH A O     
500 O  O     A HOH J .  ? 0.1909 0.2409 0.1522 0.0569  -0.0528 0.0072  1046 HOH A O     
501 O  O     A HOH J .  ? 0.2902 0.3096 0.2155 -0.0611 0.0072  0.1268  1051 HOH A O     
502 O  O     B HOH J .  ? 0.2446 0.2069 0.1327 -0.0242 -0.0563 -0.0347 1051 HOH A O     
503 O  O     . HOH J .  ? 0.5695 0.2625 0.2843 -0.3033 -0.0354 0.0173  1052 HOH A O     
504 O  O     A HOH J .  ? 0.1808 0.0919 0.1304 0.0120  -0.0049 0.0205  1058 HOH A O     
505 O  O     D HOH J .  ? 0.0287 0.0721 0.0671 -0.0061 -0.0104 0.0309  1059 HOH A O     
506 O  O     D HOH J .  ? 0.0619 0.0728 0.0585 0.0006  -0.0007 0.0102  1060 HOH A O     
507 O  O     D HOH J .  ? 0.0251 0.0928 0.1042 0.0033  -0.0083 -0.0193 1061 HOH A O     
508 O  O     D HOH J .  ? 0.0561 0.0634 0.1375 -0.0339 0.0197  -0.0015 1062 HOH A O     
509 O  O     D HOH J .  ? 0.0551 0.0757 0.0484 0.0113  -0.0063 0.0042  1063 HOH A O     
510 O  O     D HOH J .  ? 0.0615 0.0564 0.0753 0.0014  0.0071  0.0065  1064 HOH A O     
511 O  O     C HOH J .  ? 0.0965 0.1368 0.0893 -0.0603 -0.0047 0.0152  1065 HOH A O     
512 O  O     C HOH J .  ? 0.1463 0.1399 0.0864 -0.0359 -0.0156 0.0120  1066 HOH A O     
513 O  O     C HOH J .  ? 0.2139 0.1743 0.1309 -0.1149 -0.0448 0.0035  1067 HOH A O     
514 O  O     C HOH J .  ? 0.1127 0.1408 0.0460 -0.0636 0.0127  -0.0104 1068 HOH A O     
515 O  O     C HOH J .  ? 0.1424 0.1510 0.1586 -0.0340 0.0276  0.0620  1069 HOH A O     
516 O  O     C HOH J .  ? 0.1367 0.2193 0.0705 -0.0426 -0.0212 0.0266  1070 HOH A O     
517 O  O     C HOH J .  ? 0.1938 0.1072 0.1071 -0.0441 0.0042  0.0078  1071 HOH A O     
518 O  O     D HOH J .  ? 0.1091 0.1024 0.0683 -0.0075 -0.0211 0.0157  1072 HOH A O     
519 O  O     D HOH J .  ? 0.0904 0.0645 0.1186 -0.0005 -0.0070 0.0198  1073 HOH A O     
520 O  O     D HOH J .  ? 0.0682 0.0950 0.0653 0.0122  -0.0127 -0.0069 1074 HOH A O     
521 O  O     D HOH J .  ? 0.0612 0.0719 0.0808 -0.0123 -0.0060 -0.0068 1075 HOH A O     
522 O  O     D HOH J .  ? 0.0621 0.0719 0.1166 -0.0167 -0.0379 0.0109  1076 HOH A O     
523 O  O     C HOH J .  ? 0.1001 0.1353 0.0844 -0.0063 0.0090  0.0303  1077 HOH A O     
524 O  O     C HOH J .  ? 0.1522 0.1308 0.0715 -0.0094 0.0206  0.0092  1078 HOH A O     
525 O  O     C HOH J .  ? 0.0739 0.1535 0.0814 -0.0149 -0.0052 0.0047  1079 HOH A O     
526 O  O     C HOH J .  ? 0.1108 0.1647 0.1093 -0.0341 0.0008  -0.0026 1080 HOH A O     
# 
